data_1TEE
#
_entry.id   1TEE
#
_cell.length_a   59.952
_cell.length_b   80.431
_cell.length_c   99.975
_cell.angle_alpha   108.15
_cell.angle_beta   93.14
_cell.angle_gamma   103.88
#
_symmetry.space_group_name_H-M   'P 1'
#
_entity_poly.entity_id   1
_entity_poly.type   'polypeptide(L)'
_entity_poly.pdbx_seq_one_letter_code
;MNVSAESGAPRRAGQRHEVGLAQLPPAPPTTVAVIEGLATGTPRRVVNQSDAADRVAELFLDPGQRERIPRVYQKSRITT
RRMAVDPLDAKFDVFRREPATIRDRMHLFYEHAVPLAVDVSKRALAGLPYRAAEIGLLVLATSTGFIAPGVDVAIVKELG
LSPSISRVVVNFMGCAAAMNALGTATNYVRAHPAMKALVVCIELFSVNAVFADDINDVVIHSLFGDGCAALVIGASQVQE
KLEPGKVVVRSSFSQLLDNTEDGIVLGVNHNGITCELSENLPGYIFSGVAPVVTEMLWDNGLQISDIDLWAIHPGGPKII
EQSVRSLGISAELAAQSWDVLARFGNMLSVSLIFVLETMVQQAESAKAISTGVAFAFGPGVTVEGMLFDIIRR
;
_entity_poly.pdbx_strand_id   A,B,C,D
#
# COMPACT_ATOMS: atom_id res chain seq x y z
N ALA A 22 19.20 -4.35 14.43
CA ALA A 22 18.03 -3.91 13.62
C ALA A 22 18.37 -2.70 12.75
N GLN A 23 19.15 -2.95 11.69
CA GLN A 23 19.55 -1.91 10.75
C GLN A 23 18.74 -2.08 9.46
N LEU A 24 17.51 -2.57 9.60
CA LEU A 24 16.66 -2.75 8.44
C LEU A 24 16.32 -1.39 7.87
N PRO A 25 15.93 -1.33 6.60
CA PRO A 25 15.59 -0.04 6.00
C PRO A 25 14.49 0.60 6.86
N PRO A 26 14.46 1.93 6.94
CA PRO A 26 13.41 2.54 7.74
C PRO A 26 12.05 2.30 7.07
N ALA A 27 10.99 2.29 7.85
CA ALA A 27 9.66 2.07 7.29
C ALA A 27 9.43 3.14 6.22
N PRO A 28 8.75 2.79 5.13
CA PRO A 28 8.49 3.75 4.05
C PRO A 28 7.33 4.67 4.33
N PRO A 29 7.26 5.79 3.59
CA PRO A 29 6.14 6.70 3.80
C PRO A 29 4.96 5.86 3.39
N THR A 30 3.76 6.24 3.81
CA THR A 30 2.61 5.42 3.49
C THR A 30 1.51 6.16 2.71
N THR A 31 1.80 7.39 2.31
CA THR A 31 0.83 8.19 1.57
C THR A 31 0.89 7.94 0.09
N VAL A 32 0.04 8.66 -0.64
CA VAL A 32 -0.02 8.54 -2.08
C VAL A 32 -0.07 9.94 -2.68
N ALA A 33 0.69 10.14 -3.76
CA ALA A 33 0.71 11.43 -4.43
C ALA A 33 -0.61 11.61 -5.16
N VAL A 34 -1.13 12.84 -5.14
CA VAL A 34 -2.41 13.16 -5.80
C VAL A 34 -2.25 14.41 -6.65
N ILE A 35 -2.89 14.43 -7.81
CA ILE A 35 -2.85 15.60 -8.67
C ILE A 35 -4.10 16.35 -8.26
N GLU A 36 -3.93 17.31 -7.36
CA GLU A 36 -5.03 18.10 -6.83
C GLU A 36 -5.43 19.24 -7.76
N GLY A 37 -4.52 19.59 -8.65
CA GLY A 37 -4.77 20.64 -9.61
C GLY A 37 -4.12 20.28 -10.94
N LEU A 38 -4.82 20.57 -12.02
CA LEU A 38 -4.34 20.28 -13.36
C LEU A 38 -4.73 21.49 -14.17
N ALA A 39 -3.93 21.84 -15.18
CA ALA A 39 -4.23 23.00 -16.01
C ALA A 39 -3.44 22.88 -17.30
N THR A 40 -3.99 23.39 -18.39
CA THR A 40 -3.31 23.32 -19.67
C THR A 40 -3.54 24.60 -20.46
N GLY A 41 -2.60 24.90 -21.33
CA GLY A 41 -2.72 26.09 -22.14
C GLY A 41 -1.80 26.01 -23.34
N THR A 42 -2.06 26.85 -24.33
CA THR A 42 -1.24 26.88 -25.54
C THR A 42 -1.22 28.31 -26.10
N PRO A 43 -0.22 28.63 -26.93
CA PRO A 43 -0.22 29.98 -27.47
C PRO A 43 -1.53 30.16 -28.25
N ARG A 44 -1.92 31.41 -28.49
CA ARG A 44 -3.18 31.70 -29.18
C ARG A 44 -3.25 31.36 -30.68
N ARG A 45 -2.22 31.64 -31.46
CA ARG A 45 -2.29 31.36 -32.89
C ARG A 45 -2.66 29.91 -33.21
N VAL A 46 -3.66 29.73 -34.08
CA VAL A 46 -4.10 28.41 -34.49
C VAL A 46 -3.61 28.15 -35.90
N VAL A 47 -2.97 27.01 -36.11
CA VAL A 47 -2.46 26.67 -37.43
C VAL A 47 -3.16 25.43 -37.94
N ASN A 48 -4.06 25.63 -38.90
CA ASN A 48 -4.80 24.52 -39.48
C ASN A 48 -3.86 23.73 -40.37
N GLN A 49 -3.71 22.44 -40.04
CA GLN A 49 -2.83 21.53 -40.76
C GLN A 49 -2.83 21.62 -42.27
N SER A 50 -4.01 21.70 -42.90
CA SER A 50 -4.07 21.80 -44.35
C SER A 50 -3.36 23.06 -44.85
N ASP A 51 -3.64 24.20 -44.20
CA ASP A 51 -3.01 25.45 -44.59
C ASP A 51 -1.51 25.33 -44.40
N ALA A 52 -1.11 24.77 -43.25
CA ALA A 52 0.30 24.56 -42.93
C ALA A 52 0.97 23.83 -44.07
N ALA A 53 0.34 22.74 -44.51
CA ALA A 53 0.87 21.92 -45.60
C ALA A 53 1.10 22.77 -46.84
N ASP A 54 0.08 23.51 -47.25
CA ASP A 54 0.18 24.35 -48.42
C ASP A 54 1.30 25.37 -48.27
N ARG A 55 1.34 26.07 -47.15
CA ARG A 55 2.38 27.07 -46.94
C ARG A 55 3.77 26.46 -47.08
N VAL A 56 4.00 25.33 -46.40
CA VAL A 56 5.29 24.65 -46.47
C VAL A 56 5.53 24.11 -47.87
N ALA A 57 4.48 23.57 -48.48
CA ALA A 57 4.60 23.02 -49.83
C ALA A 57 5.21 24.03 -50.80
N GLU A 58 5.11 25.30 -50.45
CA GLU A 58 5.64 26.37 -51.29
C GLU A 58 7.12 26.69 -51.10
N LEU A 59 7.81 25.93 -50.25
CA LEU A 59 9.22 26.17 -50.04
C LEU A 59 10.00 25.35 -51.04
N GLY A 64 11.30 21.73 -57.87
CA GLY A 64 11.12 20.46 -58.57
C GLY A 64 9.84 19.79 -58.13
N GLN A 65 9.96 18.82 -57.23
CA GLN A 65 8.80 18.08 -56.73
C GLN A 65 8.61 18.36 -55.23
N ARG A 66 7.58 19.14 -54.93
CA ARG A 66 7.20 19.51 -53.57
C ARG A 66 5.99 18.66 -53.20
N GLU A 67 5.86 17.53 -53.89
CA GLU A 67 4.78 16.58 -53.65
C GLU A 67 4.99 15.87 -52.33
N ARG A 68 6.26 15.83 -51.90
CA ARG A 68 6.61 15.19 -50.66
C ARG A 68 5.75 15.77 -49.55
N ILE A 69 5.69 17.09 -49.48
CA ILE A 69 4.95 17.79 -48.44
C ILE A 69 3.51 17.35 -48.21
N PRO A 70 2.62 17.59 -49.18
CA PRO A 70 1.21 17.18 -49.02
C PRO A 70 1.11 15.75 -48.47
N ARG A 71 1.89 14.86 -49.08
CA ARG A 71 1.95 13.45 -48.72
C ARG A 71 2.13 13.23 -47.21
N VAL A 72 3.29 13.61 -46.67
CA VAL A 72 3.51 13.43 -45.25
C VAL A 72 2.44 14.12 -44.40
N TYR A 73 2.08 15.34 -44.74
CA TYR A 73 1.07 16.04 -43.96
C TYR A 73 -0.29 15.36 -43.88
N GLN A 74 -0.83 14.90 -45.02
CA GLN A 74 -2.13 14.25 -44.95
C GLN A 74 -2.11 12.97 -44.11
N LYS A 75 -0.92 12.47 -43.81
CA LYS A 75 -0.81 11.27 -43.01
C LYS A 75 -0.68 11.56 -41.50
N SER A 76 -0.34 12.79 -41.15
CA SER A 76 -0.15 13.18 -39.75
C SER A 76 -1.32 12.96 -38.78
N ARG A 77 -2.55 13.04 -39.29
CA ARG A 77 -3.77 12.89 -38.49
C ARG A 77 -3.86 14.03 -37.49
N ILE A 78 -3.42 15.19 -37.93
CA ILE A 78 -3.48 16.39 -37.11
C ILE A 78 -4.33 17.37 -37.91
N THR A 79 -5.24 18.07 -37.24
CA THR A 79 -6.08 19.06 -37.90
C THR A 79 -5.57 20.46 -37.58
N THR A 80 -5.16 20.66 -36.34
CA THR A 80 -4.67 21.94 -35.87
C THR A 80 -3.60 21.84 -34.80
N ARG A 81 -2.78 22.87 -34.72
CA ARG A 81 -1.71 22.97 -33.73
C ARG A 81 -1.57 24.43 -33.34
N ARG A 82 -1.14 24.70 -32.12
CA ARG A 82 -0.93 26.08 -31.67
C ARG A 82 0.55 26.41 -31.77
N MET A 83 0.87 27.62 -32.20
CA MET A 83 2.27 28.01 -32.33
C MET A 83 2.57 29.41 -31.80
N ALA A 84 3.48 29.47 -30.84
CA ALA A 84 3.89 30.73 -30.24
C ALA A 84 4.40 31.69 -31.32
N VAL A 85 5.09 31.13 -32.30
CA VAL A 85 5.66 31.90 -33.39
C VAL A 85 5.21 31.38 -34.75
N ASP A 86 5.10 32.27 -35.73
CA ASP A 86 4.69 31.88 -37.07
C ASP A 86 5.96 31.68 -37.89
N PRO A 87 6.50 30.46 -37.91
CA PRO A 87 7.73 30.20 -38.67
C PRO A 87 7.78 30.77 -40.09
N LEU A 88 6.77 30.46 -40.90
CA LEU A 88 6.76 30.93 -42.28
C LEU A 88 6.36 32.39 -42.49
N ASP A 89 6.28 33.13 -41.40
CA ASP A 89 5.93 34.54 -41.44
C ASP A 89 7.01 35.31 -42.23
N ALA A 90 6.61 36.43 -42.82
CA ALA A 90 7.54 37.25 -43.60
C ALA A 90 8.80 37.63 -42.82
N LYS A 91 8.62 38.05 -41.57
CA LYS A 91 9.76 38.44 -40.73
C LYS A 91 10.64 37.24 -40.43
N PHE A 92 10.05 36.28 -39.71
CA PHE A 92 10.72 35.07 -39.30
C PHE A 92 11.33 34.28 -40.45
N ASP A 93 10.67 34.30 -41.61
CA ASP A 93 11.13 33.55 -42.78
C ASP A 93 12.58 33.85 -43.19
N VAL A 94 13.04 35.07 -42.97
CA VAL A 94 14.42 35.40 -43.31
C VAL A 94 15.31 34.86 -42.20
N PHE A 95 14.95 35.17 -40.97
CA PHE A 95 15.66 34.73 -39.78
C PHE A 95 15.78 33.20 -39.77
N ARG A 96 14.67 32.58 -40.15
CA ARG A 96 14.55 31.13 -40.19
C ARG A 96 15.58 30.46 -41.07
N ARG A 97 16.05 31.17 -42.10
CA ARG A 97 17.00 30.58 -43.02
C ARG A 97 18.47 30.89 -42.80
N GLU A 98 18.79 31.54 -41.71
CA GLU A 98 20.17 31.88 -41.43
C GLU A 98 20.79 30.90 -40.46
N PRO A 99 22.12 30.86 -40.41
CA PRO A 99 22.84 29.97 -39.51
C PRO A 99 23.16 30.65 -38.17
N ALA A 100 23.50 29.84 -37.16
CA ALA A 100 23.89 30.34 -35.86
C ALA A 100 22.84 31.13 -35.07
N THR A 101 21.56 30.93 -35.37
CA THR A 101 20.51 31.67 -34.67
C THR A 101 20.03 31.00 -33.39
N ILE A 102 20.68 29.92 -32.98
CA ILE A 102 20.30 29.19 -31.78
C ILE A 102 20.16 30.02 -30.49
N ARG A 103 21.07 30.96 -30.27
CA ARG A 103 21.00 31.79 -29.06
C ARG A 103 19.79 32.69 -29.08
N ASP A 104 19.39 33.14 -30.26
CA ASP A 104 18.24 34.02 -30.37
C ASP A 104 16.94 33.23 -30.23
N ARG A 105 16.98 31.99 -30.68
CA ARG A 105 15.81 31.16 -30.58
C ARG A 105 15.54 30.83 -29.11
N MET A 106 16.60 30.67 -28.34
CA MET A 106 16.45 30.35 -26.93
C MET A 106 15.88 31.56 -26.20
N HIS A 107 16.25 32.74 -26.66
CA HIS A 107 15.74 33.96 -26.06
C HIS A 107 14.28 34.04 -26.44
N LEU A 108 14.04 33.84 -27.74
CA LEU A 108 12.69 33.83 -28.28
C LEU A 108 11.82 32.83 -27.48
N PHE A 109 12.44 31.71 -27.07
CA PHE A 109 11.76 30.70 -26.28
C PHE A 109 11.34 31.31 -24.95
N TYR A 110 12.33 31.79 -24.21
CA TYR A 110 12.09 32.40 -22.91
C TYR A 110 11.00 33.47 -23.00
N GLU A 111 11.07 34.26 -24.07
CA GLU A 111 10.13 35.33 -24.31
C GLU A 111 8.68 34.87 -24.39
N HIS A 112 8.42 33.83 -25.19
CA HIS A 112 7.06 33.33 -25.35
C HIS A 112 6.60 32.38 -24.25
N ALA A 113 7.53 31.67 -23.65
CA ALA A 113 7.22 30.69 -22.61
C ALA A 113 6.75 31.27 -21.27
N VAL A 114 7.44 32.30 -20.79
CA VAL A 114 7.11 32.90 -19.50
C VAL A 114 5.63 33.23 -19.37
N PRO A 115 5.08 34.02 -20.30
CA PRO A 115 3.66 34.40 -20.27
C PRO A 115 2.77 33.16 -20.12
N LEU A 116 2.93 32.23 -21.05
CA LEU A 116 2.17 30.98 -21.07
C LEU A 116 2.34 30.13 -19.80
N ALA A 117 3.58 29.87 -19.43
CA ALA A 117 3.88 29.06 -18.27
C ALA A 117 3.28 29.66 -17.00
N VAL A 118 3.39 30.99 -16.87
CA VAL A 118 2.86 31.68 -15.71
C VAL A 118 1.33 31.59 -15.70
N ASP A 119 0.72 31.81 -16.85
CA ASP A 119 -0.73 31.76 -16.92
C ASP A 119 -1.26 30.37 -16.56
N VAL A 120 -0.65 29.32 -17.09
CA VAL A 120 -1.11 27.97 -16.78
C VAL A 120 -0.89 27.59 -15.32
N SER A 121 0.28 27.94 -14.79
CA SER A 121 0.59 27.63 -13.40
C SER A 121 -0.47 28.20 -12.49
N LYS A 122 -0.91 29.43 -12.77
CA LYS A 122 -1.94 30.08 -11.97
C LYS A 122 -3.25 29.29 -12.07
N ARG A 123 -3.68 28.98 -13.28
CA ARG A 123 -4.92 28.24 -13.45
C ARG A 123 -4.88 26.99 -12.60
N ALA A 124 -3.75 26.30 -12.61
CA ALA A 124 -3.59 25.07 -11.85
C ALA A 124 -3.80 25.32 -10.38
N LEU A 125 -3.35 26.47 -9.89
CA LEU A 125 -3.46 26.80 -8.47
C LEU A 125 -4.75 27.48 -8.04
N ALA A 126 -5.41 28.16 -8.98
CA ALA A 126 -6.64 28.88 -8.70
C ALA A 126 -7.63 28.07 -7.84
N GLY A 127 -7.90 26.83 -8.25
CA GLY A 127 -8.82 26.00 -7.50
C GLY A 127 -8.41 25.70 -6.07
N LEU A 128 -7.14 25.38 -5.85
CA LEU A 128 -6.67 25.04 -4.51
C LEU A 128 -6.52 26.24 -3.58
N PRO A 129 -6.64 26.02 -2.26
CA PRO A 129 -6.52 27.05 -1.23
C PRO A 129 -5.10 27.14 -0.65
N TYR A 130 -4.18 26.38 -1.21
CA TYR A 130 -2.82 26.37 -0.69
C TYR A 130 -2.17 27.73 -0.80
N ARG A 131 -1.46 28.11 0.25
CA ARG A 131 -0.77 29.38 0.31
C ARG A 131 0.65 29.18 -0.23
N ALA A 132 1.24 30.21 -0.82
CA ALA A 132 2.59 30.11 -1.39
C ALA A 132 3.62 29.43 -0.49
N ALA A 133 3.44 29.53 0.82
CA ALA A 133 4.37 28.92 1.74
C ALA A 133 4.26 27.39 1.70
N GLU A 134 3.11 26.89 1.25
CA GLU A 134 2.87 25.46 1.20
C GLU A 134 3.49 24.77 -0.01
N ILE A 135 3.89 25.54 -1.01
CA ILE A 135 4.48 24.98 -2.21
C ILE A 135 6.00 24.95 -2.09
N GLY A 136 6.54 23.76 -1.77
CA GLY A 136 7.97 23.62 -1.58
C GLY A 136 8.84 23.13 -2.73
N LEU A 137 8.22 22.72 -3.83
CA LEU A 137 8.99 22.27 -5.00
C LEU A 137 8.36 22.70 -6.31
N LEU A 138 9.20 23.03 -7.27
CA LEU A 138 8.75 23.42 -8.59
C LEU A 138 9.61 22.62 -9.57
N VAL A 139 8.96 21.91 -10.48
CA VAL A 139 9.68 21.11 -11.43
C VAL A 139 9.33 21.63 -12.81
N LEU A 140 10.35 21.91 -13.62
CA LEU A 140 10.12 22.43 -14.96
C LEU A 140 10.81 21.53 -15.97
N ALA A 141 10.03 21.03 -16.93
CA ALA A 141 10.56 20.15 -17.96
C ALA A 141 10.42 20.76 -19.36
N THR A 142 11.45 20.61 -20.18
CA THR A 142 11.44 21.13 -21.55
C THR A 142 12.53 20.46 -22.35
N SER A 143 12.37 20.45 -23.66
CA SER A 143 13.36 19.86 -24.54
C SER A 143 13.48 20.84 -25.70
N THR A 144 12.78 21.96 -25.55
CA THR A 144 12.78 23.01 -26.56
C THR A 144 13.28 24.37 -26.03
N GLY A 145 13.87 24.39 -24.82
CA GLY A 145 14.33 25.64 -24.22
C GLY A 145 15.81 25.87 -23.98
N PHE A 146 16.20 26.00 -22.72
CA PHE A 146 17.61 26.22 -22.32
C PHE A 146 18.11 27.67 -22.25
N ILE A 147 17.87 28.32 -21.11
CA ILE A 147 18.32 29.71 -20.88
C ILE A 147 18.69 29.89 -19.41
N ALA A 148 19.78 30.62 -19.16
CA ALA A 148 20.34 30.95 -17.84
C ALA A 148 19.21 31.05 -16.84
N PRO A 149 18.89 32.24 -16.29
CA PRO A 149 17.74 32.08 -15.38
C PRO A 149 16.57 31.87 -16.37
N GLY A 150 15.71 30.90 -16.11
CA GLY A 150 14.64 30.65 -17.06
C GLY A 150 13.20 30.79 -16.63
N VAL A 151 12.36 29.99 -17.28
CA VAL A 151 10.94 29.98 -17.01
C VAL A 151 10.67 29.61 -15.56
N ASP A 152 11.53 28.79 -14.96
CA ASP A 152 11.37 28.39 -13.58
C ASP A 152 11.42 29.58 -12.63
N VAL A 153 12.40 30.46 -12.80
CA VAL A 153 12.55 31.63 -11.95
C VAL A 153 11.44 32.66 -12.21
N ALA A 154 11.04 32.81 -13.46
CA ALA A 154 9.99 33.75 -13.80
C ALA A 154 8.71 33.34 -13.09
N ILE A 155 8.45 32.03 -13.07
CA ILE A 155 7.27 31.46 -12.42
C ILE A 155 7.25 31.79 -10.93
N VAL A 156 8.37 31.58 -10.24
CA VAL A 156 8.45 31.86 -8.81
C VAL A 156 8.13 33.32 -8.51
N LYS A 157 8.80 34.23 -9.20
CA LYS A 157 8.55 35.63 -8.97
C LYS A 157 7.12 35.98 -9.34
N GLU A 158 6.75 35.69 -10.59
CA GLU A 158 5.42 35.99 -11.08
C GLU A 158 4.27 35.61 -10.16
N LEU A 159 4.31 34.38 -9.63
CA LEU A 159 3.26 33.90 -8.75
C LEU A 159 3.51 34.23 -7.29
N GLY A 160 4.60 34.92 -7.03
CA GLY A 160 4.92 35.27 -5.66
C GLY A 160 5.10 34.04 -4.77
N LEU A 161 5.87 33.07 -5.28
CA LEU A 161 6.14 31.88 -4.52
C LEU A 161 7.26 32.23 -3.57
N SER A 162 7.78 31.24 -2.83
CA SER A 162 8.84 31.52 -1.88
C SER A 162 10.25 31.55 -2.47
N PRO A 163 11.05 32.52 -2.02
CA PRO A 163 12.43 32.71 -2.46
C PRO A 163 13.23 31.46 -2.11
N SER A 164 12.70 30.69 -1.17
CA SER A 164 13.36 29.49 -0.70
C SER A 164 12.82 28.18 -1.30
N ILE A 165 11.81 28.30 -2.16
CA ILE A 165 11.23 27.13 -2.81
C ILE A 165 12.33 26.37 -3.54
N SER A 166 12.14 25.06 -3.68
CA SER A 166 13.10 24.19 -4.36
C SER A 166 12.74 24.08 -5.83
N ARG A 167 13.78 24.02 -6.67
CA ARG A 167 13.56 23.94 -8.10
C ARG A 167 14.45 22.91 -8.77
N VAL A 168 13.85 22.21 -9.72
CA VAL A 168 14.53 21.19 -10.49
C VAL A 168 14.15 21.44 -11.93
N VAL A 169 15.13 21.51 -12.81
CA VAL A 169 14.85 21.71 -14.22
C VAL A 169 15.22 20.42 -14.93
N VAL A 170 14.26 19.87 -15.65
CA VAL A 170 14.50 18.64 -16.36
C VAL A 170 14.53 18.94 -17.84
N ASN A 171 15.67 18.67 -18.46
CA ASN A 171 15.82 18.94 -19.87
C ASN A 171 16.09 17.72 -20.71
N PHE A 172 15.82 17.84 -22.01
CA PHE A 172 16.04 16.79 -22.99
C PHE A 172 15.60 15.38 -22.63
N MET A 173 14.50 15.26 -21.87
CA MET A 173 14.02 13.93 -21.54
C MET A 173 12.90 13.52 -22.49
N GLY A 174 12.68 14.35 -23.50
CA GLY A 174 11.68 14.07 -24.51
C GLY A 174 10.21 14.01 -24.14
N CYS A 175 9.42 13.49 -25.06
CA CYS A 175 7.98 13.38 -24.90
C CYS A 175 7.51 12.82 -23.55
N ALA A 176 8.36 12.08 -22.85
CA ALA A 176 7.95 11.51 -21.56
C ALA A 176 8.37 12.27 -20.31
N ALA A 177 8.98 13.44 -20.48
CA ALA A 177 9.47 14.27 -19.36
C ALA A 177 8.43 14.48 -18.27
N ALA A 178 7.18 14.66 -18.67
CA ALA A 178 6.11 14.88 -17.71
C ALA A 178 6.15 13.80 -16.63
N MET A 179 6.37 12.56 -17.05
CA MET A 179 6.44 11.44 -16.11
C MET A 179 7.64 11.57 -15.15
N ASN A 180 8.84 11.72 -15.71
CA ASN A 180 10.02 11.87 -14.90
C ASN A 180 9.82 13.05 -13.93
N ALA A 181 9.11 14.07 -14.41
CA ALA A 181 8.83 15.26 -13.61
C ALA A 181 7.84 14.99 -12.51
N LEU A 182 6.74 14.32 -12.87
CA LEU A 182 5.72 14.00 -11.88
C LEU A 182 6.28 13.08 -10.79
N GLY A 183 7.28 12.27 -11.15
CA GLY A 183 7.89 11.36 -10.19
C GLY A 183 8.73 12.13 -9.19
N THR A 184 9.46 13.12 -9.69
CA THR A 184 10.30 13.97 -8.84
C THR A 184 9.39 14.62 -7.77
N ALA A 185 8.23 15.06 -8.21
CA ALA A 185 7.26 15.69 -7.34
C ALA A 185 6.80 14.69 -6.30
N THR A 186 6.39 13.53 -6.80
CA THR A 186 5.92 12.42 -5.97
C THR A 186 6.81 12.16 -4.75
N ASN A 187 8.08 11.82 -5.01
CA ASN A 187 9.02 11.55 -3.94
C ASN A 187 9.04 12.70 -2.96
N TYR A 188 9.13 13.91 -3.49
CA TYR A 188 9.16 15.09 -2.66
C TYR A 188 7.95 15.12 -1.71
N VAL A 189 6.77 15.06 -2.31
CA VAL A 189 5.53 15.12 -1.55
C VAL A 189 5.39 14.02 -0.50
N ARG A 190 5.75 12.80 -0.86
CA ARG A 190 5.62 11.72 0.10
C ARG A 190 6.66 11.84 1.19
N ALA A 191 7.75 12.53 0.89
CA ALA A 191 8.79 12.74 1.87
C ALA A 191 8.46 13.92 2.80
N HIS A 192 7.63 14.85 2.33
CA HIS A 192 7.23 16.02 3.10
C HIS A 192 5.74 16.23 2.95
N PRO A 193 4.96 15.28 3.48
CA PRO A 193 3.50 15.22 3.45
C PRO A 193 2.76 16.55 3.50
N ALA A 194 3.28 17.50 4.28
CA ALA A 194 2.64 18.80 4.44
C ALA A 194 2.87 19.78 3.30
N MET A 195 3.89 19.55 2.49
CA MET A 195 4.17 20.47 1.39
C MET A 195 3.51 20.02 0.08
N LYS A 196 3.43 20.95 -0.87
CA LYS A 196 2.84 20.69 -2.17
C LYS A 196 3.89 21.00 -3.23
N ALA A 197 3.73 20.43 -4.41
CA ALA A 197 4.68 20.66 -5.47
C ALA A 197 3.98 21.09 -6.73
N LEU A 198 4.69 21.89 -7.52
CA LEU A 198 4.20 22.41 -8.78
C LEU A 198 5.01 21.86 -9.95
N VAL A 199 4.33 21.15 -10.84
CA VAL A 199 4.96 20.56 -12.01
C VAL A 199 4.52 21.37 -13.22
N VAL A 200 5.49 21.77 -14.03
CA VAL A 200 5.19 22.56 -15.22
C VAL A 200 5.97 22.03 -16.40
N CYS A 201 5.29 21.82 -17.51
CA CYS A 201 5.96 21.37 -18.72
C CYS A 201 5.61 22.44 -19.73
N ILE A 202 6.61 22.90 -20.47
CA ILE A 202 6.38 23.93 -21.46
C ILE A 202 7.18 23.50 -22.66
N GLU A 203 6.54 23.48 -23.82
CA GLU A 203 7.18 23.05 -25.04
C GLU A 203 6.83 23.96 -26.22
N LEU A 204 7.83 24.68 -26.71
CA LEU A 204 7.67 25.60 -27.83
C LEU A 204 8.59 25.20 -28.98
N PHE A 205 8.14 24.34 -29.87
CA PHE A 205 8.98 23.92 -30.98
C PHE A 205 9.00 24.95 -32.10
N SER A 206 7.91 25.72 -32.23
CA SER A 206 7.83 26.72 -33.29
C SER A 206 9.06 27.63 -33.25
N VAL A 207 9.51 27.92 -32.04
CA VAL A 207 10.65 28.78 -31.87
C VAL A 207 11.92 28.10 -32.44
N ASN A 208 11.80 26.80 -32.75
CA ASN A 208 12.94 26.04 -33.30
C ASN A 208 12.79 25.67 -34.77
N ALA A 209 11.68 26.08 -35.38
CA ALA A 209 11.40 25.77 -36.79
C ALA A 209 12.52 26.17 -37.74
N VAL A 210 12.81 25.28 -38.70
CA VAL A 210 13.86 25.52 -39.69
C VAL A 210 13.44 25.09 -41.11
N PHE A 211 12.62 24.04 -41.19
CA PHE A 211 12.15 23.51 -42.47
C PHE A 211 13.25 23.11 -43.44
N ALA A 212 13.99 22.06 -43.07
CA ALA A 212 15.06 21.53 -43.89
C ALA A 212 14.49 20.54 -44.92
N ASP A 213 15.37 19.96 -45.72
CA ASP A 213 14.94 19.04 -46.78
C ASP A 213 14.66 17.59 -46.44
N ASP A 214 15.39 17.01 -45.50
CA ASP A 214 15.20 15.60 -45.14
C ASP A 214 13.82 15.26 -44.54
N ILE A 215 13.36 14.04 -44.82
CA ILE A 215 12.07 13.54 -44.32
C ILE A 215 11.91 13.69 -42.82
N ASN A 216 12.98 13.47 -42.07
CA ASN A 216 12.86 13.59 -40.63
C ASN A 216 12.48 15.00 -40.25
N ASP A 217 13.09 15.98 -40.92
CA ASP A 217 12.80 17.37 -40.63
C ASP A 217 11.38 17.69 -41.06
N VAL A 218 11.05 17.30 -42.29
CA VAL A 218 9.71 17.52 -42.83
C VAL A 218 8.65 16.90 -41.91
N VAL A 219 8.96 15.73 -41.36
CA VAL A 219 8.03 15.02 -40.46
C VAL A 219 7.89 15.69 -39.10
N ILE A 220 9.04 16.00 -38.50
CA ILE A 220 9.10 16.67 -37.21
C ILE A 220 8.27 17.96 -37.29
N HIS A 221 8.58 18.79 -38.28
CA HIS A 221 7.88 20.05 -38.49
C HIS A 221 6.39 19.90 -38.78
N SER A 222 5.94 18.68 -39.08
CA SER A 222 4.54 18.49 -39.34
C SER A 222 3.81 17.92 -38.12
N LEU A 223 4.57 17.41 -37.16
CA LEU A 223 3.98 16.81 -35.97
C LEU A 223 3.95 17.68 -34.73
N PHE A 224 5.01 18.45 -34.53
CA PHE A 224 5.09 19.25 -33.32
C PHE A 224 4.25 20.51 -33.20
N GLY A 225 3.72 20.72 -31.98
CA GLY A 225 2.91 21.89 -31.71
C GLY A 225 3.41 22.50 -30.41
N ASP A 226 2.95 23.70 -30.08
CA ASP A 226 3.41 24.34 -28.85
C ASP A 226 2.30 24.25 -27.81
N GLY A 227 2.67 24.12 -26.53
CA GLY A 227 1.67 24.03 -25.49
C GLY A 227 2.32 24.06 -24.13
N CYS A 228 1.52 24.09 -23.08
CA CYS A 228 2.02 24.12 -21.71
C CYS A 228 1.04 23.46 -20.73
N ALA A 229 1.57 22.92 -19.65
CA ALA A 229 0.73 22.27 -18.66
C ALA A 229 1.35 22.31 -17.27
N ALA A 230 0.50 22.35 -16.26
CA ALA A 230 0.94 22.38 -14.87
C ALA A 230 0.06 21.48 -14.01
N LEU A 231 0.70 20.87 -13.01
CA LEU A 231 0.06 19.98 -12.07
C LEU A 231 0.44 20.44 -10.67
N VAL A 232 -0.47 20.30 -9.71
CA VAL A 232 -0.17 20.65 -8.33
C VAL A 232 -0.30 19.31 -7.61
N ILE A 233 0.77 18.89 -6.94
CA ILE A 233 0.77 17.62 -6.25
C ILE A 233 0.76 17.73 -4.73
N GLY A 234 0.12 16.75 -4.10
CA GLY A 234 0.05 16.72 -2.66
C GLY A 234 0.07 15.26 -2.21
N ALA A 235 0.41 15.04 -0.95
CA ALA A 235 0.45 13.69 -0.38
C ALA A 235 -0.85 13.51 0.35
N SER A 236 -1.39 12.31 0.29
CA SER A 236 -2.64 12.05 0.98
C SER A 236 -2.62 10.63 1.54
N GLN A 237 -3.28 10.42 2.68
CA GLN A 237 -3.35 9.09 3.27
C GLN A 237 -4.46 8.32 2.55
N VAL A 238 -4.29 7.02 2.40
CA VAL A 238 -5.26 6.18 1.71
C VAL A 238 -6.63 6.06 2.38
N GLN A 239 -6.70 6.38 3.67
CA GLN A 239 -7.98 6.32 4.37
C GLN A 239 -8.84 7.50 3.95
N GLU A 240 -8.18 8.54 3.45
CA GLU A 240 -8.88 9.74 3.06
C GLU A 240 -9.77 9.59 1.85
N LYS A 241 -10.92 10.26 1.90
CA LYS A 241 -11.88 10.20 0.82
C LYS A 241 -11.67 11.39 -0.13
N LEU A 242 -10.87 11.19 -1.17
CA LEU A 242 -10.61 12.25 -2.13
C LEU A 242 -11.90 12.65 -2.85
N GLU A 243 -11.97 13.91 -3.26
CA GLU A 243 -13.14 14.40 -3.98
C GLU A 243 -13.02 14.18 -5.47
N PRO A 244 -14.16 14.00 -6.15
CA PRO A 244 -14.23 13.76 -7.59
C PRO A 244 -13.31 14.69 -8.38
N GLY A 245 -12.76 14.17 -9.46
CA GLY A 245 -11.86 14.97 -10.27
C GLY A 245 -10.42 14.79 -9.86
N LYS A 246 -10.20 14.39 -8.61
CA LYS A 246 -8.84 14.18 -8.14
C LYS A 246 -8.26 12.92 -8.77
N VAL A 247 -6.94 12.92 -8.98
CA VAL A 247 -6.28 11.78 -9.60
C VAL A 247 -5.17 11.24 -8.73
N VAL A 248 -5.27 9.97 -8.39
CA VAL A 248 -4.28 9.33 -7.55
C VAL A 248 -3.18 8.65 -8.39
N VAL A 249 -1.93 8.85 -7.98
CA VAL A 249 -0.81 8.23 -8.67
C VAL A 249 -0.48 6.96 -7.89
N ARG A 250 -0.93 5.84 -8.44
CA ARG A 250 -0.74 4.54 -7.81
C ARG A 250 0.62 3.92 -7.98
N SER A 251 1.15 3.96 -9.19
CA SER A 251 2.44 3.35 -9.45
C SER A 251 3.13 4.07 -10.62
N SER A 252 4.46 4.01 -10.67
CA SER A 252 5.22 4.64 -11.73
C SER A 252 6.15 3.58 -12.33
N PHE A 253 6.59 3.77 -13.57
CA PHE A 253 7.50 2.79 -14.15
C PHE A 253 8.35 3.30 -15.30
N SER A 254 9.48 2.64 -15.50
CA SER A 254 10.42 2.99 -16.55
C SER A 254 10.95 1.73 -17.21
N GLN A 255 11.45 1.88 -18.43
CA GLN A 255 12.00 0.75 -19.16
C GLN A 255 12.91 1.22 -20.28
N LEU A 256 14.20 0.95 -20.14
CA LEU A 256 15.12 1.29 -21.19
C LEU A 256 14.86 0.15 -22.16
N LEU A 257 14.30 0.44 -23.32
CA LEU A 257 14.05 -0.61 -24.29
C LEU A 257 15.36 -1.06 -24.88
N ASP A 258 15.77 -2.26 -24.50
CA ASP A 258 17.01 -2.85 -24.93
C ASP A 258 17.24 -2.80 -26.44
N ASN A 259 18.40 -2.27 -26.83
CA ASN A 259 18.80 -2.16 -28.23
C ASN A 259 17.91 -1.25 -29.07
N THR A 260 17.58 -0.06 -28.53
CA THR A 260 16.71 0.88 -29.25
C THR A 260 17.23 2.31 -29.21
N GLU A 261 18.50 2.48 -28.89
CA GLU A 261 19.07 3.82 -28.77
C GLU A 261 18.80 4.79 -29.90
N ASP A 262 18.81 4.32 -31.13
CA ASP A 262 18.57 5.20 -32.25
C ASP A 262 17.12 5.62 -32.44
N GLY A 263 16.23 5.07 -31.62
CA GLY A 263 14.82 5.40 -31.73
C GLY A 263 14.46 6.86 -31.70
N ILE A 264 14.82 7.54 -30.61
CA ILE A 264 14.53 8.96 -30.44
C ILE A 264 15.80 9.69 -30.05
N VAL A 265 16.22 10.63 -30.88
CA VAL A 265 17.44 11.37 -30.62
C VAL A 265 17.18 12.88 -30.55
N LEU A 266 17.72 13.52 -29.51
CA LEU A 266 17.57 14.96 -29.36
C LEU A 266 18.94 15.60 -29.49
N GLY A 267 19.00 16.74 -30.16
CA GLY A 267 20.28 17.41 -30.34
C GLY A 267 20.12 18.91 -30.55
N VAL A 268 21.19 19.66 -30.34
CA VAL A 268 21.16 21.10 -30.52
C VAL A 268 21.94 21.46 -31.78
N ASN A 269 21.28 22.19 -32.68
CA ASN A 269 21.92 22.64 -33.90
C ASN A 269 22.11 24.16 -33.83
N HIS A 270 22.96 24.70 -34.69
CA HIS A 270 23.21 26.12 -34.67
C HIS A 270 21.94 26.91 -34.89
N ASN A 271 20.99 26.31 -35.61
CA ASN A 271 19.75 27.01 -35.92
C ASN A 271 18.55 26.46 -35.16
N GLY A 272 18.80 25.83 -34.04
CA GLY A 272 17.70 25.30 -33.25
C GLY A 272 17.81 23.88 -32.75
N ILE A 273 16.97 23.58 -31.77
CA ILE A 273 16.91 22.25 -31.20
C ILE A 273 16.22 21.40 -32.26
N THR A 274 16.57 20.12 -32.28
CA THR A 274 16.01 19.20 -33.27
C THR A 274 15.76 17.83 -32.67
N CYS A 275 14.89 17.08 -33.33
CA CYS A 275 14.56 15.73 -32.89
C CYS A 275 14.69 14.78 -34.06
N GLU A 276 15.42 13.68 -33.85
CA GLU A 276 15.61 12.69 -34.90
C GLU A 276 14.99 11.34 -34.51
N LEU A 277 13.93 10.96 -35.24
CA LEU A 277 13.22 9.71 -34.99
C LEU A 277 13.59 8.62 -36.00
N SER A 278 13.75 7.39 -35.51
CA SER A 278 14.11 6.28 -36.36
C SER A 278 12.90 5.62 -37.03
N GLU A 279 13.10 5.10 -38.23
CA GLU A 279 12.03 4.44 -38.96
C GLU A 279 11.48 3.31 -38.11
N ASN A 280 12.28 2.84 -37.17
CA ASN A 280 11.90 1.73 -36.31
C ASN A 280 11.20 2.10 -35.02
N LEU A 281 11.09 3.38 -34.69
CA LEU A 281 10.43 3.74 -33.44
C LEU A 281 9.13 2.98 -33.29
N PRO A 282 8.26 3.02 -34.30
CA PRO A 282 7.00 2.30 -34.17
C PRO A 282 7.21 0.84 -33.78
N GLY A 283 8.18 0.20 -34.44
CA GLY A 283 8.47 -1.18 -34.16
C GLY A 283 8.95 -1.37 -32.73
N TYR A 284 9.79 -0.46 -32.25
CA TYR A 284 10.31 -0.55 -30.88
C TYR A 284 9.16 -0.48 -29.90
N ILE A 285 8.21 0.38 -30.21
CA ILE A 285 7.03 0.56 -29.35
C ILE A 285 6.22 -0.73 -29.32
N PHE A 286 5.88 -1.24 -30.50
CA PHE A 286 5.09 -2.45 -30.57
C PHE A 286 5.66 -3.56 -29.71
N SER A 287 6.97 -3.74 -29.78
CA SER A 287 7.66 -4.76 -29.01
C SER A 287 7.79 -4.38 -27.54
N GLY A 288 7.97 -3.10 -27.27
CA GLY A 288 8.18 -2.66 -25.91
C GLY A 288 6.98 -2.47 -25.01
N VAL A 289 5.94 -1.80 -25.51
CA VAL A 289 4.77 -1.54 -24.69
C VAL A 289 4.16 -2.73 -23.94
N ALA A 290 3.57 -3.66 -24.66
CA ALA A 290 2.93 -4.84 -24.07
C ALA A 290 3.69 -5.46 -22.90
N PRO A 291 4.96 -5.83 -23.12
CA PRO A 291 5.66 -6.41 -21.98
C PRO A 291 5.74 -5.51 -20.75
N VAL A 292 6.15 -4.27 -20.93
CA VAL A 292 6.27 -3.35 -19.80
C VAL A 292 4.98 -3.14 -19.02
N VAL A 293 3.89 -2.84 -19.73
CA VAL A 293 2.62 -2.61 -19.06
C VAL A 293 2.15 -3.87 -18.35
N THR A 294 2.27 -5.01 -19.01
CA THR A 294 1.86 -6.29 -18.43
C THR A 294 2.55 -6.59 -17.10
N GLU A 295 3.86 -6.42 -17.07
CA GLU A 295 4.62 -6.65 -15.87
C GLU A 295 4.19 -5.71 -14.76
N MET A 296 4.11 -4.42 -15.08
CA MET A 296 3.71 -3.41 -14.12
C MET A 296 2.29 -3.68 -13.59
N LEU A 297 1.34 -3.94 -14.49
CA LEU A 297 -0.02 -4.22 -14.06
C LEU A 297 -0.07 -5.44 -13.14
N TRP A 298 0.74 -6.45 -13.47
CA TRP A 298 0.78 -7.67 -12.66
C TRP A 298 1.17 -7.35 -11.22
N ASP A 299 2.15 -6.45 -11.04
CA ASP A 299 2.60 -6.06 -9.71
C ASP A 299 1.47 -5.44 -8.92
N ASN A 300 0.50 -4.88 -9.62
CA ASN A 300 -0.63 -4.25 -8.94
C ASN A 300 -1.92 -5.07 -9.07
N GLY A 301 -1.75 -6.38 -9.25
CA GLY A 301 -2.86 -7.29 -9.37
C GLY A 301 -3.84 -6.96 -10.47
N LEU A 302 -3.36 -6.45 -11.59
CA LEU A 302 -4.22 -6.08 -12.70
C LEU A 302 -3.75 -6.67 -14.01
N GLN A 303 -4.63 -6.59 -15.02
CA GLN A 303 -4.33 -7.08 -16.37
C GLN A 303 -4.83 -6.02 -17.34
N ILE A 304 -4.29 -6.02 -18.55
CA ILE A 304 -4.68 -5.05 -19.53
C ILE A 304 -6.20 -4.88 -19.61
N SER A 305 -6.93 -5.98 -19.50
CA SER A 305 -8.39 -5.94 -19.58
C SER A 305 -9.07 -5.24 -18.41
N ASP A 306 -8.31 -4.91 -17.38
CA ASP A 306 -8.89 -4.25 -16.21
C ASP A 306 -8.75 -2.75 -16.26
N ILE A 307 -8.14 -2.23 -17.32
CA ILE A 307 -7.93 -0.78 -17.42
C ILE A 307 -9.01 0.00 -18.16
N ASP A 308 -9.63 0.94 -17.45
CA ASP A 308 -10.68 1.79 -17.97
C ASP A 308 -10.19 2.88 -18.91
N LEU A 309 -9.04 3.46 -18.59
CA LEU A 309 -8.47 4.56 -19.37
C LEU A 309 -7.05 4.31 -19.85
N TRP A 310 -6.77 4.68 -21.10
CA TRP A 310 -5.42 4.53 -21.65
C TRP A 310 -4.88 5.85 -22.15
N ALA A 311 -4.19 6.57 -21.27
CA ALA A 311 -3.61 7.85 -21.64
C ALA A 311 -2.30 7.59 -22.42
N ILE A 312 -2.45 7.19 -23.67
CA ILE A 312 -1.31 6.92 -24.52
C ILE A 312 -0.80 8.23 -25.08
N HIS A 313 0.50 8.48 -24.95
CA HIS A 313 1.07 9.71 -25.47
C HIS A 313 0.80 9.89 -26.95
N PRO A 314 0.07 10.96 -27.32
CA PRO A 314 -0.27 11.29 -28.70
C PRO A 314 0.92 11.87 -29.46
N GLY A 315 1.95 11.06 -29.62
CA GLY A 315 3.14 11.52 -30.30
C GLY A 315 3.06 11.43 -31.80
N GLY A 316 1.97 10.90 -32.31
CA GLY A 316 1.81 10.78 -33.75
C GLY A 316 1.00 9.56 -34.06
N PRO A 317 0.49 9.44 -35.30
CA PRO A 317 -0.31 8.26 -35.64
C PRO A 317 0.41 6.94 -35.35
N LYS A 318 1.56 6.71 -35.98
CA LYS A 318 2.32 5.47 -35.80
C LYS A 318 2.58 5.11 -34.34
N ILE A 319 2.60 6.09 -33.47
CA ILE A 319 2.86 5.85 -32.07
C ILE A 319 1.62 5.37 -31.32
N ILE A 320 0.48 6.02 -31.57
CA ILE A 320 -0.78 5.66 -30.93
C ILE A 320 -1.15 4.28 -31.49
N GLU A 321 -1.15 4.26 -32.81
CA GLU A 321 -1.43 3.09 -33.62
C GLU A 321 -0.71 1.83 -33.11
N GLN A 322 0.63 1.91 -33.01
CA GLN A 322 1.42 0.76 -32.57
C GLN A 322 1.30 0.52 -31.09
N SER A 323 0.92 1.56 -30.35
CA SER A 323 0.79 1.42 -28.90
C SER A 323 -0.47 0.61 -28.59
N VAL A 324 -1.52 0.85 -29.36
CA VAL A 324 -2.79 0.14 -29.19
C VAL A 324 -2.70 -1.32 -29.65
N ARG A 325 -1.95 -1.56 -30.73
CA ARG A 325 -1.78 -2.91 -31.23
C ARG A 325 -1.03 -3.76 -30.21
N SER A 326 0.05 -3.21 -29.67
CA SER A 326 0.86 -3.92 -28.67
C SER A 326 -0.01 -4.44 -27.53
N LEU A 327 -0.80 -3.55 -26.95
CA LEU A 327 -1.67 -3.90 -25.83
C LEU A 327 -2.84 -4.76 -26.27
N GLY A 328 -3.05 -4.84 -27.58
CA GLY A 328 -4.16 -5.64 -28.07
C GLY A 328 -5.52 -5.15 -27.60
N ILE A 329 -5.70 -3.83 -27.49
CA ILE A 329 -6.97 -3.27 -27.05
C ILE A 329 -7.77 -2.67 -28.19
N SER A 330 -9.02 -2.32 -27.89
CA SER A 330 -9.90 -1.72 -28.87
C SER A 330 -9.37 -0.37 -29.31
N ALA A 331 -9.50 -0.08 -30.60
CA ALA A 331 -9.05 1.19 -31.14
C ALA A 331 -9.72 2.35 -30.41
N GLU A 332 -10.97 2.12 -30.03
CA GLU A 332 -11.77 3.12 -29.32
C GLU A 332 -11.17 3.52 -27.98
N LEU A 333 -10.53 2.59 -27.29
CA LEU A 333 -9.93 2.90 -26.01
C LEU A 333 -8.79 3.92 -26.07
N ALA A 334 -8.48 4.38 -27.29
CA ALA A 334 -7.43 5.36 -27.48
C ALA A 334 -8.06 6.62 -28.09
N ALA A 335 -9.32 6.87 -27.73
CA ALA A 335 -10.05 8.03 -28.23
C ALA A 335 -9.45 9.37 -27.80
N GLN A 336 -9.31 9.55 -26.48
CA GLN A 336 -8.74 10.78 -25.94
C GLN A 336 -7.40 11.11 -26.60
N SER A 337 -6.53 10.11 -26.72
CA SER A 337 -5.22 10.32 -27.31
C SER A 337 -5.35 10.85 -28.72
N TRP A 338 -6.10 10.12 -29.55
CA TRP A 338 -6.32 10.51 -30.94
C TRP A 338 -6.88 11.92 -31.03
N ASP A 339 -7.65 12.33 -30.02
CA ASP A 339 -8.24 13.67 -30.01
C ASP A 339 -7.19 14.75 -29.82
N VAL A 340 -6.38 14.62 -28.77
CA VAL A 340 -5.34 15.61 -28.51
C VAL A 340 -4.49 15.78 -29.76
N LEU A 341 -3.99 14.66 -30.31
CA LEU A 341 -3.14 14.69 -31.49
C LEU A 341 -3.83 15.35 -32.66
N ALA A 342 -5.14 15.26 -32.69
CA ALA A 342 -5.93 15.84 -33.76
C ALA A 342 -6.07 17.37 -33.63
N ARG A 343 -6.29 17.82 -32.39
CA ARG A 343 -6.49 19.23 -32.11
C ARG A 343 -5.22 20.03 -31.83
N PHE A 344 -4.21 19.39 -31.27
CA PHE A 344 -2.97 20.06 -30.91
C PHE A 344 -1.68 19.47 -31.48
N GLY A 345 -1.78 18.33 -32.16
CA GLY A 345 -0.58 17.71 -32.69
C GLY A 345 0.26 17.15 -31.53
N ASN A 346 1.58 17.06 -31.71
CA ASN A 346 2.44 16.55 -30.64
C ASN A 346 3.24 17.64 -29.94
N MET A 347 2.80 18.01 -28.76
CA MET A 347 3.47 19.05 -28.01
C MET A 347 4.35 18.47 -26.92
N LEU A 348 5.02 17.38 -27.26
CA LEU A 348 5.95 16.70 -26.36
C LEU A 348 5.47 16.36 -24.95
N SER A 349 6.34 16.58 -23.97
CA SER A 349 6.02 16.25 -22.59
C SER A 349 4.69 16.79 -22.12
N VAL A 350 4.18 17.81 -22.80
CA VAL A 350 2.92 18.42 -22.40
C VAL A 350 1.73 17.56 -22.79
N SER A 351 1.74 17.03 -24.00
CA SER A 351 0.64 16.22 -24.50
C SER A 351 0.04 15.23 -23.52
N LEU A 352 0.89 14.46 -22.86
CA LEU A 352 0.37 13.48 -21.92
C LEU A 352 -0.65 14.12 -21.02
N ILE A 353 -0.31 15.25 -20.42
CA ILE A 353 -1.20 15.97 -19.52
C ILE A 353 -2.49 16.46 -20.17
N PHE A 354 -2.43 16.82 -21.45
CA PHE A 354 -3.64 17.27 -22.12
C PHE A 354 -4.62 16.12 -22.16
N VAL A 355 -4.11 14.94 -22.51
CA VAL A 355 -4.93 13.74 -22.58
C VAL A 355 -5.57 13.41 -21.22
N LEU A 356 -4.78 13.51 -20.15
CA LEU A 356 -5.27 13.23 -18.81
C LEU A 356 -6.42 14.16 -18.45
N GLU A 357 -6.24 15.44 -18.73
CA GLU A 357 -7.25 16.45 -18.44
C GLU A 357 -8.62 16.03 -18.99
N THR A 358 -8.65 15.68 -20.27
CA THR A 358 -9.88 15.22 -20.91
C THR A 358 -10.54 14.16 -20.07
N MET A 359 -9.77 13.12 -19.76
CA MET A 359 -10.24 12.00 -18.97
C MET A 359 -10.82 12.45 -17.66
N VAL A 360 -10.22 13.49 -17.09
CA VAL A 360 -10.72 13.99 -15.81
C VAL A 360 -12.03 14.76 -15.96
N GLN A 361 -12.22 15.42 -17.10
CA GLN A 361 -13.44 16.20 -17.35
C GLN A 361 -14.64 15.36 -17.77
N GLN A 362 -14.38 14.23 -18.41
CA GLN A 362 -15.47 13.36 -18.84
C GLN A 362 -15.21 11.89 -18.55
N ALA A 363 -16.15 11.26 -17.84
CA ALA A 363 -16.04 9.86 -17.47
C ALA A 363 -16.21 8.91 -18.65
N GLU A 364 -15.43 7.84 -18.66
CA GLU A 364 -15.49 6.85 -19.73
C GLU A 364 -16.43 5.70 -19.37
N SER A 365 -16.91 5.68 -18.13
CA SER A 365 -17.79 4.63 -17.69
C SER A 365 -18.63 5.23 -16.61
N ALA A 366 -19.35 4.39 -15.88
CA ALA A 366 -20.21 4.88 -14.80
C ALA A 366 -19.72 4.47 -13.42
N LYS A 367 -18.57 3.81 -13.35
CA LYS A 367 -18.04 3.36 -12.06
C LYS A 367 -17.38 4.47 -11.26
N ALA A 368 -17.53 4.45 -9.93
CA ALA A 368 -16.88 5.45 -9.10
C ALA A 368 -15.43 5.04 -9.27
N ILE A 369 -14.52 6.00 -9.39
CA ILE A 369 -13.10 5.66 -9.57
C ILE A 369 -12.83 4.93 -10.90
N SER A 370 -12.11 5.58 -11.80
CA SER A 370 -11.76 4.94 -13.08
C SER A 370 -10.26 4.68 -13.01
N THR A 371 -9.84 3.48 -13.36
CA THR A 371 -8.41 3.16 -13.34
C THR A 371 -7.84 3.34 -14.73
N GLY A 372 -6.60 3.82 -14.78
CA GLY A 372 -6.00 4.03 -16.07
C GLY A 372 -4.49 4.01 -16.04
N VAL A 373 -3.92 3.75 -17.20
CA VAL A 373 -2.49 3.70 -17.37
C VAL A 373 -2.09 4.81 -18.33
N ALA A 374 -0.97 5.45 -18.02
CA ALA A 374 -0.44 6.51 -18.86
C ALA A 374 1.01 6.13 -19.13
N PHE A 375 1.49 6.44 -20.33
CA PHE A 375 2.87 6.14 -20.66
C PHE A 375 3.27 6.89 -21.90
N ALA A 376 4.55 7.25 -21.97
CA ALA A 376 5.09 7.98 -23.11
C ALA A 376 6.46 7.42 -23.46
N PHE A 377 7.09 7.98 -24.49
CA PHE A 377 8.41 7.52 -24.90
C PHE A 377 9.48 8.61 -24.93
N GLY A 378 10.58 8.36 -24.23
CA GLY A 378 11.68 9.31 -24.18
C GLY A 378 12.96 8.76 -24.78
N PRO A 379 14.00 9.59 -24.98
CA PRO A 379 15.26 9.13 -25.55
C PRO A 379 15.86 7.88 -24.91
N GLY A 380 16.60 7.11 -25.72
CA GLY A 380 17.20 5.86 -25.28
C GLY A 380 16.15 4.82 -25.55
N VAL A 381 14.95 5.38 -25.73
CA VAL A 381 13.70 4.68 -25.94
C VAL A 381 13.46 4.05 -24.61
N THR A 382 12.83 4.87 -23.78
CA THR A 382 12.47 4.54 -22.42
C THR A 382 10.96 4.68 -22.33
N VAL A 383 10.31 3.69 -21.73
CA VAL A 383 8.89 3.79 -21.55
C VAL A 383 8.75 4.38 -20.17
N GLU A 384 8.10 5.52 -20.09
CA GLU A 384 7.90 6.23 -18.84
C GLU A 384 6.40 6.27 -18.67
N GLY A 385 5.88 5.79 -17.54
CA GLY A 385 4.45 5.84 -17.37
C GLY A 385 3.96 5.67 -15.95
N MET A 386 2.66 5.49 -15.79
CA MET A 386 2.07 5.34 -14.47
C MET A 386 0.66 4.76 -14.45
N LEU A 387 0.32 4.17 -13.30
CA LEU A 387 -1.00 3.59 -13.06
C LEU A 387 -1.70 4.59 -12.16
N PHE A 388 -2.89 5.02 -12.56
CA PHE A 388 -3.64 6.02 -11.78
C PHE A 388 -5.14 5.72 -11.60
N ASP A 389 -5.73 6.46 -10.68
CA ASP A 389 -7.15 6.33 -10.37
C ASP A 389 -7.77 7.72 -10.42
N ILE A 390 -8.93 7.83 -11.04
CA ILE A 390 -9.65 9.10 -11.11
C ILE A 390 -10.94 8.97 -10.29
N ILE A 391 -10.97 9.62 -9.14
CA ILE A 391 -12.16 9.56 -8.30
C ILE A 391 -13.32 10.19 -9.05
N ARG A 392 -14.36 9.40 -9.29
CA ARG A 392 -15.54 9.86 -10.01
C ARG A 392 -16.61 10.37 -9.04
N ARG A 393 -16.71 9.71 -7.89
CA ARG A 393 -17.68 10.08 -6.86
C ARG A 393 -17.45 9.32 -5.54
N THR B 31 14.02 9.05 9.88
CA THR B 31 14.77 8.71 8.64
C THR B 31 15.88 9.71 8.38
N VAL B 32 17.00 9.24 7.86
CA VAL B 32 18.13 10.12 7.60
C VAL B 32 18.73 9.87 6.23
N ALA B 33 19.12 10.95 5.56
CA ALA B 33 19.73 10.84 4.23
C ALA B 33 21.26 10.79 4.41
N VAL B 34 21.88 9.71 3.90
CA VAL B 34 23.32 9.54 4.02
C VAL B 34 24.07 9.41 2.71
N ILE B 35 25.21 10.09 2.63
CA ILE B 35 26.06 10.00 1.47
C ILE B 35 26.94 8.81 1.84
N GLU B 36 26.65 7.66 1.25
CA GLU B 36 27.36 6.43 1.56
C GLU B 36 28.52 6.11 0.62
N GLY B 37 28.55 6.80 -0.51
CA GLY B 37 29.60 6.60 -1.48
C GLY B 37 29.94 7.96 -2.07
N LEU B 38 31.19 8.13 -2.47
CA LEU B 38 31.62 9.40 -3.02
C LEU B 38 32.85 9.14 -3.88
N ALA B 39 32.85 9.65 -5.10
CA ALA B 39 34.00 9.42 -5.98
C ALA B 39 34.17 10.55 -6.98
N THR B 40 35.42 10.93 -7.23
CA THR B 40 35.73 12.00 -8.16
C THR B 40 36.64 11.48 -9.26
N GLY B 41 36.59 12.13 -10.41
CA GLY B 41 37.42 11.73 -11.52
C GLY B 41 37.70 12.95 -12.36
N THR B 42 38.54 12.80 -13.39
CA THR B 42 38.88 13.95 -14.20
C THR B 42 39.65 13.53 -15.44
N PRO B 43 39.53 14.28 -16.54
CA PRO B 43 40.29 13.89 -17.74
C PRO B 43 41.81 13.98 -17.47
N ARG B 44 42.56 13.00 -17.96
CA ARG B 44 44.01 12.89 -17.74
C ARG B 44 44.83 14.14 -18.01
N ARG B 45 44.60 14.80 -19.14
CA ARG B 45 45.36 16.00 -19.46
C ARG B 45 45.38 17.09 -18.37
N VAL B 46 46.58 17.49 -17.97
CA VAL B 46 46.75 18.54 -16.98
C VAL B 46 47.17 19.82 -17.70
N VAL B 47 46.66 20.96 -17.27
CA VAL B 47 46.99 22.23 -17.90
C VAL B 47 47.41 23.23 -16.83
N ASN B 48 48.65 23.68 -16.96
CA ASN B 48 49.24 24.64 -16.02
C ASN B 48 48.80 26.04 -16.43
N GLN B 49 48.19 26.78 -15.52
CA GLN B 49 47.74 28.14 -15.84
C GLN B 49 48.84 29.01 -16.46
N SER B 50 50.05 28.94 -15.91
CA SER B 50 51.17 29.72 -16.40
C SER B 50 51.33 29.53 -17.90
N ASP B 51 51.33 28.27 -18.34
CA ASP B 51 51.45 27.98 -19.76
C ASP B 51 50.19 28.45 -20.49
N ALA B 52 49.05 27.99 -20.04
CA ALA B 52 47.77 28.37 -20.64
C ALA B 52 47.76 29.85 -20.97
N ALA B 53 48.12 30.65 -19.97
CA ALA B 53 48.17 32.09 -20.10
C ALA B 53 48.98 32.46 -21.34
N ASP B 54 50.21 31.94 -21.41
CA ASP B 54 51.06 32.22 -22.54
C ASP B 54 50.46 31.74 -23.86
N ARG B 55 50.09 30.46 -23.95
CA ARG B 55 49.52 29.94 -25.20
C ARG B 55 48.30 30.73 -25.63
N VAL B 56 47.49 31.14 -24.65
CA VAL B 56 46.28 31.89 -24.94
C VAL B 56 46.61 33.31 -25.38
N ALA B 57 47.50 33.96 -24.64
CA ALA B 57 47.88 35.33 -24.96
C ALA B 57 48.18 35.50 -26.44
N GLU B 58 48.96 34.57 -26.98
CA GLU B 58 49.37 34.61 -28.37
C GLU B 58 48.26 34.64 -29.41
N LEU B 59 47.03 34.98 -29.01
CA LEU B 59 45.93 35.03 -29.96
C LEU B 59 45.45 36.45 -30.23
N GLY B 64 46.07 43.11 -29.82
CA GLY B 64 46.92 44.25 -29.58
C GLY B 64 47.20 44.50 -28.10
N GLN B 65 46.21 44.22 -27.26
CA GLN B 65 46.34 44.38 -25.82
C GLN B 65 46.18 43.01 -25.16
N ARG B 66 47.07 42.10 -25.55
CA ARG B 66 47.10 40.73 -25.03
C ARG B 66 47.76 40.79 -23.66
N GLU B 67 48.00 42.00 -23.17
CA GLU B 67 48.61 42.20 -21.85
C GLU B 67 47.58 41.84 -20.80
N ARG B 68 46.31 41.89 -21.18
CA ARG B 68 45.21 41.60 -20.27
C ARG B 68 45.16 40.14 -19.83
N ILE B 69 45.39 39.25 -20.78
CA ILE B 69 45.34 37.82 -20.54
C ILE B 69 46.25 37.34 -19.40
N PRO B 70 47.51 37.77 -19.38
CA PRO B 70 48.34 37.32 -18.27
C PRO B 70 47.78 37.83 -16.95
N ARG B 71 47.22 39.04 -16.99
CA ARG B 71 46.65 39.68 -15.79
C ARG B 71 45.53 38.86 -15.17
N VAL B 72 44.53 38.53 -16.00
CA VAL B 72 43.38 37.75 -15.55
C VAL B 72 43.81 36.39 -15.04
N TYR B 73 44.72 35.73 -15.75
CA TYR B 73 45.20 34.42 -15.36
C TYR B 73 45.97 34.43 -14.02
N GLN B 74 46.73 35.49 -13.75
CA GLN B 74 47.49 35.57 -12.50
C GLN B 74 46.49 35.70 -11.36
N LYS B 75 45.45 36.50 -11.58
CA LYS B 75 44.43 36.75 -10.57
C LYS B 75 43.48 35.56 -10.36
N SER B 76 43.50 34.60 -11.28
CA SER B 76 42.64 33.42 -11.21
C SER B 76 42.88 32.57 -9.97
N ARG B 77 44.12 32.52 -9.52
CA ARG B 77 44.50 31.74 -8.34
C ARG B 77 44.29 30.26 -8.63
N ILE B 78 44.48 29.91 -9.89
CA ILE B 78 44.36 28.56 -10.37
C ILE B 78 45.75 28.14 -10.84
N THR B 79 46.23 27.00 -10.36
CA THR B 79 47.53 26.54 -10.81
C THR B 79 47.36 25.55 -11.95
N THR B 80 46.33 24.71 -11.87
CA THR B 80 46.08 23.72 -12.92
C THR B 80 44.62 23.33 -13.00
N ARG B 81 44.27 22.73 -14.12
CA ARG B 81 42.93 22.24 -14.33
C ARG B 81 42.96 21.20 -15.43
N ARG B 82 42.08 20.20 -15.35
CA ARG B 82 42.07 19.14 -16.36
C ARG B 82 41.14 19.50 -17.51
N MET B 83 41.50 19.03 -18.70
CA MET B 83 40.71 19.29 -19.89
C MET B 83 40.60 18.07 -20.80
N ALA B 84 39.37 17.64 -21.05
CA ALA B 84 39.11 16.49 -21.89
C ALA B 84 39.70 16.69 -23.28
N VAL B 85 39.82 17.96 -23.67
CA VAL B 85 40.35 18.30 -24.98
C VAL B 85 41.29 19.47 -24.86
N ASP B 86 42.21 19.59 -25.80
CA ASP B 86 43.15 20.70 -25.83
C ASP B 86 42.60 21.64 -26.90
N PRO B 87 41.78 22.63 -26.50
CA PRO B 87 41.21 23.58 -27.45
C PRO B 87 42.21 24.35 -28.30
N LEU B 88 43.49 24.32 -27.91
CA LEU B 88 44.52 25.03 -28.67
C LEU B 88 45.30 24.10 -29.60
N ASP B 89 45.03 22.80 -29.48
CA ASP B 89 45.66 21.77 -30.29
C ASP B 89 45.49 22.13 -31.77
N ALA B 90 46.47 21.76 -32.59
CA ALA B 90 46.40 22.05 -34.02
C ALA B 90 45.08 21.59 -34.60
N LYS B 91 44.70 20.36 -34.26
CA LYS B 91 43.45 19.81 -34.74
C LYS B 91 42.31 20.78 -34.40
N PHE B 92 42.05 20.90 -33.10
CA PHE B 92 40.98 21.73 -32.56
C PHE B 92 40.96 23.20 -32.98
N ASP B 93 42.10 23.86 -32.90
CA ASP B 93 42.19 25.27 -33.23
C ASP B 93 41.43 25.74 -34.48
N VAL B 94 41.39 24.91 -35.51
CA VAL B 94 40.69 25.28 -36.74
C VAL B 94 39.18 25.17 -36.52
N PHE B 95 38.78 24.06 -35.91
CA PHE B 95 37.38 23.78 -35.62
C PHE B 95 36.77 24.82 -34.69
N ARG B 96 37.53 25.25 -33.69
CA ARG B 96 37.03 26.23 -32.74
C ARG B 96 36.92 27.64 -33.26
N ARG B 97 37.57 27.93 -34.37
CA ARG B 97 37.47 29.27 -34.93
C ARG B 97 36.24 29.32 -35.81
N GLU B 98 35.69 28.14 -36.07
CA GLU B 98 34.50 28.01 -36.91
C GLU B 98 33.17 28.34 -36.23
N PRO B 99 32.18 28.72 -37.03
CA PRO B 99 30.85 29.05 -36.54
C PRO B 99 29.95 27.82 -36.62
N ALA B 100 28.80 27.92 -35.96
CA ALA B 100 27.80 26.83 -35.97
C ALA B 100 28.37 25.45 -35.72
N THR B 101 29.00 25.23 -34.57
CA THR B 101 29.54 23.91 -34.29
C THR B 101 28.99 23.21 -33.02
N ILE B 102 27.98 23.79 -32.37
CA ILE B 102 27.44 23.16 -31.16
C ILE B 102 27.15 21.66 -31.28
N ARG B 103 26.45 21.26 -32.33
CA ARG B 103 26.13 19.84 -32.49
C ARG B 103 27.39 19.00 -32.30
N ASP B 104 28.39 19.22 -33.15
CA ASP B 104 29.64 18.47 -33.01
C ASP B 104 30.19 18.61 -31.60
N ARG B 105 30.14 19.82 -31.07
CA ARG B 105 30.65 20.03 -29.73
C ARG B 105 29.90 19.18 -28.71
N MET B 106 28.58 19.14 -28.82
CA MET B 106 27.78 18.34 -27.92
C MET B 106 28.16 16.87 -28.11
N HIS B 107 28.44 16.47 -29.34
CA HIS B 107 28.86 15.10 -29.57
C HIS B 107 30.17 14.87 -28.84
N LEU B 108 31.11 15.81 -28.97
CA LEU B 108 32.40 15.70 -28.28
C LEU B 108 32.19 15.50 -26.79
N PHE B 109 31.22 16.21 -26.24
CA PHE B 109 30.90 16.09 -24.82
C PHE B 109 30.62 14.63 -24.51
N TYR B 110 29.68 14.05 -25.24
CA TYR B 110 29.31 12.66 -25.04
C TYR B 110 30.52 11.72 -25.15
N GLU B 111 31.34 11.93 -26.17
CA GLU B 111 32.51 11.10 -26.40
C GLU B 111 33.45 11.07 -25.19
N HIS B 112 33.61 12.20 -24.52
CA HIS B 112 34.49 12.24 -23.36
C HIS B 112 33.77 12.05 -22.05
N ALA B 113 32.59 12.64 -21.96
CA ALA B 113 31.78 12.53 -20.75
C ALA B 113 31.55 11.08 -20.33
N VAL B 114 31.07 10.25 -21.27
CA VAL B 114 30.77 8.84 -20.98
C VAL B 114 31.88 8.09 -20.25
N PRO B 115 33.04 7.93 -20.89
CA PRO B 115 34.14 7.21 -20.25
C PRO B 115 34.35 7.66 -18.80
N LEU B 116 34.63 8.95 -18.63
CA LEU B 116 34.86 9.53 -17.33
C LEU B 116 33.71 9.27 -16.32
N ALA B 117 32.49 9.58 -16.72
CA ALA B 117 31.33 9.41 -15.86
C ALA B 117 31.16 7.95 -15.44
N VAL B 118 31.50 7.03 -16.33
CA VAL B 118 31.38 5.61 -16.04
C VAL B 118 32.42 5.17 -14.99
N ASP B 119 33.68 5.50 -15.24
CA ASP B 119 34.74 5.13 -14.32
C ASP B 119 34.47 5.71 -12.92
N VAL B 120 33.94 6.93 -12.86
CA VAL B 120 33.67 7.57 -11.56
C VAL B 120 32.51 6.90 -10.81
N SER B 121 31.52 6.45 -11.56
CA SER B 121 30.38 5.79 -10.95
C SER B 121 30.80 4.45 -10.37
N LYS B 122 31.52 3.67 -11.18
CA LYS B 122 32.00 2.38 -10.74
C LYS B 122 32.78 2.53 -9.46
N ARG B 123 33.62 3.56 -9.40
CA ARG B 123 34.43 3.77 -8.22
C ARG B 123 33.65 4.21 -6.99
N ALA B 124 32.55 4.92 -7.20
CA ALA B 124 31.72 5.38 -6.08
C ALA B 124 30.93 4.22 -5.49
N LEU B 125 30.61 3.26 -6.34
CA LEU B 125 29.86 2.08 -5.94
C LEU B 125 30.80 0.99 -5.46
N ALA B 126 31.97 0.93 -6.08
CA ALA B 126 32.99 -0.06 -5.75
C ALA B 126 33.08 -0.38 -4.26
N GLY B 127 33.06 0.67 -3.43
CA GLY B 127 33.17 0.46 -2.00
C GLY B 127 31.93 -0.07 -1.29
N LEU B 128 30.78 0.01 -1.94
CA LEU B 128 29.55 -0.45 -1.30
C LEU B 128 29.15 -1.87 -1.72
N PRO B 129 28.39 -2.55 -0.86
CA PRO B 129 27.93 -3.91 -1.11
C PRO B 129 26.54 -3.94 -1.75
N TYR B 130 26.20 -2.93 -2.54
CA TYR B 130 24.87 -2.93 -3.13
C TYR B 130 24.81 -3.63 -4.48
N ARG B 131 23.72 -4.34 -4.69
CA ARG B 131 23.50 -5.05 -5.92
C ARG B 131 22.75 -4.08 -6.82
N ALA B 132 22.96 -4.20 -8.13
CA ALA B 132 22.32 -3.31 -9.10
C ALA B 132 20.82 -3.11 -8.85
N ALA B 133 20.20 -4.09 -8.20
CA ALA B 133 18.78 -4.01 -7.91
C ALA B 133 18.43 -3.00 -6.83
N GLU B 134 19.39 -2.67 -5.98
CA GLU B 134 19.15 -1.73 -4.90
C GLU B 134 19.21 -0.26 -5.31
N ILE B 135 19.74 -0.01 -6.50
CA ILE B 135 19.87 1.34 -7.03
C ILE B 135 18.65 1.68 -7.85
N GLY B 136 17.75 2.50 -7.29
CA GLY B 136 16.53 2.81 -8.01
C GLY B 136 16.39 4.19 -8.63
N LEU B 137 17.41 5.03 -8.47
CA LEU B 137 17.34 6.37 -9.04
C LEU B 137 18.71 6.90 -9.47
N LEU B 138 18.76 7.46 -10.67
CA LEU B 138 19.98 8.05 -11.21
C LEU B 138 19.72 9.49 -11.63
N VAL B 139 20.41 10.42 -10.99
CA VAL B 139 20.29 11.84 -11.30
C VAL B 139 21.59 12.29 -12.00
N LEU B 140 21.47 12.93 -13.14
CA LEU B 140 22.64 13.38 -13.88
C LEU B 140 22.55 14.89 -14.09
N ALA B 141 23.57 15.62 -13.62
CA ALA B 141 23.58 17.07 -13.76
C ALA B 141 24.72 17.57 -14.63
N THR B 142 24.42 18.57 -15.45
CA THR B 142 25.41 19.18 -16.35
C THR B 142 24.89 20.54 -16.80
N SER B 143 25.79 21.33 -17.38
CA SER B 143 25.44 22.64 -17.91
C SER B 143 26.38 22.85 -19.09
N THR B 144 27.12 21.82 -19.45
CA THR B 144 28.07 21.94 -20.53
C THR B 144 27.89 20.95 -21.67
N GLY B 145 26.75 20.25 -21.70
CA GLY B 145 26.50 19.30 -22.77
C GLY B 145 25.04 18.89 -22.85
N PHE B 146 24.50 18.75 -24.06
CA PHE B 146 23.10 18.35 -24.25
C PHE B 146 22.98 17.37 -25.41
N ILE B 147 22.67 16.12 -25.07
CA ILE B 147 22.50 15.05 -26.05
C ILE B 147 21.54 14.03 -25.45
N ALA B 148 20.80 13.33 -26.30
CA ALA B 148 19.87 12.32 -25.83
C ALA B 148 19.72 11.28 -26.91
N PRO B 149 19.94 9.99 -26.57
CA PRO B 149 20.32 9.41 -25.27
C PRO B 149 21.65 9.98 -24.81
N GLY B 150 21.79 10.20 -23.50
CA GLY B 150 23.02 10.78 -23.01
C GLY B 150 23.85 9.92 -22.07
N VAL B 151 24.67 10.61 -21.27
CA VAL B 151 25.54 9.97 -20.31
C VAL B 151 24.75 9.13 -19.33
N ASP B 152 23.58 9.61 -18.94
CA ASP B 152 22.77 8.86 -18.00
C ASP B 152 22.53 7.45 -18.55
N VAL B 153 22.11 7.35 -19.81
CA VAL B 153 21.84 6.05 -20.43
C VAL B 153 23.11 5.23 -20.61
N ALA B 154 24.19 5.89 -21.02
CA ALA B 154 25.46 5.22 -21.21
C ALA B 154 25.91 4.62 -19.89
N ILE B 155 25.61 5.32 -18.80
CA ILE B 155 25.98 4.84 -17.48
C ILE B 155 25.19 3.57 -17.10
N VAL B 156 23.86 3.64 -17.18
CA VAL B 156 23.03 2.49 -16.83
C VAL B 156 23.50 1.23 -17.57
N LYS B 157 23.61 1.32 -18.88
CA LYS B 157 24.05 0.19 -19.68
C LYS B 157 25.44 -0.26 -19.28
N GLU B 158 26.37 0.68 -19.29
CA GLU B 158 27.76 0.38 -18.96
C GLU B 158 27.93 -0.29 -17.62
N LEU B 159 27.28 0.24 -16.59
CA LEU B 159 27.41 -0.32 -15.26
C LEU B 159 26.49 -1.48 -15.00
N GLY B 160 25.60 -1.76 -15.94
CA GLY B 160 24.67 -2.86 -15.77
C GLY B 160 23.62 -2.57 -14.72
N LEU B 161 23.17 -1.32 -14.64
CA LEU B 161 22.15 -0.94 -13.68
C LEU B 161 20.80 -1.44 -14.21
N SER B 162 19.83 -1.64 -13.32
CA SER B 162 18.54 -2.13 -13.78
C SER B 162 17.94 -1.29 -14.90
N PRO B 163 17.37 -1.95 -15.91
CA PRO B 163 16.77 -1.28 -17.05
C PRO B 163 15.60 -0.38 -16.64
N SER B 164 15.04 -0.66 -15.46
CA SER B 164 13.91 0.12 -14.99
C SER B 164 14.24 1.19 -13.96
N ILE B 165 15.52 1.49 -13.78
CA ILE B 165 15.95 2.52 -12.84
C ILE B 165 15.31 3.86 -13.22
N SER B 166 14.95 4.65 -12.22
CA SER B 166 14.38 5.96 -12.50
C SER B 166 15.53 6.88 -12.89
N ARG B 167 15.24 7.84 -13.77
CA ARG B 167 16.26 8.77 -14.21
C ARG B 167 15.78 10.21 -14.32
N VAL B 168 16.61 11.13 -13.86
CA VAL B 168 16.30 12.56 -13.92
C VAL B 168 17.55 13.28 -14.39
N VAL B 169 17.46 13.97 -15.53
CA VAL B 169 18.58 14.73 -16.05
C VAL B 169 18.42 16.20 -15.70
N VAL B 170 19.28 16.69 -14.82
CA VAL B 170 19.24 18.08 -14.37
C VAL B 170 20.17 19.02 -15.14
N ASN B 171 19.61 19.78 -16.08
CA ASN B 171 20.36 20.72 -16.90
C ASN B 171 20.27 22.21 -16.55
N PHE B 172 21.33 22.91 -16.91
CA PHE B 172 21.47 24.35 -16.72
C PHE B 172 21.22 24.97 -15.37
N MET B 173 21.55 24.25 -14.31
CA MET B 173 21.37 24.82 -12.98
C MET B 173 22.74 25.30 -12.49
N GLY B 174 23.69 25.30 -13.42
CA GLY B 174 25.04 25.76 -13.15
C GLY B 174 25.81 25.24 -11.95
N CYS B 175 26.79 26.02 -11.53
CA CYS B 175 27.68 25.69 -10.42
C CYS B 175 27.03 25.06 -9.20
N ALA B 176 25.72 25.25 -9.01
CA ALA B 176 25.05 24.68 -7.84
C ALA B 176 24.14 23.47 -8.10
N ALA B 177 24.22 22.89 -9.29
CA ALA B 177 23.40 21.74 -9.66
C ALA B 177 23.53 20.57 -8.67
N ALA B 178 24.74 20.35 -8.14
CA ALA B 178 24.98 19.26 -7.21
C ALA B 178 24.01 19.30 -6.05
N MET B 179 23.65 20.49 -5.60
CA MET B 179 22.72 20.61 -4.48
C MET B 179 21.30 20.28 -4.91
N ASN B 180 20.96 20.63 -6.14
CA ASN B 180 19.63 20.36 -6.67
C ASN B 180 19.53 18.86 -6.86
N ALA B 181 20.58 18.29 -7.42
CA ALA B 181 20.65 16.86 -7.70
C ALA B 181 20.56 16.08 -6.40
N LEU B 182 21.39 16.46 -5.44
CA LEU B 182 21.42 15.81 -4.15
C LEU B 182 20.05 15.83 -3.49
N GLY B 183 19.31 16.92 -3.67
CA GLY B 183 17.99 17.03 -3.07
C GLY B 183 17.02 16.02 -3.66
N THR B 184 17.13 15.84 -4.96
CA THR B 184 16.29 14.89 -5.68
C THR B 184 16.57 13.48 -5.18
N ALA B 185 17.82 13.24 -4.80
CA ALA B 185 18.20 11.92 -4.33
C ALA B 185 17.70 11.65 -2.90
N THR B 186 17.80 12.64 -2.01
CA THR B 186 17.35 12.41 -0.65
C THR B 186 15.84 12.22 -0.58
N ASN B 187 15.10 12.98 -1.38
CA ASN B 187 13.65 12.84 -1.41
C ASN B 187 13.32 11.42 -1.81
N TYR B 188 13.91 10.97 -2.91
CA TYR B 188 13.72 9.60 -3.42
C TYR B 188 13.97 8.60 -2.29
N VAL B 189 15.23 8.49 -1.89
CA VAL B 189 15.64 7.59 -0.82
C VAL B 189 14.74 7.71 0.40
N ARG B 190 14.11 8.86 0.57
CA ARG B 190 13.21 9.03 1.71
C ARG B 190 11.83 8.45 1.45
N ALA B 191 11.49 8.33 0.18
CA ALA B 191 10.21 7.77 -0.20
C ALA B 191 10.39 6.27 -0.41
N HIS B 192 11.64 5.84 -0.58
CA HIS B 192 11.98 4.45 -0.79
C HIS B 192 13.28 4.12 -0.06
N PRO B 193 13.23 4.06 1.27
CA PRO B 193 14.36 3.77 2.16
C PRO B 193 15.21 2.56 1.80
N ALA B 194 14.57 1.51 1.29
CA ALA B 194 15.28 0.30 0.93
C ALA B 194 16.03 0.49 -0.39
N MET B 195 15.84 1.63 -1.03
CA MET B 195 16.52 1.88 -2.28
C MET B 195 17.71 2.81 -2.10
N LYS B 196 18.53 2.89 -3.12
CA LYS B 196 19.70 3.76 -3.11
C LYS B 196 19.61 4.65 -4.34
N ALA B 197 20.29 5.78 -4.31
CA ALA B 197 20.25 6.69 -5.44
C ALA B 197 21.66 7.10 -5.81
N LEU B 198 21.89 7.21 -7.11
CA LEU B 198 23.20 7.58 -7.64
C LEU B 198 23.13 8.97 -8.29
N VAL B 199 23.95 9.89 -7.79
CA VAL B 199 24.04 11.25 -8.32
C VAL B 199 25.34 11.42 -9.10
N VAL B 200 25.23 11.80 -10.37
CA VAL B 200 26.43 11.98 -11.20
C VAL B 200 26.51 13.37 -11.82
N CYS B 201 27.63 14.04 -11.61
CA CYS B 201 27.86 15.35 -12.20
C CYS B 201 29.02 15.27 -13.16
N ILE B 202 28.80 15.79 -14.37
CA ILE B 202 29.84 15.83 -15.39
C ILE B 202 29.81 17.20 -15.98
N GLU B 203 30.93 17.88 -15.92
CA GLU B 203 31.05 19.21 -16.47
C GLU B 203 32.33 19.17 -17.32
N LEU B 204 32.18 19.50 -18.60
CA LEU B 204 33.29 19.48 -19.54
C LEU B 204 33.34 20.77 -20.35
N PHE B 205 33.72 21.87 -19.71
CA PHE B 205 33.77 23.14 -20.41
C PHE B 205 34.70 23.14 -21.62
N SER B 206 35.85 22.49 -21.50
CA SER B 206 36.82 22.47 -22.60
C SER B 206 36.18 22.21 -23.96
N VAL B 207 35.17 21.36 -24.00
CA VAL B 207 34.49 21.04 -25.25
C VAL B 207 33.76 22.25 -25.85
N ASN B 208 33.53 23.27 -25.04
CA ASN B 208 32.85 24.47 -25.49
C ASN B 208 33.81 25.63 -25.70
N ALA B 209 35.10 25.41 -25.46
CA ALA B 209 36.11 26.46 -25.60
C ALA B 209 36.11 27.17 -26.96
N VAL B 210 36.06 28.50 -26.91
CA VAL B 210 36.05 29.34 -28.11
C VAL B 210 37.13 30.44 -28.12
N PHE B 211 37.48 30.94 -26.94
CA PHE B 211 38.49 32.00 -26.78
C PHE B 211 38.18 33.24 -27.63
N ALA B 212 37.08 33.90 -27.29
CA ALA B 212 36.64 35.10 -27.99
C ALA B 212 37.22 36.36 -27.34
N ASP B 213 37.00 37.49 -28.00
CA ASP B 213 37.50 38.80 -27.56
C ASP B 213 36.97 39.41 -26.27
N ASP B 214 35.66 39.42 -26.07
CA ASP B 214 35.11 40.06 -24.88
C ASP B 214 35.75 39.59 -23.56
N ILE B 215 35.73 40.48 -22.58
CA ILE B 215 36.33 40.23 -21.29
C ILE B 215 35.71 39.06 -20.55
N ASN B 216 34.39 38.93 -20.64
CA ASN B 216 33.72 37.84 -19.95
C ASN B 216 34.23 36.49 -20.45
N ASP B 217 34.40 36.38 -21.76
CA ASP B 217 34.88 35.12 -22.33
C ASP B 217 36.29 34.85 -21.83
N VAL B 218 37.10 35.90 -21.69
CA VAL B 218 38.46 35.74 -21.20
C VAL B 218 38.43 35.18 -19.77
N VAL B 219 37.70 35.86 -18.89
CA VAL B 219 37.57 35.41 -17.50
C VAL B 219 37.07 33.96 -17.46
N ILE B 220 35.85 33.76 -17.97
CA ILE B 220 35.21 32.45 -18.03
C ILE B 220 36.19 31.36 -18.48
N HIS B 221 36.92 31.64 -19.57
CA HIS B 221 37.90 30.68 -20.12
C HIS B 221 39.17 30.45 -19.29
N SER B 222 39.46 31.34 -18.35
CA SER B 222 40.63 31.19 -17.51
C SER B 222 40.26 30.47 -16.21
N LEU B 223 38.96 30.28 -16.00
CA LEU B 223 38.46 29.65 -14.78
C LEU B 223 37.94 28.22 -14.83
N PHE B 224 37.18 27.87 -15.87
CA PHE B 224 36.58 26.55 -15.93
C PHE B 224 37.44 25.35 -16.30
N GLY B 225 37.26 24.28 -15.54
CA GLY B 225 37.97 23.04 -15.78
C GLY B 225 36.98 21.92 -16.05
N ASP B 226 37.49 20.75 -16.44
CA ASP B 226 36.64 19.60 -16.69
C ASP B 226 36.71 18.68 -15.50
N GLY B 227 35.63 17.94 -15.26
CA GLY B 227 35.63 17.04 -14.14
C GLY B 227 34.31 16.33 -13.95
N CYS B 228 34.34 15.29 -13.11
CA CYS B 228 33.17 14.51 -12.82
C CYS B 228 33.22 14.06 -11.37
N ALA B 229 32.04 13.82 -10.78
CA ALA B 229 31.93 13.39 -9.40
C ALA B 229 30.63 12.62 -9.26
N ALA B 230 30.61 11.60 -8.40
CA ALA B 230 29.42 10.79 -8.18
C ALA B 230 29.20 10.57 -6.69
N LEU B 231 27.94 10.34 -6.33
CA LEU B 231 27.54 10.09 -4.95
C LEU B 231 26.56 8.91 -4.86
N VAL B 232 26.59 8.19 -3.74
CA VAL B 232 25.66 7.08 -3.54
C VAL B 232 24.88 7.43 -2.28
N ILE B 233 23.59 7.68 -2.43
CA ILE B 233 22.73 8.04 -1.31
C ILE B 233 21.78 6.93 -0.83
N GLY B 234 21.57 6.84 0.47
CA GLY B 234 20.68 5.84 1.03
C GLY B 234 19.96 6.41 2.25
N ALA B 235 18.85 5.79 2.65
CA ALA B 235 18.12 6.27 3.82
C ALA B 235 18.67 5.51 5.02
N SER B 236 18.42 6.01 6.22
CA SER B 236 18.91 5.32 7.41
C SER B 236 18.06 5.65 8.63
N GLN B 237 17.90 4.69 9.53
CA GLN B 237 17.08 4.92 10.71
C GLN B 237 17.74 5.89 11.65
N VAL B 238 16.99 6.93 12.03
CA VAL B 238 17.49 7.97 12.94
C VAL B 238 18.41 7.39 14.01
N GLN B 239 18.09 6.19 14.48
CA GLN B 239 18.88 5.54 15.51
C GLN B 239 20.28 5.18 15.02
N GLU B 240 20.35 4.09 14.25
CA GLU B 240 21.60 3.54 13.70
C GLU B 240 22.90 4.36 13.82
N LYS B 241 23.98 3.67 14.18
CA LYS B 241 25.29 4.30 14.31
C LYS B 241 26.08 4.10 13.02
N LEU B 242 26.28 5.17 12.28
CA LEU B 242 26.98 5.12 11.00
C LEU B 242 28.50 4.99 11.17
N GLU B 243 29.15 4.34 10.21
CA GLU B 243 30.60 4.18 10.27
C GLU B 243 31.31 5.43 9.75
N PRO B 244 32.55 5.65 10.20
CA PRO B 244 33.31 6.83 9.77
C PRO B 244 33.22 7.06 8.27
N GLY B 245 33.41 8.30 7.86
CA GLY B 245 33.35 8.63 6.45
C GLY B 245 31.95 8.97 5.98
N LYS B 246 30.95 8.34 6.56
CA LYS B 246 29.57 8.59 6.18
C LYS B 246 29.16 10.04 6.42
N VAL B 247 28.50 10.65 5.43
CA VAL B 247 28.06 12.02 5.56
C VAL B 247 26.54 12.14 5.67
N VAL B 248 26.09 12.64 6.81
CA VAL B 248 24.66 12.81 7.03
C VAL B 248 24.19 14.17 6.52
N VAL B 249 23.30 14.14 5.53
CA VAL B 249 22.73 15.37 4.96
C VAL B 249 21.62 15.80 5.93
N ARG B 250 21.95 16.71 6.86
CA ARG B 250 20.99 17.18 7.85
C ARG B 250 19.88 18.05 7.30
N SER B 251 20.23 18.98 6.43
CA SER B 251 19.25 19.88 5.86
C SER B 251 19.82 20.53 4.62
N SER B 252 18.95 20.83 3.66
CA SER B 252 19.35 21.49 2.43
C SER B 252 18.54 22.78 2.31
N PHE B 253 19.03 23.76 1.56
CA PHE B 253 18.31 25.04 1.44
C PHE B 253 18.52 25.76 0.11
N SER B 254 17.60 26.66 -0.20
CA SER B 254 17.65 27.44 -1.43
C SER B 254 17.24 28.88 -1.14
N GLN B 255 17.73 29.80 -1.95
CA GLN B 255 17.39 31.21 -1.80
C GLN B 255 17.58 31.97 -3.09
N LEU B 256 16.46 32.44 -3.64
CA LEU B 256 16.50 33.22 -4.86
C LEU B 256 16.76 34.61 -4.33
N LEU B 257 17.87 35.22 -4.73
CA LEU B 257 18.20 36.56 -4.26
C LEU B 257 17.50 37.62 -5.11
N ASP B 258 16.81 38.55 -4.44
CA ASP B 258 16.10 39.64 -5.10
C ASP B 258 17.01 40.44 -6.04
N ASN B 259 16.46 40.84 -7.18
CA ASN B 259 17.21 41.63 -8.15
C ASN B 259 18.67 41.24 -8.28
N THR B 260 18.90 40.09 -8.90
CA THR B 260 20.25 39.60 -9.08
C THR B 260 20.32 38.81 -10.38
N GLU B 261 19.17 38.60 -11.02
CA GLU B 261 19.08 37.83 -12.24
C GLU B 261 20.27 37.89 -13.19
N ASP B 262 20.85 39.07 -13.35
CA ASP B 262 21.99 39.25 -14.23
C ASP B 262 23.27 38.56 -13.74
N GLY B 263 23.29 38.25 -12.44
CA GLY B 263 24.45 37.61 -11.81
C GLY B 263 25.18 36.50 -12.56
N ILE B 264 24.48 35.40 -12.78
CA ILE B 264 25.05 34.26 -13.50
C ILE B 264 24.10 33.96 -14.65
N VAL B 265 24.62 33.92 -15.88
CA VAL B 265 23.79 33.68 -17.04
C VAL B 265 24.36 32.63 -18.01
N LEU B 266 23.57 31.58 -18.25
CA LEU B 266 23.95 30.48 -19.14
C LEU B 266 23.18 30.56 -20.44
N GLY B 267 23.84 30.25 -21.54
CA GLY B 267 23.16 30.33 -22.83
C GLY B 267 23.77 29.39 -23.83
N VAL B 268 23.09 29.20 -24.95
CA VAL B 268 23.61 28.29 -25.96
C VAL B 268 23.88 29.02 -27.27
N ASN B 269 25.15 29.19 -27.62
CA ASN B 269 25.53 29.87 -28.85
C ASN B 269 25.84 28.85 -29.93
N HIS B 270 25.85 29.32 -31.17
CA HIS B 270 26.13 28.47 -32.32
C HIS B 270 27.45 27.71 -32.27
N ASN B 271 28.38 28.22 -31.47
CA ASN B 271 29.70 27.60 -31.37
C ASN B 271 30.04 27.18 -29.94
N GLY B 272 29.02 26.92 -29.14
CA GLY B 272 29.29 26.49 -27.79
C GLY B 272 28.39 27.08 -26.73
N ILE B 273 28.52 26.52 -25.53
CA ILE B 273 27.76 26.95 -24.39
C ILE B 273 28.60 27.98 -23.66
N THR B 274 27.96 28.96 -23.04
CA THR B 274 28.67 29.97 -22.27
C THR B 274 27.96 30.33 -21.00
N CYS B 275 28.73 31.03 -20.18
CA CYS B 275 28.30 31.51 -18.90
C CYS B 275 28.63 32.99 -19.00
N GLU B 276 27.74 33.83 -18.50
CA GLU B 276 27.94 35.26 -18.55
C GLU B 276 27.83 35.84 -17.16
N LEU B 277 28.95 35.88 -16.44
CA LEU B 277 28.98 36.41 -15.09
C LEU B 277 28.92 37.92 -15.08
N SER B 278 28.11 38.47 -14.19
CA SER B 278 27.93 39.92 -14.07
C SER B 278 28.97 40.54 -13.14
N GLU B 279 29.24 41.82 -13.33
CA GLU B 279 30.20 42.50 -12.49
C GLU B 279 29.65 42.66 -11.09
N ASN B 280 28.32 42.56 -10.95
CA ASN B 280 27.65 42.70 -9.65
C ASN B 280 27.59 41.39 -8.85
N LEU B 281 28.10 40.29 -9.42
CA LEU B 281 28.02 39.00 -8.75
C LEU B 281 28.66 38.92 -7.38
N PRO B 282 29.97 39.22 -7.29
CA PRO B 282 30.60 39.15 -5.97
C PRO B 282 29.83 39.91 -4.88
N GLY B 283 29.30 41.08 -5.24
CA GLY B 283 28.54 41.86 -4.29
C GLY B 283 27.28 41.13 -3.90
N TYR B 284 26.61 40.51 -4.88
CA TYR B 284 25.40 39.76 -4.57
C TYR B 284 25.79 38.72 -3.52
N ILE B 285 26.89 38.03 -3.81
CA ILE B 285 27.39 37.00 -2.91
C ILE B 285 27.65 37.56 -1.53
N PHE B 286 28.34 38.70 -1.46
CA PHE B 286 28.66 39.29 -0.17
C PHE B 286 27.46 39.57 0.72
N SER B 287 26.42 40.15 0.15
CA SER B 287 25.25 40.46 0.95
C SER B 287 24.18 39.39 0.91
N GLY B 288 24.42 38.30 0.19
CA GLY B 288 23.44 37.24 0.10
C GLY B 288 23.70 35.99 0.96
N VAL B 289 24.96 35.56 1.00
CA VAL B 289 25.33 34.39 1.76
C VAL B 289 24.95 34.46 3.24
N ALA B 290 25.57 35.39 3.96
CA ALA B 290 25.32 35.55 5.40
C ALA B 290 23.86 35.45 5.85
N PRO B 291 22.97 36.30 5.30
CA PRO B 291 21.57 36.22 5.72
C PRO B 291 20.89 34.86 5.59
N VAL B 292 21.21 34.13 4.53
CA VAL B 292 20.62 32.81 4.30
C VAL B 292 21.19 31.85 5.34
N VAL B 293 22.49 31.58 5.23
CA VAL B 293 23.20 30.70 6.13
C VAL B 293 22.77 30.88 7.59
N THR B 294 22.75 32.13 8.04
CA THR B 294 22.39 32.45 9.41
C THR B 294 20.99 31.98 9.79
N GLU B 295 20.01 32.21 8.93
CA GLU B 295 18.65 31.76 9.23
C GLU B 295 18.64 30.24 9.27
N MET B 296 19.14 29.63 8.20
CA MET B 296 19.20 28.20 8.11
C MET B 296 19.83 27.63 9.40
N LEU B 297 20.95 28.17 9.81
CA LEU B 297 21.59 27.69 11.03
C LEU B 297 20.69 27.87 12.25
N TRP B 298 20.13 29.07 12.38
CA TRP B 298 19.25 29.39 13.50
C TRP B 298 18.09 28.41 13.56
N ASP B 299 17.66 27.94 12.39
CA ASP B 299 16.56 26.99 12.34
C ASP B 299 17.03 25.61 12.76
N ASN B 300 18.33 25.46 12.94
CA ASN B 300 18.87 24.19 13.36
C ASN B 300 19.61 24.31 14.70
N GLY B 301 19.34 25.39 15.41
CA GLY B 301 19.98 25.62 16.69
C GLY B 301 21.47 25.83 16.60
N LEU B 302 21.94 26.39 15.50
CA LEU B 302 23.37 26.63 15.29
C LEU B 302 23.74 28.07 14.95
N GLN B 303 25.03 28.37 15.06
CA GLN B 303 25.59 29.68 14.74
C GLN B 303 26.79 29.48 13.84
N ILE B 304 27.15 30.51 13.07
CA ILE B 304 28.30 30.44 12.18
C ILE B 304 29.51 29.95 12.96
N SER B 305 29.60 30.39 14.21
CA SER B 305 30.69 30.01 15.09
C SER B 305 30.70 28.55 15.52
N ASP B 306 29.67 27.80 15.12
CA ASP B 306 29.56 26.38 15.47
C ASP B 306 30.06 25.44 14.39
N ILE B 307 30.01 25.88 13.13
CA ILE B 307 30.43 25.06 12.01
C ILE B 307 31.93 24.72 12.01
N ASP B 308 32.27 23.49 11.66
CA ASP B 308 33.66 23.07 11.62
C ASP B 308 34.22 23.20 10.21
N LEU B 309 33.39 22.84 9.23
CA LEU B 309 33.78 22.85 7.84
C LEU B 309 32.93 23.79 7.00
N TRP B 310 33.55 24.43 6.02
CA TRP B 310 32.83 25.31 5.14
C TRP B 310 33.17 24.96 3.70
N ALA B 311 32.33 24.14 3.09
CA ALA B 311 32.51 23.74 1.71
C ALA B 311 31.98 24.86 0.83
N ILE B 312 32.77 25.91 0.68
CA ILE B 312 32.41 27.06 -0.14
C ILE B 312 32.73 26.65 -1.57
N HIS B 313 31.75 26.77 -2.47
CA HIS B 313 32.00 26.42 -3.84
C HIS B 313 33.15 27.25 -4.38
N PRO B 314 34.22 26.60 -4.85
CA PRO B 314 35.35 27.35 -5.39
C PRO B 314 35.05 27.80 -6.81
N GLY B 315 34.11 28.72 -6.96
CA GLY B 315 33.75 29.21 -8.27
C GLY B 315 34.70 30.22 -8.87
N GLY B 316 35.66 30.67 -8.07
CA GLY B 316 36.62 31.66 -8.50
C GLY B 316 37.08 32.36 -7.24
N PRO B 317 38.22 33.08 -7.31
CA PRO B 317 38.76 33.81 -6.17
C PRO B 317 37.80 34.75 -5.48
N LYS B 318 37.01 35.50 -6.25
CA LYS B 318 36.08 36.41 -5.63
C LYS B 318 34.93 35.66 -4.99
N ILE B 319 34.46 34.60 -5.65
CA ILE B 319 33.37 33.81 -5.10
C ILE B 319 33.74 33.32 -3.71
N ILE B 320 34.95 32.80 -3.57
CA ILE B 320 35.40 32.29 -2.29
C ILE B 320 35.68 33.44 -1.35
N GLU B 321 36.25 34.51 -1.90
CA GLU B 321 36.57 35.71 -1.15
C GLU B 321 35.34 36.29 -0.45
N GLN B 322 34.35 36.68 -1.25
CA GLN B 322 33.14 37.29 -0.71
C GLN B 322 32.29 36.39 0.19
N SER B 323 32.36 35.09 -0.03
CA SER B 323 31.61 34.17 0.80
C SER B 323 32.23 34.19 2.18
N VAL B 324 33.55 34.07 2.23
CA VAL B 324 34.27 34.09 3.48
C VAL B 324 33.98 35.40 4.21
N ARG B 325 34.14 36.50 3.50
CA ARG B 325 33.90 37.82 4.06
C ARG B 325 32.47 38.04 4.52
N SER B 326 31.50 37.50 3.79
CA SER B 326 30.11 37.65 4.17
C SER B 326 29.86 36.94 5.51
N LEU B 327 30.48 35.78 5.69
CA LEU B 327 30.32 34.99 6.91
C LEU B 327 31.14 35.49 8.08
N GLY B 328 32.17 36.26 7.78
CA GLY B 328 33.03 36.79 8.82
C GLY B 328 33.79 35.70 9.55
N ILE B 329 34.31 34.74 8.78
CA ILE B 329 35.05 33.64 9.36
C ILE B 329 36.52 33.73 8.97
N SER B 330 37.35 32.96 9.67
CA SER B 330 38.78 32.97 9.40
C SER B 330 39.03 32.55 7.97
N ALA B 331 39.90 33.30 7.29
CA ALA B 331 40.24 33.04 5.89
C ALA B 331 40.62 31.59 5.67
N GLU B 332 41.18 30.99 6.71
CA GLU B 332 41.64 29.61 6.67
C GLU B 332 40.54 28.56 6.56
N LEU B 333 39.37 28.87 7.09
CA LEU B 333 38.26 27.93 7.03
C LEU B 333 37.90 27.59 5.58
N ALA B 334 38.42 28.39 4.65
CA ALA B 334 38.16 28.20 3.22
C ALA B 334 39.34 27.57 2.52
N ALA B 335 40.14 26.81 3.26
CA ALA B 335 41.31 26.15 2.71
C ALA B 335 40.93 25.10 1.67
N GLN B 336 40.08 24.16 2.06
CA GLN B 336 39.66 23.10 1.16
C GLN B 336 39.16 23.66 -0.18
N SER B 337 38.39 24.74 -0.11
CA SER B 337 37.87 25.36 -1.32
C SER B 337 39.02 25.90 -2.17
N TRP B 338 39.81 26.79 -1.57
CA TRP B 338 40.92 27.39 -2.28
C TRP B 338 41.75 26.32 -2.97
N ASP B 339 42.03 25.24 -2.26
CA ASP B 339 42.84 24.17 -2.80
C ASP B 339 42.26 23.55 -4.05
N VAL B 340 40.96 23.23 -4.00
CA VAL B 340 40.31 22.64 -5.16
C VAL B 340 40.36 23.63 -6.33
N LEU B 341 40.15 24.90 -6.02
CA LEU B 341 40.18 25.94 -7.04
C LEU B 341 41.59 26.00 -7.62
N ALA B 342 42.58 25.83 -6.75
CA ALA B 342 43.97 25.88 -7.18
C ALA B 342 44.36 24.74 -8.12
N ARG B 343 43.93 23.52 -7.79
CA ARG B 343 44.27 22.34 -8.57
C ARG B 343 43.37 21.96 -9.74
N PHE B 344 42.08 22.29 -9.67
CA PHE B 344 41.16 21.92 -10.75
C PHE B 344 40.38 23.05 -11.38
N GLY B 345 40.52 24.26 -10.85
CA GLY B 345 39.80 25.39 -11.40
C GLY B 345 38.32 25.14 -11.11
N ASN B 346 37.44 25.89 -11.76
CA ASN B 346 36.01 25.74 -11.55
C ASN B 346 35.48 24.63 -12.46
N MET B 347 34.91 23.58 -11.86
CA MET B 347 34.33 22.46 -12.61
C MET B 347 32.82 22.45 -12.34
N LEU B 348 32.25 23.64 -12.24
CA LEU B 348 30.82 23.85 -11.96
C LEU B 348 30.25 23.01 -10.81
N SER B 349 29.17 22.27 -11.06
CA SER B 349 28.54 21.47 -10.00
C SER B 349 29.48 20.44 -9.39
N VAL B 350 30.48 20.03 -10.17
CA VAL B 350 31.45 19.04 -9.75
C VAL B 350 32.30 19.52 -8.56
N SER B 351 32.83 20.73 -8.68
CA SER B 351 33.69 21.32 -7.66
C SER B 351 33.24 21.12 -6.21
N LEU B 352 31.96 21.34 -5.96
CA LEU B 352 31.44 21.20 -4.60
C LEU B 352 31.67 19.79 -4.04
N ILE B 353 31.71 18.78 -4.89
CA ILE B 353 31.92 17.43 -4.37
C ILE B 353 33.39 17.11 -4.13
N PHE B 354 34.28 17.71 -4.91
CA PHE B 354 35.70 17.50 -4.71
C PHE B 354 36.00 18.01 -3.31
N VAL B 355 35.55 19.24 -3.03
CA VAL B 355 35.77 19.82 -1.72
C VAL B 355 35.29 18.88 -0.60
N LEU B 356 34.04 18.44 -0.69
CA LEU B 356 33.47 17.55 0.30
C LEU B 356 34.36 16.33 0.49
N GLU B 357 34.85 15.78 -0.61
CA GLU B 357 35.72 14.61 -0.53
C GLU B 357 36.97 14.88 0.32
N THR B 358 37.56 16.06 0.14
CA THR B 358 38.75 16.44 0.89
C THR B 358 38.38 16.47 2.37
N MET B 359 37.21 17.02 2.66
CA MET B 359 36.76 17.11 4.04
C MET B 359 36.48 15.73 4.61
N VAL B 360 36.12 14.78 3.75
CA VAL B 360 35.87 13.42 4.20
C VAL B 360 37.20 12.73 4.41
N GLN B 361 38.08 12.81 3.42
CA GLN B 361 39.41 12.18 3.51
C GLN B 361 40.27 12.70 4.66
N GLN B 362 40.29 14.01 4.89
CA GLN B 362 41.11 14.56 5.97
C GLN B 362 40.35 15.39 6.99
N ALA B 363 40.27 14.87 8.22
CA ALA B 363 39.56 15.53 9.32
C ALA B 363 40.22 16.84 9.73
N GLU B 364 39.41 17.79 10.21
CA GLU B 364 39.92 19.10 10.61
C GLU B 364 40.02 19.27 12.13
N SER B 365 39.88 18.18 12.86
CA SER B 365 39.95 18.24 14.32
C SER B 365 39.72 16.86 14.92
N ALA B 366 39.94 16.74 16.22
CA ALA B 366 39.79 15.46 16.91
C ALA B 366 38.39 15.14 17.41
N LYS B 367 37.36 15.77 16.85
CA LYS B 367 36.01 15.47 17.33
C LYS B 367 35.30 14.36 16.56
N ALA B 368 34.48 13.60 17.28
CA ALA B 368 33.70 12.55 16.65
C ALA B 368 32.60 13.37 16.03
N ILE B 369 32.41 13.25 14.71
CA ILE B 369 31.41 14.03 14.00
C ILE B 369 31.78 15.51 13.77
N SER B 370 31.96 15.85 12.49
CA SER B 370 32.31 17.21 12.09
C SER B 370 31.10 17.89 11.42
N THR B 371 30.64 18.99 11.98
CA THR B 371 29.51 19.70 11.37
C THR B 371 29.97 20.76 10.36
N GLY B 372 29.48 20.64 9.14
CA GLY B 372 29.84 21.58 8.10
C GLY B 372 28.66 22.08 7.29
N VAL B 373 28.88 23.20 6.62
CA VAL B 373 27.87 23.81 5.76
C VAL B 373 28.47 23.92 4.35
N ALA B 374 27.67 23.62 3.35
CA ALA B 374 28.10 23.69 1.96
C ALA B 374 27.11 24.54 1.19
N PHE B 375 27.60 25.20 0.15
CA PHE B 375 26.74 26.02 -0.72
C PHE B 375 27.46 26.53 -1.96
N ALA B 376 26.70 26.72 -3.02
CA ALA B 376 27.22 27.21 -4.29
C ALA B 376 26.17 28.18 -4.79
N PHE B 377 26.45 28.84 -5.92
CA PHE B 377 25.48 29.78 -6.45
C PHE B 377 25.08 29.40 -7.85
N GLY B 378 23.79 29.49 -8.12
CA GLY B 378 23.29 29.16 -9.43
C GLY B 378 22.51 30.30 -10.06
N PRO B 379 22.07 30.14 -11.31
CA PRO B 379 21.31 31.15 -12.05
C PRO B 379 20.19 31.84 -11.27
N GLY B 380 19.81 33.02 -11.76
CA GLY B 380 18.77 33.84 -11.14
C GLY B 380 19.39 34.42 -9.89
N VAL B 381 20.48 33.73 -9.52
CA VAL B 381 21.33 33.95 -8.36
C VAL B 381 20.54 33.38 -7.21
N THR B 382 20.73 32.08 -7.10
CA THR B 382 20.10 31.26 -6.11
C THR B 382 21.21 30.65 -5.29
N VAL B 383 21.11 30.81 -3.98
CA VAL B 383 22.08 30.22 -3.10
C VAL B 383 21.49 28.87 -2.74
N GLU B 384 22.24 27.81 -3.04
CA GLU B 384 21.84 26.43 -2.74
C GLU B 384 22.94 25.78 -1.90
N GLY B 385 22.56 25.09 -0.85
CA GLY B 385 23.56 24.46 0.01
C GLY B 385 22.97 23.42 0.92
N MET B 386 23.69 23.05 1.97
CA MET B 386 23.20 22.03 2.89
C MET B 386 23.92 22.01 4.23
N LEU B 387 23.23 21.47 5.23
CA LEU B 387 23.82 21.30 6.55
C LEU B 387 24.17 19.81 6.54
N PHE B 388 25.37 19.49 7.01
CA PHE B 388 25.79 18.09 7.00
C PHE B 388 26.78 17.76 8.10
N ASP B 389 26.82 16.47 8.44
CA ASP B 389 27.72 15.96 9.45
C ASP B 389 28.61 14.94 8.76
N ILE B 390 29.86 14.88 9.17
CA ILE B 390 30.79 13.89 8.65
C ILE B 390 31.11 13.02 9.85
N ILE B 391 30.73 11.75 9.79
CA ILE B 391 31.01 10.87 10.91
C ILE B 391 32.50 10.55 10.94
N ARG B 392 33.15 10.78 12.08
CA ARG B 392 34.57 10.52 12.23
C ARG B 392 34.86 9.30 13.14
N ARG B 393 34.05 9.13 14.18
CA ARG B 393 34.21 8.02 15.13
C ARG B 393 32.91 7.62 15.82
N ALA C 22 -34.06 1.91 42.36
CA ALA C 22 -32.64 1.53 42.20
C ALA C 22 -32.50 0.40 41.18
N GLN C 23 -32.68 0.74 39.90
CA GLN C 23 -32.54 -0.23 38.81
C GLN C 23 -31.21 0.04 38.10
N LEU C 24 -30.21 0.51 38.84
CA LEU C 24 -28.91 0.78 38.26
C LEU C 24 -28.30 -0.55 37.83
N PRO C 25 -27.34 -0.51 36.90
CA PRO C 25 -26.70 -1.76 36.44
C PRO C 25 -26.15 -2.47 37.66
N PRO C 26 -26.12 -3.80 37.64
CA PRO C 26 -25.58 -4.50 38.82
C PRO C 26 -24.07 -4.23 38.90
N ALA C 27 -23.52 -4.27 40.11
CA ALA C 27 -22.09 -4.03 40.27
C ALA C 27 -21.36 -5.01 39.37
N PRO C 28 -20.23 -4.58 38.79
CA PRO C 28 -19.45 -5.45 37.89
C PRO C 28 -18.53 -6.42 38.63
N PRO C 29 -18.12 -7.49 37.95
CA PRO C 29 -17.21 -8.42 38.60
C PRO C 29 -15.98 -7.55 38.88
N THR C 30 -15.12 -7.98 39.78
CA THR C 30 -14.00 -7.15 40.13
C THR C 30 -12.64 -7.83 39.93
N THR C 31 -12.67 -9.02 39.34
CA THR C 31 -11.44 -9.76 39.11
C THR C 31 -10.77 -9.39 37.80
N VAL C 32 -9.64 -10.06 37.54
CA VAL C 32 -8.89 -9.83 36.32
C VAL C 32 -8.51 -11.18 35.69
N ALA C 33 -8.67 -11.30 34.38
CA ALA C 33 -8.34 -12.52 33.66
C ALA C 33 -6.83 -12.66 33.66
N VAL C 34 -6.35 -13.90 33.84
CA VAL C 34 -4.90 -14.16 33.86
C VAL C 34 -4.60 -15.34 32.94
N ILE C 35 -3.47 -15.28 32.25
CA ILE C 35 -3.06 -16.38 31.39
C ILE C 35 -2.14 -17.16 32.31
N GLU C 36 -2.68 -18.21 32.92
CA GLU C 36 -1.95 -19.03 33.87
C GLU C 36 -1.13 -20.10 33.16
N GLY C 37 -1.48 -20.34 31.91
CA GLY C 37 -0.77 -21.33 31.13
C GLY C 37 -0.71 -20.87 29.68
N LEU C 38 0.43 -21.08 29.06
CA LEU C 38 0.64 -20.69 27.67
C LEU C 38 1.42 -21.85 27.06
N ALA C 39 1.21 -22.09 25.77
CA ALA C 39 1.92 -23.18 25.11
C ALA C 39 1.84 -22.96 23.62
N THR C 40 2.88 -23.38 22.91
CA THR C 40 2.90 -23.21 21.45
C THR C 40 3.52 -24.42 20.78
N GLY C 41 3.13 -24.66 19.55
CA GLY C 41 3.65 -25.80 18.82
C GLY C 41 3.40 -25.61 17.34
N THR C 42 4.14 -26.37 16.53
CA THR C 42 4.01 -26.30 15.08
C THR C 42 4.30 -27.67 14.46
N PRO C 43 3.82 -27.91 13.24
CA PRO C 43 4.14 -29.21 12.67
C PRO C 43 5.66 -29.35 12.60
N ARG C 44 6.15 -30.58 12.48
CA ARG C 44 7.59 -30.83 12.46
C ARG C 44 8.38 -30.38 11.23
N ARG C 45 7.85 -30.59 10.02
CA ARG C 45 8.60 -30.19 8.83
C ARG C 45 9.06 -28.73 8.85
N VAL C 46 10.33 -28.51 8.57
CA VAL C 46 10.88 -27.16 8.52
C VAL C 46 11.13 -26.77 7.07
N VAL C 47 10.63 -25.60 6.67
CA VAL C 47 10.81 -25.15 5.30
C VAL C 47 11.64 -23.88 5.31
N ASN C 48 12.89 -24.01 4.87
CA ASN C 48 13.80 -22.88 4.81
C ASN C 48 13.39 -21.99 3.64
N GLN C 49 13.06 -20.75 3.96
CA GLN C 49 12.61 -19.77 2.98
C GLN C 49 13.34 -19.76 1.63
N SER C 50 14.67 -19.81 1.66
CA SER C 50 15.44 -19.78 0.42
C SER C 50 15.10 -20.99 -0.46
N ASP C 51 15.05 -22.17 0.16
CA ASP C 51 14.71 -23.39 -0.58
C ASP C 51 13.30 -23.25 -1.13
N ALA C 52 12.38 -22.81 -0.28
CA ALA C 52 11.00 -22.61 -0.68
C ALA C 52 10.95 -21.77 -1.94
N ALA C 53 11.67 -20.65 -1.92
CA ALA C 53 11.72 -19.74 -3.06
C ALA C 53 12.13 -20.48 -4.32
N ASP C 54 13.25 -21.19 -4.25
CA ASP C 54 13.75 -21.95 -5.39
C ASP C 54 12.72 -22.96 -5.88
N ARG C 55 12.18 -23.76 -4.96
CA ARG C 55 11.18 -24.75 -5.37
C ARG C 55 10.01 -24.12 -6.11
N VAL C 56 9.45 -23.05 -5.54
CA VAL C 56 8.33 -22.34 -6.18
C VAL C 56 8.78 -21.69 -7.48
N ALA C 57 9.97 -21.11 -7.46
CA ALA C 57 10.51 -20.45 -8.65
C ALA C 57 10.47 -21.36 -9.86
N GLU C 58 10.44 -22.67 -9.61
CA GLU C 58 10.41 -23.66 -10.68
C GLU C 58 9.05 -23.97 -11.25
N LEU C 59 8.01 -23.28 -10.79
CA LEU C 59 6.68 -23.53 -11.30
C LEU C 59 6.45 -22.64 -12.51
N GLY C 64 8.50 -18.47 -18.80
CA GLY C 64 8.96 -17.16 -19.23
C GLY C 64 9.86 -16.53 -18.18
N GLN C 65 9.29 -15.62 -17.39
CA GLN C 65 10.03 -14.95 -16.31
C GLN C 65 9.48 -15.33 -14.93
N ARG C 66 10.25 -16.18 -14.25
CA ARG C 66 9.94 -16.65 -12.91
C ARG C 66 10.79 -15.82 -11.94
N GLU C 67 11.20 -14.64 -12.40
CA GLU C 67 12.02 -13.74 -11.60
C GLU C 67 11.18 -13.11 -10.49
N ARG C 68 9.87 -13.11 -10.72
CA ARG C 68 8.94 -12.55 -9.77
C ARG C 68 9.17 -13.23 -8.43
N ILE C 69 9.22 -14.55 -8.44
CA ILE C 69 9.39 -15.34 -7.22
C ILE C 69 10.53 -14.94 -6.29
N PRO C 70 11.79 -15.08 -6.74
CA PRO C 70 12.93 -14.72 -5.88
C PRO C 70 12.72 -13.36 -5.24
N ARG C 71 12.32 -12.42 -6.07
CA ARG C 71 12.05 -11.03 -5.70
C ARG C 71 11.16 -10.93 -4.46
N VAL C 72 9.89 -11.35 -4.56
CA VAL C 72 8.99 -11.29 -3.42
C VAL C 72 9.54 -12.05 -2.21
N TYR C 73 10.07 -13.24 -2.44
CA TYR C 73 10.59 -14.02 -1.31
C TYR C 73 11.72 -13.34 -0.53
N GLN C 74 12.74 -12.82 -1.21
CA GLN C 74 13.82 -12.19 -0.48
C GLN C 74 13.35 -10.99 0.34
N LYS C 75 12.16 -10.49 0.06
CA LYS C 75 11.64 -9.34 0.80
C LYS C 75 10.82 -9.74 2.02
N SER C 76 10.37 -11.00 2.08
CA SER C 76 9.54 -11.50 3.18
C SER C 76 10.08 -11.37 4.60
N ARG C 77 11.41 -11.42 4.74
CA ARG C 77 12.08 -11.35 6.04
C ARG C 77 11.74 -12.57 6.89
N ILE C 78 11.57 -13.69 6.21
CA ILE C 78 11.28 -14.96 6.85
C ILE C 78 12.42 -15.89 6.48
N THR C 79 12.93 -16.63 7.46
CA THR C 79 14.01 -17.57 7.21
C THR C 79 13.45 -18.99 7.13
N THR C 80 12.50 -19.28 8.02
CA THR C 80 11.88 -20.60 8.07
C THR C 80 10.40 -20.56 8.50
N ARG C 81 9.68 -21.59 8.09
CA ARG C 81 8.28 -21.74 8.43
C ARG C 81 8.00 -23.25 8.59
N ARG C 82 7.02 -23.60 9.44
CA ARG C 82 6.68 -25.00 9.62
C ARG C 82 5.43 -25.31 8.80
N MET C 83 5.41 -26.48 8.18
CA MET C 83 4.26 -26.86 7.36
C MET C 83 3.77 -28.28 7.58
N ALA C 84 2.51 -28.41 7.96
CA ALA C 84 1.89 -29.70 8.20
C ALA C 84 2.00 -30.56 6.95
N VAL C 85 1.85 -29.92 5.80
CA VAL C 85 1.91 -30.60 4.52
C VAL C 85 2.97 -29.98 3.60
N ASP C 86 3.54 -30.79 2.72
CA ASP C 86 4.54 -30.28 1.78
C ASP C 86 3.82 -30.02 0.45
N PRO C 87 3.31 -28.79 0.26
CA PRO C 87 2.59 -28.44 -0.96
C PRO C 87 3.25 -28.90 -2.28
N LEU C 88 4.52 -28.54 -2.48
CA LEU C 88 5.20 -28.90 -3.71
C LEU C 88 5.69 -30.34 -3.80
N ASP C 89 5.26 -31.17 -2.85
CA ASP C 89 5.62 -32.58 -2.84
C ASP C 89 5.09 -33.29 -4.09
N ALA C 90 5.75 -34.35 -4.51
CA ALA C 90 5.34 -35.11 -5.70
C ALA C 90 3.87 -35.54 -5.66
N LYS C 91 3.44 -36.06 -4.52
CA LYS C 91 2.06 -36.49 -4.37
C LYS C 91 1.10 -35.29 -4.43
N PHE C 92 1.25 -34.42 -3.45
CA PHE C 92 0.42 -33.23 -3.32
C PHE C 92 0.42 -32.35 -4.57
N ASP C 93 1.56 -32.30 -5.26
CA ASP C 93 1.69 -31.46 -6.45
C ASP C 93 0.64 -31.69 -7.52
N VAL C 94 0.15 -32.93 -7.64
CA VAL C 94 -0.88 -33.22 -8.64
C VAL C 94 -2.23 -32.77 -8.07
N PHE C 95 -2.48 -33.15 -6.83
CA PHE C 95 -3.70 -32.81 -6.11
C PHE C 95 -3.84 -31.29 -6.05
N ARG C 96 -2.70 -30.64 -5.78
CA ARG C 96 -2.61 -29.19 -5.66
C ARG C 96 -3.11 -28.42 -6.87
N ARG C 97 -3.00 -29.04 -8.04
CA ARG C 97 -3.40 -28.39 -9.27
C ARG C 97 -4.77 -28.71 -9.81
N GLU C 98 -5.57 -29.44 -9.05
CA GLU C 98 -6.90 -29.77 -9.50
C GLU C 98 -7.95 -28.87 -8.88
N PRO C 99 -9.13 -28.81 -9.49
CA PRO C 99 -10.23 -27.98 -8.98
C PRO C 99 -11.14 -28.77 -8.04
N ALA C 100 -11.94 -28.04 -7.26
CA ALA C 100 -12.90 -28.64 -6.34
C ALA C 100 -12.34 -29.51 -5.21
N THR C 101 -11.08 -29.29 -4.83
CA THR C 101 -10.49 -30.09 -3.78
C THR C 101 -10.72 -29.54 -2.37
N ILE C 102 -11.52 -28.49 -2.25
CA ILE C 102 -11.75 -27.84 -0.96
C ILE C 102 -12.23 -28.78 0.16
N ARG C 103 -13.12 -29.71 -0.15
CA ARG C 103 -13.62 -30.63 0.87
C ARG C 103 -12.51 -31.54 1.39
N ASP C 104 -11.60 -31.92 0.51
CA ASP C 104 -10.50 -32.80 0.90
C ASP C 104 -9.46 -32.05 1.69
N ARG C 105 -9.33 -30.76 1.41
CA ARG C 105 -8.35 -29.96 2.12
C ARG C 105 -8.83 -29.76 3.54
N MET C 106 -10.14 -29.63 3.71
CA MET C 106 -10.69 -29.43 5.04
C MET C 106 -10.54 -30.71 5.86
N HIS C 107 -10.59 -31.85 5.18
CA HIS C 107 -10.40 -33.11 5.87
C HIS C 107 -8.94 -33.15 6.23
N LEU C 108 -8.10 -32.86 5.24
CA LEU C 108 -6.66 -32.83 5.43
C LEU C 108 -6.34 -31.90 6.60
N PHE C 109 -7.12 -30.83 6.76
CA PHE C 109 -6.90 -29.89 7.84
C PHE C 109 -7.16 -30.61 9.16
N TYR C 110 -8.36 -31.15 9.29
CA TYR C 110 -8.77 -31.86 10.49
C TYR C 110 -7.75 -32.91 10.85
N GLU C 111 -7.28 -33.63 9.83
CA GLU C 111 -6.31 -34.69 10.01
C GLU C 111 -5.01 -34.22 10.68
N HIS C 112 -4.42 -33.14 10.17
CA HIS C 112 -3.17 -32.64 10.74
C HIS C 112 -3.33 -31.78 11.99
N ALA C 113 -4.47 -31.11 12.11
CA ALA C 113 -4.72 -30.22 13.24
C ALA C 113 -4.93 -30.91 14.60
N VAL C 114 -5.74 -31.96 14.61
CA VAL C 114 -6.05 -32.67 15.84
C VAL C 114 -4.81 -33.02 16.65
N PRO C 115 -3.86 -33.76 16.05
CA PRO C 115 -2.63 -34.15 16.74
C PRO C 115 -1.96 -32.93 17.39
N LEU C 116 -1.70 -31.91 16.56
CA LEU C 116 -1.05 -30.68 17.01
C LEU C 116 -1.82 -29.94 18.08
N ALA C 117 -3.10 -29.71 17.82
CA ALA C 117 -3.94 -28.99 18.77
C ALA C 117 -4.03 -29.69 20.11
N VAL C 118 -4.13 -31.01 20.07
CA VAL C 118 -4.20 -31.80 21.30
C VAL C 118 -2.88 -31.72 22.05
N ASP C 119 -1.77 -31.84 21.32
CA ASP C 119 -0.47 -31.80 21.96
C ASP C 119 -0.21 -30.46 22.63
N VAL C 120 -0.54 -29.37 21.94
CA VAL C 120 -0.31 -28.05 22.53
C VAL C 120 -1.22 -27.79 23.74
N SER C 121 -2.49 -28.18 23.62
CA SER C 121 -3.45 -27.99 24.70
C SER C 121 -2.92 -28.64 25.97
N LYS C 122 -2.39 -29.85 25.83
CA LYS C 122 -1.85 -30.55 26.98
C LYS C 122 -0.68 -29.78 27.59
N ARG C 123 0.27 -29.37 26.76
CA ARG C 123 1.41 -28.62 27.27
C ARG C 123 0.93 -27.44 28.10
N ALA C 124 -0.07 -26.74 27.58
CA ALA C 124 -0.59 -25.59 28.28
C ALA C 124 -1.12 -25.96 29.65
N LEU C 125 -1.74 -27.13 29.76
CA LEU C 125 -2.30 -27.59 31.02
C LEU C 125 -1.36 -28.31 31.97
N ALA C 126 -0.33 -28.95 31.42
CA ALA C 126 0.65 -29.68 32.21
C ALA C 126 1.09 -28.95 33.49
N GLY C 127 1.48 -27.69 33.37
CA GLY C 127 1.91 -26.94 34.54
C GLY C 127 0.86 -26.73 35.60
N LEU C 128 -0.37 -26.40 35.20
CA LEU C 128 -1.43 -26.15 36.17
C LEU C 128 -1.99 -27.42 36.82
N PRO C 129 -2.54 -27.30 38.05
CA PRO C 129 -3.11 -28.42 38.80
C PRO C 129 -4.62 -28.53 38.62
N TYR C 130 -5.18 -27.72 37.74
CA TYR C 130 -6.62 -27.76 37.53
C TYR C 130 -7.10 -29.10 37.00
N ARG C 131 -8.21 -29.55 37.56
CA ARG C 131 -8.80 -30.81 37.17
C ARG C 131 -9.80 -30.53 36.04
N ALA C 132 -10.00 -31.52 35.17
CA ALA C 132 -10.92 -31.36 34.03
C ALA C 132 -12.27 -30.74 34.36
N ALA C 133 -12.74 -30.95 35.57
CA ALA C 133 -14.02 -30.40 35.97
C ALA C 133 -13.94 -28.89 36.11
N GLU C 134 -12.74 -28.37 36.30
CA GLU C 134 -12.53 -26.94 36.49
C GLU C 134 -12.52 -26.14 35.18
N ILE C 135 -12.36 -26.81 34.07
CA ILE C 135 -12.33 -26.16 32.78
C ILE C 135 -13.70 -26.12 32.16
N GLY C 136 -14.36 -24.96 32.26
CA GLY C 136 -15.71 -24.81 31.74
C GLY C 136 -15.93 -24.23 30.35
N LEU C 137 -14.86 -23.73 29.72
CA LEU C 137 -14.99 -23.18 28.37
C LEU C 137 -13.78 -23.51 27.52
N LEU C 138 -14.03 -23.74 26.23
CA LEU C 138 -12.99 -24.04 25.27
C LEU C 138 -13.31 -23.20 24.07
N VAL C 139 -12.33 -22.39 23.65
CA VAL C 139 -12.52 -21.52 22.51
C VAL C 139 -11.54 -21.93 21.44
N LEU C 140 -12.03 -22.14 20.23
CA LEU C 140 -11.17 -22.56 19.13
C LEU C 140 -11.30 -21.57 17.97
N ALA C 141 -10.17 -21.03 17.54
CA ALA C 141 -10.18 -20.07 16.45
C ALA C 141 -9.36 -20.57 15.28
N THR C 142 -9.87 -20.33 14.07
CA THR C 142 -9.18 -20.73 12.85
C THR C 142 -9.76 -19.96 11.68
N SER C 143 -8.98 -19.86 10.61
CA SER C 143 -9.43 -19.19 9.40
C SER C 143 -8.96 -20.07 8.27
N THR C 144 -8.40 -21.22 8.64
CA THR C 144 -7.88 -22.19 7.69
C THR C 144 -8.54 -23.58 7.81
N GLY C 145 -9.62 -23.69 8.58
CA GLY C 145 -10.28 -24.98 8.78
C GLY C 145 -11.69 -25.20 8.25
N PHE C 146 -12.65 -25.44 9.14
CA PHE C 146 -14.06 -25.67 8.81
C PHE C 146 -14.49 -27.11 8.52
N ILE C 147 -14.82 -27.86 9.59
CA ILE C 147 -15.28 -29.24 9.46
C ILE C 147 -16.30 -29.52 10.56
N ALA C 148 -17.35 -30.28 10.19
CA ALA C 148 -18.48 -30.71 11.05
C ALA C 148 -17.97 -30.88 12.46
N PRO C 149 -17.92 -32.13 12.99
CA PRO C 149 -17.37 -32.06 14.35
C PRO C 149 -15.87 -31.79 14.08
N GLY C 150 -15.27 -30.87 14.81
CA GLY C 150 -13.88 -30.57 14.52
C GLY C 150 -12.81 -30.73 15.57
N VAL C 151 -11.81 -29.87 15.47
CA VAL C 151 -10.70 -29.88 16.39
C VAL C 151 -11.16 -29.65 17.81
N ASP C 152 -12.24 -28.88 17.97
CA ASP C 152 -12.77 -28.59 19.29
C ASP C 152 -13.25 -29.85 20.01
N VAL C 153 -14.00 -30.69 19.30
CA VAL C 153 -14.50 -31.92 19.89
C VAL C 153 -13.37 -32.92 20.15
N ALA C 154 -12.42 -33.00 19.22
CA ALA C 154 -11.30 -33.93 19.36
C ALA C 154 -10.52 -33.58 20.64
N ILE C 155 -10.37 -32.27 20.88
CA ILE C 155 -9.67 -31.79 22.07
C ILE C 155 -10.35 -32.24 23.35
N VAL C 156 -11.67 -32.06 23.41
CA VAL C 156 -12.44 -32.45 24.60
C VAL C 156 -12.25 -33.94 24.91
N LYS C 157 -12.48 -34.77 23.90
CA LYS C 157 -12.32 -36.20 24.12
C LYS C 157 -10.88 -36.53 24.46
N GLU C 158 -9.96 -36.17 23.58
CA GLU C 158 -8.54 -36.44 23.78
C GLU C 158 -7.99 -36.12 25.16
N LEU C 159 -8.34 -34.96 25.70
CA LEU C 159 -7.86 -34.55 27.01
C LEU C 159 -8.77 -34.99 28.13
N GLY C 160 -9.84 -35.69 27.78
CA GLY C 160 -10.77 -36.15 28.80
C GLY C 160 -11.38 -35.00 29.56
N LEU C 161 -11.83 -34.00 28.82
CA LEU C 161 -12.46 -32.85 29.44
C LEU C 161 -13.91 -33.26 29.71
N SER C 162 -14.74 -32.34 30.20
CA SER C 162 -16.12 -32.67 30.48
C SER C 162 -17.06 -32.65 29.28
N PRO C 163 -17.95 -33.63 29.21
CA PRO C 163 -18.94 -33.75 28.13
C PRO C 163 -19.85 -32.54 28.14
N SER C 164 -19.86 -31.84 29.27
CA SER C 164 -20.71 -30.67 29.45
C SER C 164 -19.98 -29.34 29.28
N ILE C 165 -18.68 -29.40 29.01
CA ILE C 165 -17.89 -28.20 28.83
C ILE C 165 -18.52 -27.35 27.72
N SER C 166 -18.33 -26.03 27.80
CA SER C 166 -18.85 -25.09 26.80
C SER C 166 -17.85 -24.89 25.70
N ARG C 167 -18.35 -24.76 24.48
CA ARG C 167 -17.48 -24.56 23.34
C ARG C 167 -17.95 -23.48 22.39
N VAL C 168 -16.99 -22.70 21.93
CA VAL C 168 -17.24 -21.62 20.98
C VAL C 168 -16.19 -21.76 19.89
N VAL C 169 -16.62 -21.75 18.65
CA VAL C 169 -15.69 -21.84 17.55
C VAL C 169 -15.72 -20.49 16.83
N VAL C 170 -14.55 -19.89 16.73
CA VAL C 170 -14.44 -18.61 16.07
C VAL C 170 -13.75 -18.79 14.73
N ASN C 171 -14.47 -18.50 13.66
CA ASN C 171 -13.90 -18.63 12.34
C ASN C 171 -13.77 -17.33 11.57
N PHE C 172 -12.88 -17.35 10.56
CA PHE C 172 -12.63 -16.22 9.67
C PHE C 172 -12.44 -14.85 10.31
N MET C 173 -11.88 -14.80 11.51
CA MET C 173 -11.64 -13.52 12.15
C MET C 173 -10.21 -13.06 11.90
N GLY C 174 -9.51 -13.80 11.04
CA GLY C 174 -8.16 -13.44 10.67
C GLY C 174 -7.07 -13.42 11.72
N CYS C 175 -5.93 -12.86 11.33
CA CYS C 175 -4.75 -12.77 12.18
C CYS C 175 -5.00 -12.33 13.62
N ALA C 176 -6.10 -11.64 13.87
CA ALA C 176 -6.39 -11.17 15.23
C ALA C 176 -7.35 -12.02 16.08
N ALA C 177 -7.79 -13.16 15.54
CA ALA C 177 -8.72 -14.07 16.22
C ALA C 177 -8.33 -14.40 17.66
N ALA C 178 -7.04 -14.57 17.89
CA ALA C 178 -6.55 -14.86 19.23
C ALA C 178 -7.14 -13.87 20.22
N MET C 179 -7.17 -12.59 19.84
CA MET C 179 -7.72 -11.57 20.72
C MET C 179 -9.22 -11.75 20.96
N ASN C 180 -9.98 -11.85 19.88
CA ASN C 180 -11.42 -12.04 20.00
C ASN C 180 -11.67 -13.28 20.86
N ALA C 181 -10.79 -14.27 20.72
CA ALA C 181 -10.90 -15.53 21.46
C ALA C 181 -10.57 -15.35 22.94
N LEU C 182 -9.46 -14.69 23.21
CA LEU C 182 -9.04 -14.45 24.59
C LEU C 182 -10.09 -13.61 25.33
N GLY C 183 -10.80 -12.78 24.58
CA GLY C 183 -11.82 -11.95 25.20
C GLY C 183 -13.03 -12.76 25.60
N THR C 184 -13.40 -13.71 24.74
CA THR C 184 -14.51 -14.61 25.01
C THR C 184 -14.24 -15.36 26.32
N ALA C 185 -12.99 -15.77 26.48
CA ALA C 185 -12.56 -16.49 27.66
C ALA C 185 -12.69 -15.56 28.85
N THR C 186 -12.12 -14.36 28.70
CA THR C 186 -12.13 -13.34 29.73
C THR C 186 -13.49 -13.16 30.37
N ASN C 187 -14.48 -12.82 29.56
CA ASN C 187 -15.84 -12.60 30.07
C ASN C 187 -16.29 -13.81 30.84
N TYR C 188 -16.09 -14.98 30.25
CA TYR C 188 -16.48 -16.22 30.88
C TYR C 188 -15.87 -16.33 32.27
N VAL C 189 -14.56 -16.27 32.32
CA VAL C 189 -13.84 -16.39 33.58
C VAL C 189 -14.24 -15.37 34.64
N ARG C 190 -14.44 -14.12 34.24
CA ARG C 190 -14.80 -13.11 35.22
C ARG C 190 -16.23 -13.30 35.68
N ALA C 191 -17.03 -13.96 34.84
CA ALA C 191 -18.43 -14.24 35.18
C ALA C 191 -18.53 -15.49 36.06
N HIS C 192 -17.58 -16.40 35.96
CA HIS C 192 -17.56 -17.64 36.75
C HIS C 192 -16.18 -17.86 37.33
N PRO C 193 -15.76 -16.95 38.22
CA PRO C 193 -14.48 -16.91 38.92
C PRO C 193 -13.81 -18.24 39.24
N ALA C 194 -14.61 -19.24 39.58
CA ALA C 194 -14.10 -20.55 39.93
C ALA C 194 -13.71 -21.44 38.75
N MET C 195 -14.23 -21.15 37.58
CA MET C 195 -13.91 -21.96 36.41
C MET C 195 -12.71 -21.42 35.63
N LYS C 196 -12.16 -22.26 34.76
CA LYS C 196 -11.02 -21.89 33.93
C LYS C 196 -11.44 -22.12 32.49
N ALA C 197 -10.74 -21.46 31.58
CA ALA C 197 -11.04 -21.59 30.16
C ALA C 197 -9.80 -21.93 29.36
N LEU C 198 -10.03 -22.66 28.28
CA LEU C 198 -8.98 -23.09 27.39
C LEU C 198 -9.13 -22.44 25.99
N VAL C 199 -8.13 -21.66 25.62
CA VAL C 199 -8.11 -20.98 24.33
C VAL C 199 -7.13 -21.69 23.43
N VAL C 200 -7.57 -22.03 22.22
CA VAL C 200 -6.73 -22.73 21.28
C VAL C 200 -6.87 -22.10 19.90
N CYS C 201 -5.74 -21.80 19.28
CA CYS C 201 -5.72 -21.25 17.94
C CYS C 201 -4.92 -22.24 17.15
N ILE C 202 -5.42 -22.62 15.99
CA ILE C 202 -4.70 -23.57 15.16
C ILE C 202 -4.84 -23.05 13.74
N GLU C 203 -3.71 -22.94 13.07
CA GLU C 203 -3.70 -22.41 11.72
C GLU C 203 -2.81 -23.24 10.79
N LEU C 204 -3.44 -23.89 9.81
CA LEU C 204 -2.72 -24.73 8.85
C LEU C 204 -2.98 -24.24 7.43
N PHE C 205 -2.17 -23.30 6.94
CA PHE C 205 -2.38 -22.79 5.59
C PHE C 205 -1.82 -23.74 4.54
N SER C 206 -0.77 -24.49 4.88
CA SER C 206 -0.18 -25.41 3.93
C SER C 206 -1.24 -26.31 3.30
N VAL C 207 -2.22 -26.69 4.10
CA VAL C 207 -3.29 -27.55 3.64
C VAL C 207 -4.14 -26.82 2.59
N ASN C 208 -3.94 -25.50 2.46
CA ASN C 208 -4.68 -24.69 1.50
C ASN C 208 -3.85 -24.20 0.31
N ALA C 209 -2.58 -24.57 0.29
CA ALA C 209 -1.66 -24.15 -0.78
C ALA C 209 -2.15 -24.44 -2.18
N VAL C 210 -1.97 -23.48 -3.08
CA VAL C 210 -2.40 -23.63 -4.47
C VAL C 210 -1.36 -23.11 -5.48
N PHE C 211 -0.63 -22.06 -5.08
CA PHE C 211 0.40 -21.45 -5.93
C PHE C 211 -0.13 -20.94 -7.27
N ALA C 212 -0.98 -19.92 -7.21
CA ALA C 212 -1.54 -19.31 -8.41
C ALA C 212 -0.58 -18.25 -8.96
N ASP C 213 -0.96 -17.61 -10.05
CA ASP C 213 -0.11 -16.61 -10.70
C ASP C 213 -0.07 -15.19 -10.16
N ASP C 214 -1.18 -14.67 -9.66
CA ASP C 214 -1.23 -13.30 -9.14
C ASP C 214 -0.31 -13.02 -7.94
N ILE C 215 0.18 -11.79 -7.85
CA ILE C 215 1.05 -11.36 -6.76
C ILE C 215 0.48 -11.64 -5.39
N ASN C 216 -0.83 -11.45 -5.23
CA ASN C 216 -1.41 -11.69 -3.92
C ASN C 216 -1.21 -13.13 -3.51
N ASP C 217 -1.41 -14.04 -4.46
CA ASP C 217 -1.25 -15.46 -4.18
C ASP C 217 0.21 -15.76 -3.90
N VAL C 218 1.08 -15.28 -4.78
CA VAL C 218 2.53 -15.47 -4.62
C VAL C 218 2.99 -14.94 -3.26
N VAL C 219 2.42 -13.81 -2.83
CA VAL C 219 2.77 -13.18 -1.56
C VAL C 219 2.26 -13.95 -0.35
N ILE C 220 0.98 -14.30 -0.40
CA ILE C 220 0.33 -15.07 0.66
C ILE C 220 1.14 -16.35 0.88
N HIS C 221 1.35 -17.10 -0.19
CA HIS C 221 2.09 -18.36 -0.12
C HIS C 221 3.54 -18.21 0.37
N SER C 222 4.04 -16.98 0.42
CA SER C 222 5.40 -16.78 0.87
C SER C 222 5.44 -16.33 2.33
N LEU C 223 4.28 -15.87 2.82
CA LEU C 223 4.20 -15.38 4.19
C LEU C 223 3.65 -16.33 5.23
N PHE C 224 2.64 -17.11 4.84
CA PHE C 224 2.00 -18.01 5.79
C PHE C 224 2.73 -19.29 6.21
N GLY C 225 2.62 -19.59 7.49
CA GLY C 225 3.22 -20.79 8.05
C GLY C 225 2.18 -21.49 8.89
N ASP C 226 2.44 -22.73 9.32
CA ASP C 226 1.48 -23.46 10.13
C ASP C 226 1.93 -23.46 11.58
N GLY C 227 0.99 -23.41 12.51
CA GLY C 227 1.36 -23.41 13.91
C GLY C 227 0.14 -23.54 14.78
N CYS C 228 0.33 -23.65 16.10
CA CYS C 228 -0.78 -23.78 17.03
C CYS C 228 -0.40 -23.21 18.39
N ALA C 229 -1.40 -22.73 19.12
CA ALA C 229 -1.17 -22.19 20.45
C ALA C 229 -2.38 -22.34 21.36
N ALA C 230 -2.12 -22.47 22.66
CA ALA C 230 -3.18 -22.60 23.64
C ALA C 230 -2.87 -21.77 24.88
N LEU C 231 -3.92 -21.25 25.49
CA LEU C 231 -3.83 -20.44 26.70
C LEU C 231 -4.83 -21.00 27.70
N VAL C 232 -4.50 -20.95 28.98
CA VAL C 232 -5.41 -21.40 30.02
C VAL C 232 -5.68 -20.13 30.81
N ILE C 233 -6.95 -19.75 30.90
CA ILE C 233 -7.34 -18.54 31.60
C ILE C 233 -8.07 -18.78 32.92
N GLY C 234 -7.86 -17.87 33.86
CA GLY C 234 -8.49 -17.94 35.15
C GLY C 234 -8.76 -16.53 35.64
N ALA C 235 -9.66 -16.40 36.60
CA ALA C 235 -10.00 -15.11 37.17
C ALA C 235 -9.23 -15.00 38.45
N SER C 236 -8.75 -13.81 38.76
CA SER C 236 -8.00 -13.61 39.97
C SER C 236 -8.33 -12.25 40.57
N GLN C 237 -8.30 -12.13 41.89
CA GLN C 237 -8.56 -10.85 42.54
C GLN C 237 -7.26 -10.06 42.50
N VAL C 238 -7.38 -8.73 42.40
CA VAL C 238 -6.23 -7.86 42.32
C VAL C 238 -5.37 -7.80 43.58
N GLN C 239 -5.91 -8.25 44.71
CA GLN C 239 -5.13 -8.24 45.95
C GLN C 239 -4.15 -9.39 45.92
N GLU C 240 -4.45 -10.38 45.08
CA GLU C 240 -3.61 -11.56 44.98
C GLU C 240 -2.25 -11.31 44.37
N LYS C 241 -1.24 -11.99 44.92
CA LYS C 241 0.12 -11.84 44.43
C LYS C 241 0.43 -12.95 43.42
N LEU C 242 0.22 -12.66 42.14
CA LEU C 242 0.48 -13.65 41.10
C LEU C 242 1.96 -14.00 41.07
N GLU C 243 2.26 -15.22 40.64
CA GLU C 243 3.65 -15.67 40.56
C GLU C 243 4.26 -15.34 39.21
N PRO C 244 5.58 -15.10 39.19
CA PRO C 244 6.33 -14.76 37.98
C PRO C 244 5.93 -15.60 36.77
N GLY C 245 5.96 -14.99 35.60
CA GLY C 245 5.60 -15.72 34.40
C GLY C 245 4.13 -15.56 34.09
N LYS C 246 3.33 -15.26 35.09
CA LYS C 246 1.90 -15.08 34.86
C LYS C 246 1.66 -13.76 34.13
N VAL C 247 0.62 -13.74 33.30
CA VAL C 247 0.30 -12.55 32.53
C VAL C 247 -1.12 -12.07 32.79
N VAL C 248 -1.23 -10.83 33.27
CA VAL C 248 -2.54 -10.24 33.55
C VAL C 248 -3.12 -9.49 32.34
N VAL C 249 -4.40 -9.70 32.06
CA VAL C 249 -5.07 -9.02 30.97
C VAL C 249 -5.76 -7.81 31.58
N ARG C 250 -5.13 -6.65 31.41
CA ARG C 250 -5.63 -5.41 31.96
C ARG C 250 -6.76 -4.76 31.20
N SER C 251 -6.66 -4.72 29.87
CA SER C 251 -7.68 -4.07 29.08
C SER C 251 -7.67 -4.68 27.68
N SER C 252 -8.81 -4.60 26.99
CA SER C 252 -8.94 -5.13 25.63
C SER C 252 -9.50 -4.02 24.74
N PHE C 253 -9.29 -4.11 23.43
CA PHE C 253 -9.83 -3.06 22.55
C PHE C 253 -10.00 -3.48 21.11
N SER C 254 -10.91 -2.78 20.43
CA SER C 254 -11.21 -3.04 19.05
C SER C 254 -11.39 -1.73 18.31
N GLN C 255 -11.26 -1.77 17.00
CA GLN C 255 -11.42 -0.59 16.17
C GLN C 255 -11.64 -0.96 14.73
N LEU C 256 -12.84 -0.68 14.25
CA LEU C 256 -13.14 -0.94 12.86
C LEU C 256 -12.48 0.28 12.23
N LEU C 257 -11.41 0.07 11.45
CA LEU C 257 -10.75 1.20 10.80
C LEU C 257 -11.63 1.72 9.70
N ASP C 258 -12.21 2.88 9.93
CA ASP C 258 -13.11 3.51 8.99
C ASP C 258 -12.58 3.57 7.56
N ASN C 259 -13.39 3.09 6.62
CA ASN C 259 -13.04 3.10 5.20
C ASN C 259 -11.83 2.25 4.84
N THR C 260 -11.77 1.02 5.35
CA THR C 260 -10.63 0.13 5.07
C THR C 260 -11.06 -1.28 4.75
N GLU C 261 -12.33 -1.47 4.41
CA GLU C 261 -12.86 -2.80 4.13
C GLU C 261 -12.05 -3.69 3.22
N ASP C 262 -11.47 -3.12 2.18
CA ASP C 262 -10.69 -3.92 1.24
C ASP C 262 -9.32 -4.35 1.74
N GLY C 263 -8.97 -3.90 2.94
CA GLY C 263 -7.67 -4.22 3.50
C GLY C 263 -7.32 -5.69 3.60
N ILE C 264 -8.14 -6.44 4.31
CA ILE C 264 -7.94 -7.87 4.51
C ILE C 264 -9.21 -8.61 4.17
N VAL C 265 -9.15 -9.49 3.18
CA VAL C 265 -10.32 -10.22 2.78
C VAL C 265 -10.09 -11.73 2.83
N LEU C 266 -11.04 -12.45 3.43
CA LEU C 266 -10.94 -13.90 3.53
C LEU C 266 -12.07 -14.50 2.70
N GLY C 267 -11.78 -15.60 2.03
CA GLY C 267 -12.80 -16.23 1.21
C GLY C 267 -12.51 -17.70 0.97
N VAL C 268 -13.53 -18.45 0.56
CA VAL C 268 -13.37 -19.87 0.31
C VAL C 268 -13.41 -20.13 -1.18
N ASN C 269 -12.38 -20.81 -1.70
CA ASN C 269 -12.34 -21.15 -3.12
C ASN C 269 -12.50 -22.65 -3.25
N HIS C 270 -12.82 -23.11 -4.46
CA HIS C 270 -13.01 -24.53 -4.67
C HIS C 270 -11.75 -25.33 -4.32
N ASN C 271 -10.60 -24.69 -4.42
CA ASN C 271 -9.35 -25.37 -4.13
C ASN C 271 -8.68 -24.92 -2.86
N GLY C 272 -9.45 -24.33 -1.96
CA GLY C 272 -8.85 -23.90 -0.71
C GLY C 272 -9.24 -22.51 -0.23
N ILE C 273 -8.99 -22.29 1.05
CA ILE C 273 -9.27 -21.01 1.68
C ILE C 273 -8.19 -20.09 1.17
N THR C 274 -8.51 -18.81 1.08
CA THR C 274 -7.57 -17.84 0.56
C THR C 274 -7.68 -16.51 1.30
N CYS C 275 -6.62 -15.72 1.21
CA CYS C 275 -6.59 -14.41 1.85
C CYS C 275 -6.16 -13.36 0.84
N GLU C 276 -6.92 -12.28 0.75
CA GLU C 276 -6.62 -11.20 -0.19
C GLU C 276 -6.28 -9.91 0.54
N LEU C 277 -5.02 -9.49 0.46
CA LEU C 277 -4.55 -8.26 1.11
C LEU C 277 -4.41 -7.09 0.14
N SER C 278 -4.84 -5.91 0.57
CA SER C 278 -4.76 -4.72 -0.27
C SER C 278 -3.40 -4.04 -0.20
N GLU C 279 -3.02 -3.40 -1.31
CA GLU C 279 -1.75 -2.70 -1.39
C GLU C 279 -1.70 -1.65 -0.30
N ASN C 280 -2.89 -1.24 0.17
CA ASN C 280 -3.00 -0.21 1.19
C ASN C 280 -3.01 -0.70 2.62
N LEU C 281 -3.02 -2.00 2.87
CA LEU C 281 -3.05 -2.48 4.25
C LEU C 281 -2.00 -1.75 5.08
N PRO C 282 -0.75 -1.70 4.61
CA PRO C 282 0.28 -1.01 5.41
C PRO C 282 -0.14 0.41 5.74
N GLY C 283 -0.68 1.11 4.75
CA GLY C 283 -1.12 2.46 4.94
C GLY C 283 -2.22 2.54 5.98
N TYR C 284 -3.17 1.63 5.92
CA TYR C 284 -4.28 1.61 6.88
C TYR C 284 -3.75 1.46 8.29
N ILE C 285 -2.75 0.60 8.43
CA ILE C 285 -2.12 0.34 9.71
C ILE C 285 -1.47 1.61 10.23
N PHE C 286 -0.63 2.21 9.39
CA PHE C 286 0.06 3.42 9.80
C PHE C 286 -0.87 4.46 10.37
N SER C 287 -1.99 4.67 9.67
CA SER C 287 -2.99 5.63 10.09
C SER C 287 -3.82 5.15 11.27
N GLY C 288 -4.07 3.84 11.31
CA GLY C 288 -4.89 3.30 12.39
C GLY C 288 -4.26 3.04 13.74
N VAL C 289 -3.11 2.39 13.76
CA VAL C 289 -2.46 2.04 15.01
C VAL C 289 -2.35 3.15 16.07
N ALA C 290 -1.49 4.14 15.79
CA ALA C 290 -1.24 5.25 16.70
C ALA C 290 -2.49 5.79 17.40
N PRO C 291 -3.50 6.19 16.63
CA PRO C 291 -4.69 6.70 17.33
C PRO C 291 -5.33 5.70 18.30
N VAL C 292 -5.56 4.48 17.84
CA VAL C 292 -6.19 3.48 18.70
C VAL C 292 -5.43 3.19 20.00
N VAL C 293 -4.14 2.92 19.88
CA VAL C 293 -3.33 2.64 21.05
C VAL C 293 -3.30 3.84 22.00
N THR C 294 -3.14 5.03 21.44
CA THR C 294 -3.09 6.26 22.23
C THR C 294 -4.34 6.45 23.08
N GLU C 295 -5.50 6.31 22.45
CA GLU C 295 -6.75 6.46 23.16
C GLU C 295 -6.88 5.41 24.27
N MET C 296 -6.63 4.16 23.91
CA MET C 296 -6.70 3.07 24.89
C MET C 296 -5.72 3.28 26.05
N LEU C 297 -4.46 3.60 25.74
CA LEU C 297 -3.49 3.83 26.79
C LEU C 297 -3.92 4.96 27.70
N TRP C 298 -4.52 5.99 27.11
CA TRP C 298 -4.97 7.15 27.88
C TRP C 298 -5.99 6.72 28.95
N ASP C 299 -6.90 5.83 28.56
CA ASP C 299 -7.92 5.32 29.47
C ASP C 299 -7.30 4.64 30.67
N ASN C 300 -6.10 4.10 30.48
CA ASN C 300 -5.43 3.43 31.57
C ASN C 300 -4.27 4.25 32.13
N GLY C 301 -4.36 5.56 31.98
CA GLY C 301 -3.35 6.48 32.49
C GLY C 301 -1.94 6.22 31.99
N LEU C 302 -1.83 5.80 30.73
CA LEU C 302 -0.52 5.52 30.15
C LEU C 302 -0.31 6.23 28.82
N GLN C 303 0.93 6.23 28.36
CA GLN C 303 1.32 6.82 27.08
C GLN C 303 2.24 5.82 26.41
N ILE C 304 2.35 5.93 25.09
CA ILE C 304 3.20 5.02 24.35
C ILE C 304 4.58 4.84 25.00
N SER C 305 5.13 5.93 25.52
CA SER C 305 6.46 5.87 26.16
C SER C 305 6.51 5.08 27.46
N ASP C 306 5.36 4.67 27.96
CA ASP C 306 5.30 3.92 29.21
C ASP C 306 5.25 2.42 28.99
N ILE C 307 5.25 1.99 27.74
CA ILE C 307 5.16 0.58 27.44
C ILE C 307 6.49 -0.16 27.27
N ASP C 308 6.70 -1.15 28.12
CA ASP C 308 7.90 -1.98 28.11
C ASP C 308 7.94 -2.99 26.97
N LEU C 309 6.80 -3.57 26.65
CA LEU C 309 6.72 -4.60 25.61
C LEU C 309 5.71 -4.28 24.51
N TRP C 310 6.05 -4.57 23.27
CA TRP C 310 5.14 -4.35 22.15
C TRP C 310 4.95 -5.62 21.36
N ALA C 311 3.93 -6.40 21.72
CA ALA C 311 3.66 -7.65 21.02
C ALA C 311 2.89 -7.31 19.74
N ILE C 312 3.62 -6.83 18.74
CA ILE C 312 3.01 -6.47 17.48
C ILE C 312 2.87 -7.73 16.62
N HIS C 313 1.68 -7.98 16.11
CA HIS C 313 1.46 -9.15 15.29
C HIS C 313 2.43 -9.22 14.11
N PRO C 314 3.28 -10.27 14.09
CA PRO C 314 4.26 -10.47 13.02
C PRO C 314 3.59 -10.98 11.74
N GLY C 315 2.73 -10.16 11.15
CA GLY C 315 2.03 -10.54 9.94
C GLY C 315 2.83 -10.35 8.68
N GLY C 316 4.04 -9.81 8.82
CA GLY C 316 4.88 -9.58 7.66
C GLY C 316 5.70 -8.32 7.86
N PRO C 317 6.73 -8.11 7.04
CA PRO C 317 7.56 -6.92 7.20
C PRO C 317 6.76 -5.61 7.19
N LYS C 318 6.04 -5.34 6.11
CA LYS C 318 5.26 -4.10 5.99
C LYS C 318 4.30 -3.84 7.15
N ILE C 319 3.90 -4.89 7.85
CA ILE C 319 2.99 -4.77 8.97
C ILE C 319 3.70 -4.36 10.26
N ILE C 320 4.83 -4.99 10.55
CA ILE C 320 5.61 -4.70 11.74
C ILE C 320 6.15 -3.31 11.54
N GLU C 321 6.79 -3.16 10.38
CA GLU C 321 7.40 -1.94 9.90
C GLU C 321 6.49 -0.72 10.08
N GLN C 322 5.28 -0.78 9.51
CA GLN C 322 4.33 0.32 9.60
C GLN C 322 3.69 0.45 10.98
N SER C 323 3.71 -0.64 11.71
CA SER C 323 3.13 -0.62 13.05
C SER C 323 4.07 0.15 13.99
N VAL C 324 5.37 -0.05 13.81
CA VAL C 324 6.37 0.64 14.62
C VAL C 324 6.48 2.14 14.28
N ARG C 325 6.32 2.48 13.01
CA ARG C 325 6.39 3.86 12.58
C ARG C 325 5.22 4.63 13.17
N SER C 326 4.03 4.04 13.08
CA SER C 326 2.83 4.68 13.61
C SER C 326 3.01 5.08 15.07
N LEU C 327 3.46 4.14 15.89
CA LEU C 327 3.67 4.40 17.31
C LEU C 327 4.87 5.29 17.56
N GLY C 328 5.69 5.46 16.53
CA GLY C 328 6.88 6.28 16.68
C GLY C 328 7.86 5.75 17.72
N ILE C 329 8.01 4.43 17.78
CA ILE C 329 8.91 3.82 18.76
C ILE C 329 10.17 3.29 18.12
N SER C 330 11.12 2.92 18.96
CA SER C 330 12.38 2.38 18.50
C SER C 330 12.17 1.06 17.76
N ALA C 331 12.90 0.88 16.65
CA ALA C 331 12.80 -0.33 15.87
C ALA C 331 13.09 -1.54 16.75
N GLU C 332 13.98 -1.35 17.72
CA GLU C 332 14.37 -2.41 18.64
C GLU C 332 13.21 -2.93 19.47
N LEU C 333 12.30 -2.04 19.84
CA LEU C 333 11.17 -2.45 20.66
C LEU C 333 10.22 -3.43 19.96
N ALA C 334 10.56 -3.79 18.72
CA ALA C 334 9.76 -4.75 17.97
C ALA C 334 10.63 -5.98 17.65
N ALA C 335 11.55 -6.27 18.55
CA ALA C 335 12.48 -7.39 18.39
C ALA C 335 11.80 -8.76 18.39
N GLN C 336 11.04 -9.05 19.44
CA GLN C 336 10.32 -10.31 19.54
C GLN C 336 9.47 -10.55 18.30
N SER C 337 8.72 -9.54 17.86
CA SER C 337 7.88 -9.69 16.68
C SER C 337 8.69 -10.11 15.47
N TRP C 338 9.72 -9.32 15.16
CA TRP C 338 10.60 -9.60 14.04
C TRP C 338 11.18 -11.02 14.12
N ASP C 339 11.39 -11.51 15.34
CA ASP C 339 11.93 -12.85 15.54
C ASP C 339 10.93 -13.95 15.14
N VAL C 340 9.71 -13.88 15.66
CA VAL C 340 8.71 -14.87 15.31
C VAL C 340 8.57 -14.93 13.79
N LEU C 341 8.35 -13.77 13.15
CA LEU C 341 8.18 -13.70 11.70
C LEU C 341 9.39 -14.29 10.97
N ALA C 342 10.55 -14.19 11.60
CA ALA C 342 11.76 -14.70 11.00
C ALA C 342 11.86 -16.23 11.09
N ARG C 343 11.49 -16.78 12.24
CA ARG C 343 11.56 -18.21 12.46
C ARG C 343 10.34 -19.01 12.03
N PHE C 344 9.16 -18.39 12.09
CA PHE C 344 7.92 -19.08 11.75
C PHE C 344 7.06 -18.44 10.66
N GLY C 345 7.42 -17.24 10.20
CA GLY C 345 6.61 -16.58 9.19
C GLY C 345 5.33 -16.11 9.83
N ASN C 346 4.26 -15.98 9.05
CA ASN C 346 2.97 -15.54 9.60
C ASN C 346 1.97 -16.68 9.74
N MET C 347 1.78 -17.15 10.97
CA MET C 347 0.86 -18.23 11.22
C MET C 347 -0.46 -17.74 11.79
N LEU C 348 -0.92 -16.62 11.24
CA LEU C 348 -2.18 -15.99 11.63
C LEU C 348 -2.45 -15.76 13.11
N SER C 349 -3.68 -16.07 13.53
CA SER C 349 -4.08 -15.83 14.92
C SER C 349 -3.11 -16.42 15.93
N VAL C 350 -2.34 -17.41 15.53
CA VAL C 350 -1.39 -18.05 16.42
C VAL C 350 -0.18 -17.20 16.74
N SER C 351 0.37 -16.56 15.71
CA SER C 351 1.57 -15.73 15.86
C SER C 351 1.58 -14.82 17.08
N LEU C 352 0.51 -14.07 17.29
CA LEU C 352 0.48 -13.19 18.44
C LEU C 352 0.96 -13.90 19.69
N ILE C 353 0.39 -15.07 19.96
CA ILE C 353 0.75 -15.86 21.13
C ILE C 353 2.22 -16.32 21.14
N PHE C 354 2.79 -16.60 19.98
CA PHE C 354 4.19 -17.00 19.93
C PHE C 354 5.03 -15.85 20.44
N VAL C 355 4.69 -14.64 19.99
CA VAL C 355 5.41 -13.46 20.41
C VAL C 355 5.31 -13.26 21.93
N LEU C 356 4.11 -13.41 22.47
CA LEU C 356 3.89 -13.24 23.90
C LEU C 356 4.75 -14.22 24.72
N GLU C 357 4.78 -15.48 24.29
CA GLU C 357 5.54 -16.53 24.97
C GLU C 357 6.99 -16.09 25.17
N THR C 358 7.62 -15.62 24.10
CA THR C 358 9.00 -15.13 24.15
C THR C 358 9.15 -14.13 25.30
N MET C 359 8.30 -13.11 25.26
CA MET C 359 8.30 -12.05 26.26
C MET C 359 8.17 -12.62 27.66
N VAL C 360 7.40 -13.69 27.79
CA VAL C 360 7.25 -14.31 29.10
C VAL C 360 8.49 -15.08 29.55
N GLN C 361 9.22 -15.64 28.60
CA GLN C 361 10.42 -16.42 28.91
C GLN C 361 11.64 -15.58 29.19
N GLN C 362 11.70 -14.39 28.60
CA GLN C 362 12.84 -13.50 28.82
C GLN C 362 12.42 -12.05 29.04
N ALA C 363 12.88 -11.50 30.16
CA ALA C 363 12.58 -10.12 30.55
C ALA C 363 13.27 -9.08 29.66
N GLU C 364 12.56 -8.00 29.37
CA GLU C 364 13.10 -6.93 28.54
C GLU C 364 13.72 -5.82 29.38
N SER C 365 13.54 -5.92 30.69
CA SER C 365 14.07 -4.92 31.58
C SER C 365 14.31 -5.61 32.89
N ALA C 366 14.54 -4.83 33.94
CA ALA C 366 14.80 -5.41 35.24
C ALA C 366 13.69 -5.10 36.25
N LYS C 367 12.63 -4.44 35.80
CA LYS C 367 11.54 -4.09 36.70
C LYS C 367 10.60 -5.25 37.00
N ALA C 368 10.08 -5.32 38.22
CA ALA C 368 9.14 -6.37 38.56
C ALA C 368 7.93 -5.95 37.75
N ILE C 369 7.23 -6.89 37.13
CA ILE C 369 6.08 -6.52 36.31
C ILE C 369 6.46 -5.67 35.08
N SER C 370 6.27 -6.23 33.90
CA SER C 370 6.57 -5.51 32.67
C SER C 370 5.21 -5.24 32.03
N THR C 371 4.97 -4.00 31.59
CA THR C 371 3.70 -3.67 30.95
C THR C 371 3.87 -3.75 29.44
N GLY C 372 2.84 -4.21 28.75
CA GLY C 372 2.97 -4.32 27.33
C GLY C 372 1.63 -4.27 26.63
N VAL C 373 1.67 -3.91 25.35
CA VAL C 373 0.49 -3.83 24.52
C VAL C 373 0.62 -4.86 23.40
N ALA C 374 -0.49 -5.51 23.09
CA ALA C 374 -0.49 -6.49 22.02
C ALA C 374 -1.63 -6.08 21.12
N PHE C 375 -1.47 -6.29 19.81
CA PHE C 375 -2.53 -5.96 18.88
C PHE C 375 -2.27 -6.60 17.54
N ALA C 376 -3.34 -6.93 16.83
CA ALA C 376 -3.23 -7.56 15.54
C ALA C 376 -4.29 -6.97 14.61
N PHE C 377 -4.34 -7.46 13.37
CA PHE C 377 -5.30 -6.94 12.40
C PHE C 377 -6.18 -8.01 11.78
N GLY C 378 -7.49 -7.80 11.85
CA GLY C 378 -8.43 -8.74 11.28
C GLY C 378 -9.30 -8.12 10.19
N PRO C 379 -10.08 -8.93 9.45
CA PRO C 379 -10.93 -8.40 8.38
C PRO C 379 -11.79 -7.19 8.76
N GLY C 380 -12.05 -6.37 7.75
CA GLY C 380 -12.83 -5.14 7.91
C GLY C 380 -11.81 -4.09 8.28
N VAL C 381 -10.67 -4.65 8.66
CA VAL C 381 -9.49 -3.95 9.13
C VAL C 381 -9.94 -3.44 10.47
N THR C 382 -9.77 -4.33 11.43
CA THR C 382 -10.13 -4.13 12.82
C THR C 382 -8.86 -4.28 13.62
N VAL C 383 -8.61 -3.35 14.53
CA VAL C 383 -7.44 -3.46 15.37
C VAL C 383 -7.98 -4.16 16.59
N GLU C 384 -7.42 -5.33 16.87
CA GLU C 384 -7.82 -6.12 18.01
C GLU C 384 -6.58 -6.20 18.89
N GLY C 385 -6.69 -5.83 20.16
CA GLY C 385 -5.51 -5.89 21.01
C GLY C 385 -5.78 -5.85 22.49
N MET C 386 -4.72 -5.69 23.27
CA MET C 386 -4.84 -5.65 24.72
C MET C 386 -3.64 -5.09 25.47
N LEU C 387 -3.92 -4.57 26.67
CA LEU C 387 -2.90 -4.03 27.57
C LEU C 387 -2.69 -5.12 28.63
N PHE C 388 -1.43 -5.53 28.82
CA PHE C 388 -1.12 -6.59 29.78
C PHE C 388 0.07 -6.33 30.69
N ASP C 389 0.16 -7.14 31.73
CA ASP C 389 1.24 -7.07 32.70
C ASP C 389 1.86 -8.45 32.86
N ILE C 390 3.18 -8.51 32.87
CA ILE C 390 3.88 -9.79 33.05
C ILE C 390 4.61 -9.74 34.39
N ILE C 391 4.10 -10.47 35.37
CA ILE C 391 4.74 -10.49 36.67
C ILE C 391 6.14 -11.07 36.52
N ARG C 392 7.14 -10.27 36.87
CA ARG C 392 8.54 -10.71 36.78
C ARG C 392 9.01 -11.28 38.11
N ARG C 393 8.51 -10.73 39.22
CA ARG C 393 8.89 -11.17 40.56
C ARG C 393 8.05 -10.53 41.67
N THR D 31 -26.90 -11.06 39.89
CA THR D 31 -26.98 -10.62 38.46
C THR D 31 -27.80 -11.58 37.62
N VAL D 32 -28.57 -11.05 36.66
CA VAL D 32 -29.39 -11.91 35.83
C VAL D 32 -29.26 -11.54 34.35
N ALA D 33 -29.24 -12.56 33.50
CA ALA D 33 -29.15 -12.35 32.06
C ALA D 33 -30.56 -12.28 31.47
N VAL D 34 -30.90 -11.16 30.84
CA VAL D 34 -32.22 -10.98 30.24
C VAL D 34 -32.25 -10.74 28.74
N ILE D 35 -33.18 -11.42 28.07
CA ILE D 35 -33.37 -11.22 26.64
C ILE D 35 -34.35 -10.06 26.64
N GLU D 36 -33.84 -8.87 26.35
CA GLU D 36 -34.66 -7.67 26.36
C GLU D 36 -35.23 -7.28 25.01
N GLY D 37 -34.69 -7.88 23.96
CA GLY D 37 -35.17 -7.59 22.62
C GLY D 37 -35.14 -8.87 21.85
N LEU D 38 -36.01 -9.00 20.86
CA LEU D 38 -36.06 -10.22 20.08
C LEU D 38 -36.74 -9.89 18.76
N ALA D 39 -36.14 -10.31 17.65
CA ALA D 39 -36.75 -10.01 16.36
C ALA D 39 -36.39 -11.05 15.32
N THR D 40 -37.35 -11.38 14.47
CA THR D 40 -37.13 -12.37 13.43
C THR D 40 -37.43 -11.78 12.06
N GLY D 41 -36.83 -12.35 11.04
CA GLY D 41 -37.04 -11.86 9.70
C GLY D 41 -36.83 -13.00 8.73
N THR D 42 -37.08 -12.75 7.45
CA THR D 42 -36.94 -13.83 6.50
C THR D 42 -37.02 -13.31 5.07
N PRO D 43 -36.35 -13.97 4.11
CA PRO D 43 -36.45 -13.48 2.74
C PRO D 43 -37.91 -13.58 2.25
N ARG D 44 -38.36 -12.55 1.53
CA ARG D 44 -39.74 -12.47 1.02
C ARG D 44 -40.29 -13.69 0.30
N ARG D 45 -39.53 -14.25 -0.63
CA ARG D 45 -40.02 -15.41 -1.37
C ARG D 45 -40.52 -16.57 -0.52
N VAL D 46 -41.75 -16.99 -0.78
CA VAL D 46 -42.35 -18.11 -0.06
C VAL D 46 -42.32 -19.32 -1.01
N VAL D 47 -42.05 -20.49 -0.45
CA VAL D 47 -42.00 -21.70 -1.26
C VAL D 47 -42.87 -22.77 -0.61
N ASN D 48 -43.88 -23.22 -1.36
CA ASN D 48 -44.81 -24.24 -0.88
C ASN D 48 -44.20 -25.61 -1.13
N GLN D 49 -44.08 -26.44 -0.09
CA GLN D 49 -43.49 -27.76 -0.26
C GLN D 49 -44.13 -28.57 -1.38
N SER D 50 -45.45 -28.53 -1.47
CA SER D 50 -46.17 -29.27 -2.50
C SER D 50 -45.59 -28.95 -3.87
N ASP D 51 -45.42 -27.66 -4.16
CA ASP D 51 -44.85 -27.28 -5.45
C ASP D 51 -43.40 -27.68 -5.51
N ALA D 52 -42.62 -27.27 -4.51
CA ALA D 52 -41.20 -27.61 -4.47
C ALA D 52 -40.99 -29.06 -4.86
N ALA D 53 -41.73 -29.93 -4.20
CA ALA D 53 -41.68 -31.37 -4.46
C ALA D 53 -41.80 -31.62 -5.97
N ASP D 54 -42.84 -31.08 -6.58
CA ASP D 54 -43.04 -31.28 -8.00
C ASP D 54 -41.89 -30.70 -8.83
N ARG D 55 -41.57 -29.42 -8.63
CA ARG D 55 -40.49 -28.81 -9.40
C ARG D 55 -39.18 -29.57 -9.23
N VAL D 56 -38.93 -30.06 -8.03
CA VAL D 56 -37.72 -30.81 -7.75
C VAL D 56 -37.75 -32.19 -8.39
N ALA D 57 -38.87 -32.89 -8.24
CA ALA D 57 -39.00 -34.22 -8.80
C ALA D 57 -38.56 -34.27 -10.25
N GLU D 58 -39.01 -33.29 -11.03
CA GLU D 58 -38.70 -33.24 -12.44
C GLU D 58 -37.21 -33.20 -12.82
N LEU D 59 -36.33 -33.57 -11.91
CA LEU D 59 -34.89 -33.56 -12.22
C LEU D 59 -34.31 -34.97 -12.31
N GLY D 64 -34.87 -41.64 -12.69
CA GLY D 64 -35.72 -42.77 -12.99
C GLY D 64 -36.67 -43.13 -11.86
N GLN D 65 -36.21 -42.91 -10.63
CA GLN D 65 -37.01 -43.20 -9.44
C GLN D 65 -37.22 -41.88 -8.70
N ARG D 66 -37.85 -40.95 -9.41
CA ARG D 66 -38.16 -39.61 -8.88
C ARG D 66 -39.38 -39.77 -7.99
N GLU D 67 -39.81 -41.02 -7.77
CA GLU D 67 -40.97 -41.30 -6.93
C GLU D 67 -40.58 -41.01 -5.48
N ARG D 68 -39.27 -41.06 -5.21
CA ARG D 68 -38.76 -40.85 -3.86
C ARG D 68 -38.96 -39.44 -3.36
N ILE D 69 -38.74 -38.47 -4.24
CA ILE D 69 -38.86 -37.06 -3.89
C ILE D 69 -40.21 -36.67 -3.29
N PRO D 70 -41.32 -37.07 -3.93
CA PRO D 70 -42.60 -36.69 -3.33
C PRO D 70 -42.71 -37.31 -1.93
N ARG D 71 -42.20 -38.54 -1.78
CA ARG D 71 -42.24 -39.27 -0.50
C ARG D 71 -41.57 -38.50 0.62
N VAL D 72 -40.31 -38.12 0.39
CA VAL D 72 -39.55 -37.39 1.40
C VAL D 72 -40.20 -36.06 1.75
N TYR D 73 -40.68 -35.35 0.73
CA TYR D 73 -41.34 -34.07 0.95
C TYR D 73 -42.64 -34.16 1.74
N GLN D 74 -43.42 -35.22 1.53
CA GLN D 74 -44.68 -35.40 2.26
C GLN D 74 -44.33 -35.63 3.73
N LYS D 75 -43.30 -36.44 3.96
CA LYS D 75 -42.87 -36.78 5.31
C LYS D 75 -42.18 -35.63 6.05
N SER D 76 -41.78 -34.60 5.31
CA SER D 76 -41.10 -33.44 5.88
C SER D 76 -41.94 -32.69 6.92
N ARG D 77 -43.24 -32.65 6.71
CA ARG D 77 -44.17 -31.96 7.60
C ARG D 77 -43.90 -30.47 7.56
N ILE D 78 -43.46 -30.02 6.39
CA ILE D 78 -43.16 -28.63 6.13
C ILE D 78 -44.15 -28.17 5.08
N THR D 79 -44.83 -27.06 5.34
CA THR D 79 -45.77 -26.55 4.35
C THR D 79 -45.09 -25.48 3.51
N THR D 80 -44.26 -24.66 4.15
CA THR D 80 -43.58 -23.60 3.44
C THR D 80 -42.27 -23.21 4.10
N ARG D 81 -41.42 -22.54 3.34
CA ARG D 81 -40.15 -22.05 3.83
C ARG D 81 -39.70 -20.93 2.91
N ARG D 82 -39.00 -19.96 3.48
CA ARG D 82 -38.53 -18.82 2.70
C ARG D 82 -37.16 -19.08 2.12
N MET D 83 -36.91 -18.53 0.94
CA MET D 83 -35.64 -18.69 0.26
C MET D 83 -35.13 -17.41 -0.39
N ALA D 84 -33.95 -16.97 0.03
CA ALA D 84 -33.33 -15.76 -0.50
C ALA D 84 -33.18 -15.86 -2.02
N VAL D 85 -33.05 -17.08 -2.51
CA VAL D 85 -32.88 -17.31 -3.93
C VAL D 85 -33.74 -18.47 -4.38
N ASP D 86 -34.08 -18.50 -5.66
CA ASP D 86 -34.86 -19.60 -6.20
C ASP D 86 -33.85 -20.47 -6.95
N PRO D 87 -33.29 -21.49 -6.27
CA PRO D 87 -32.30 -22.38 -6.88
C PRO D 87 -32.74 -23.08 -8.16
N LEU D 88 -34.05 -23.06 -8.45
CA LEU D 88 -34.57 -23.70 -9.66
C LEU D 88 -34.84 -22.70 -10.78
N ASP D 89 -34.69 -21.42 -10.45
CA ASP D 89 -34.86 -20.32 -11.39
C ASP D 89 -33.99 -20.57 -12.62
N ALA D 90 -34.46 -20.13 -13.78
CA ALA D 90 -33.71 -20.30 -15.02
C ALA D 90 -32.28 -19.80 -14.86
N LYS D 91 -32.15 -18.62 -14.30
CA LYS D 91 -30.83 -18.04 -14.06
C LYS D 91 -29.99 -19.05 -13.29
N PHE D 92 -30.38 -19.28 -12.03
CA PHE D 92 -29.68 -20.16 -11.11
C PHE D 92 -29.43 -21.60 -11.57
N ASP D 93 -30.45 -22.23 -12.11
CA ASP D 93 -30.33 -23.61 -12.55
C ASP D 93 -29.06 -23.99 -13.29
N VAL D 94 -28.55 -23.08 -14.10
CA VAL D 94 -27.33 -23.36 -14.85
C VAL D 94 -26.10 -23.30 -13.93
N PHE D 95 -26.07 -22.25 -13.13
CA PHE D 95 -25.00 -22.00 -12.19
C PHE D 95 -24.87 -23.12 -11.16
N ARG D 96 -26.02 -23.62 -10.68
CA ARG D 96 -26.00 -24.68 -9.68
C ARG D 96 -25.62 -26.05 -10.19
N ARG D 97 -25.66 -26.24 -11.50
CA ARG D 97 -25.25 -27.53 -12.04
C ARG D 97 -23.75 -27.51 -12.20
N GLU D 98 -23.17 -26.33 -12.07
CA GLU D 98 -21.74 -26.15 -12.21
C GLU D 98 -20.90 -26.55 -11.01
N PRO D 99 -19.63 -26.87 -11.26
CA PRO D 99 -18.68 -27.25 -10.21
C PRO D 99 -17.91 -26.01 -9.74
N ALA D 100 -17.19 -26.18 -8.64
CA ALA D 100 -16.35 -25.12 -8.08
C ALA D 100 -17.00 -23.74 -8.03
N THR D 101 -18.12 -23.62 -7.33
CA THR D 101 -18.78 -22.32 -7.23
C THR D 101 -18.93 -21.73 -5.82
N ILE D 102 -18.32 -22.35 -4.81
CA ILE D 102 -18.46 -21.82 -3.44
C ILE D 102 -18.21 -20.33 -3.30
N ARG D 103 -17.09 -19.85 -3.83
CA ARG D 103 -16.77 -18.43 -3.73
C ARG D 103 -17.98 -17.58 -4.12
N ASP D 104 -18.46 -17.74 -5.35
CA ASP D 104 -19.62 -16.98 -5.78
C ASP D 104 -20.78 -17.22 -4.83
N ARG D 105 -20.98 -18.46 -4.43
CA ARG D 105 -22.07 -18.78 -3.52
C ARG D 105 -21.92 -18.00 -2.21
N MET D 106 -20.71 -17.99 -1.67
CA MET D 106 -20.46 -17.26 -0.42
C MET D 106 -20.75 -15.79 -0.66
N HIS D 107 -20.41 -15.29 -1.86
CA HIS D 107 -20.70 -13.89 -2.14
C HIS D 107 -22.22 -13.72 -2.12
N LEU D 108 -22.95 -14.62 -2.78
CA LEU D 108 -24.41 -14.55 -2.79
C LEU D 108 -24.94 -14.47 -1.37
N PHE D 109 -24.33 -15.25 -0.47
CA PHE D 109 -24.73 -15.24 0.92
C PHE D 109 -24.69 -13.82 1.44
N TYR D 110 -23.53 -13.19 1.29
CA TYR D 110 -23.34 -11.82 1.75
C TYR D 110 -24.37 -10.86 1.14
N GLU D 111 -24.59 -10.98 -0.17
CA GLU D 111 -25.54 -10.12 -0.87
C GLU D 111 -26.94 -10.18 -0.27
N HIS D 112 -27.37 -11.36 0.14
CA HIS D 112 -28.70 -11.49 0.73
C HIS D 112 -28.70 -11.41 2.25
N ALA D 113 -27.68 -11.99 2.87
CA ALA D 113 -27.58 -11.98 4.31
C ALA D 113 -27.61 -10.58 4.90
N VAL D 114 -26.78 -9.68 4.37
CA VAL D 114 -26.68 -8.30 4.87
C VAL D 114 -28.03 -7.59 5.02
N PRO D 115 -28.76 -7.38 3.92
CA PRO D 115 -30.05 -6.70 4.00
C PRO D 115 -30.91 -7.25 5.13
N LEU D 116 -31.18 -8.56 5.05
CA LEU D 116 -32.01 -9.24 6.05
C LEU D 116 -31.49 -9.06 7.48
N ALA D 117 -30.22 -9.36 7.70
CA ALA D 117 -29.64 -9.24 9.03
C ALA D 117 -29.73 -7.84 9.59
N VAL D 118 -29.66 -6.84 8.70
CA VAL D 118 -29.72 -5.44 9.12
C VAL D 118 -31.13 -5.06 9.55
N ASP D 119 -32.10 -5.38 8.71
CA ASP D 119 -33.50 -5.08 9.02
C ASP D 119 -33.92 -5.76 10.33
N VAL D 120 -33.47 -6.99 10.55
CA VAL D 120 -33.83 -7.72 11.76
C VAL D 120 -33.20 -7.13 13.03
N SER D 121 -31.97 -6.63 12.89
CA SER D 121 -31.27 -6.05 14.03
C SER D 121 -31.97 -4.75 14.43
N LYS D 122 -32.23 -3.91 13.43
CA LYS D 122 -32.89 -2.63 13.68
C LYS D 122 -34.19 -2.87 14.41
N ARG D 123 -34.93 -3.89 13.98
CA ARG D 123 -36.20 -4.18 14.60
C ARG D 123 -36.09 -4.73 16.02
N ALA D 124 -35.01 -5.43 16.32
CA ALA D 124 -34.83 -5.99 17.67
C ALA D 124 -34.45 -4.89 18.65
N LEU D 125 -33.78 -3.87 18.13
CA LEU D 125 -33.34 -2.72 18.93
C LEU D 125 -34.43 -1.67 18.98
N ALA D 126 -35.16 -1.54 17.86
CA ALA D 126 -36.24 -0.58 17.73
C ALA D 126 -37.05 -0.39 19.01
N GLY D 127 -37.38 -1.49 19.67
CA GLY D 127 -38.18 -1.40 20.88
C GLY D 127 -37.46 -0.94 22.14
N LEU D 128 -36.13 -0.96 22.13
CA LEU D 128 -35.38 -0.56 23.31
C LEU D 128 -34.87 0.87 23.22
N PRO D 129 -34.64 1.49 24.39
CA PRO D 129 -34.14 2.87 24.49
C PRO D 129 -32.63 2.93 24.61
N TYR D 130 -31.92 1.98 24.01
CA TYR D 130 -30.47 2.00 24.14
C TYR D 130 -29.78 2.78 23.05
N ARG D 131 -28.76 3.52 23.44
CA ARG D 131 -27.98 4.32 22.51
C ARG D 131 -26.87 3.41 22.02
N ALA D 132 -26.42 3.63 20.79
CA ALA D 132 -25.36 2.82 20.19
C ALA D 132 -24.19 2.59 21.13
N ALA D 133 -23.99 3.50 22.07
CA ALA D 133 -22.87 3.39 23.00
C ALA D 133 -23.06 2.29 24.03
N GLU D 134 -24.30 1.90 24.28
CA GLU D 134 -24.59 0.88 25.28
C GLU D 134 -24.40 -0.56 24.79
N ILE D 135 -24.29 -0.70 23.47
CA ILE D 135 -24.11 -2.01 22.86
C ILE D 135 -22.62 -2.28 22.71
N GLY D 136 -22.08 -3.13 23.57
CA GLY D 136 -20.65 -3.43 23.51
C GLY D 136 -20.19 -4.76 22.92
N LEU D 137 -21.13 -5.59 22.50
CA LEU D 137 -20.76 -6.89 21.94
C LEU D 137 -21.74 -7.39 20.88
N LEU D 138 -21.20 -7.84 19.76
CA LEU D 138 -21.99 -8.37 18.66
C LEU D 138 -21.51 -9.78 18.31
N VAL D 139 -22.41 -10.76 18.47
CA VAL D 139 -22.11 -12.15 18.15
C VAL D 139 -22.89 -12.53 16.89
N LEU D 140 -22.20 -13.09 15.90
CA LEU D 140 -22.86 -13.47 14.66
C LEU D 140 -22.64 -14.96 14.42
N ALA D 141 -23.73 -15.70 14.27
CA ALA D 141 -23.64 -17.14 14.04
C ALA D 141 -24.22 -17.55 12.68
N THR D 142 -23.54 -18.49 12.04
CA THR D 142 -23.96 -19.01 10.74
C THR D 142 -23.26 -20.33 10.48
N SER D 143 -23.75 -21.08 9.51
CA SER D 143 -23.15 -22.34 9.12
C SER D 143 -23.37 -22.46 7.63
N THR D 144 -23.90 -21.39 7.04
CA THR D 144 -24.20 -21.41 5.62
C THR D 144 -23.50 -20.34 4.78
N GLY D 145 -22.52 -19.66 5.36
CA GLY D 145 -21.80 -18.64 4.61
C GLY D 145 -20.51 -18.24 5.27
N PHE D 146 -19.45 -18.03 4.48
CA PHE D 146 -18.14 -17.62 5.02
C PHE D 146 -17.50 -16.56 4.15
N ILE D 147 -17.42 -15.34 4.69
CA ILE D 147 -16.82 -14.19 4.00
C ILE D 147 -16.32 -13.23 5.05
N ALA D 148 -15.26 -12.50 4.73
CA ALA D 148 -14.72 -11.53 5.66
C ALA D 148 -14.09 -10.38 4.86
N PRO D 149 -14.48 -9.13 5.14
CA PRO D 149 -15.46 -8.64 6.13
C PRO D 149 -16.84 -9.23 5.86
N GLY D 150 -17.58 -9.58 6.92
CA GLY D 150 -18.88 -10.16 6.69
C GLY D 150 -20.09 -9.38 7.17
N VAL D 151 -21.17 -10.11 7.42
CA VAL D 151 -22.41 -9.52 7.89
C VAL D 151 -22.21 -8.75 9.19
N ASP D 152 -21.36 -9.29 10.07
CA ASP D 152 -21.13 -8.62 11.33
C ASP D 152 -20.69 -7.19 11.08
N VAL D 153 -19.72 -7.01 10.18
CA VAL D 153 -19.22 -5.67 9.86
C VAL D 153 -20.29 -4.81 9.15
N ALA D 154 -21.00 -5.42 8.22
CA ALA D 154 -22.04 -4.71 7.49
C ALA D 154 -23.08 -4.23 8.49
N ILE D 155 -23.32 -5.02 9.54
CA ILE D 155 -24.29 -4.63 10.55
C ILE D 155 -23.83 -3.42 11.36
N VAL D 156 -22.63 -3.49 11.93
CA VAL D 156 -22.11 -2.36 12.71
C VAL D 156 -22.22 -1.05 11.92
N LYS D 157 -21.65 -1.03 10.71
CA LYS D 157 -21.69 0.16 9.88
C LYS D 157 -23.10 0.58 9.59
N GLU D 158 -23.88 -0.34 9.04
CA GLU D 158 -25.25 -0.06 8.70
C GLU D 158 -26.08 0.52 9.84
N LEU D 159 -25.97 -0.09 11.01
CA LEU D 159 -26.77 0.36 12.15
C LEU D 159 -26.13 1.50 12.90
N GLY D 160 -24.90 1.83 12.54
CA GLY D 160 -24.21 2.90 13.22
C GLY D 160 -23.78 2.52 14.62
N LEU D 161 -23.39 1.27 14.79
CA LEU D 161 -22.94 0.80 16.10
C LEU D 161 -21.51 1.31 16.33
N SER D 162 -21.10 1.45 17.58
CA SER D 162 -19.76 1.95 17.85
C SER D 162 -18.68 1.20 17.10
N PRO D 163 -17.72 1.92 16.54
CA PRO D 163 -16.62 1.32 15.78
C PRO D 163 -15.77 0.39 16.66
N SER D 164 -15.85 0.58 17.97
CA SER D 164 -15.07 -0.23 18.87
C SER D 164 -15.83 -1.38 19.53
N ILE D 165 -17.02 -1.67 19.04
CA ILE D 165 -17.81 -2.78 19.59
C ILE D 165 -17.04 -4.10 19.47
N SER D 166 -17.19 -4.97 20.46
CA SER D 166 -16.52 -6.26 20.40
C SER D 166 -17.31 -7.13 19.42
N ARG D 167 -16.61 -8.03 18.74
CA ARG D 167 -17.27 -8.91 17.79
C ARG D 167 -16.77 -10.34 17.81
N VAL D 168 -17.69 -11.29 17.76
CA VAL D 168 -17.34 -12.70 17.75
C VAL D 168 -18.18 -13.39 16.69
N VAL D 169 -17.53 -13.98 15.69
CA VAL D 169 -18.25 -14.67 14.64
C VAL D 169 -18.23 -16.17 14.90
N VAL D 170 -19.39 -16.73 15.23
CA VAL D 170 -19.53 -18.16 15.54
C VAL D 170 -19.95 -19.01 14.35
N ASN D 171 -18.97 -19.71 13.75
CA ASN D 171 -19.22 -20.56 12.58
C ASN D 171 -19.27 -22.07 12.82
N PHE D 172 -20.02 -22.74 11.96
CA PHE D 172 -20.18 -24.18 11.94
C PHE D 172 -20.61 -24.93 13.21
N MET D 173 -21.41 -24.28 14.04
CA MET D 173 -21.89 -24.95 15.24
C MET D 173 -23.31 -25.44 14.96
N GLY D 174 -23.68 -25.38 13.69
CA GLY D 174 -24.99 -25.84 13.24
C GLY D 174 -26.26 -25.40 13.95
N CYS D 175 -27.30 -26.20 13.79
CA CYS D 175 -28.63 -25.94 14.36
C CYS D 175 -28.66 -25.41 15.78
N ALA D 176 -27.60 -25.63 16.56
CA ALA D 176 -27.59 -25.17 17.94
C ALA D 176 -26.69 -23.96 18.25
N ALA D 177 -26.22 -23.28 17.21
CA ALA D 177 -25.35 -22.10 17.38
C ALA D 177 -25.96 -21.00 18.25
N ALA D 178 -27.27 -20.81 18.13
CA ALA D 178 -27.99 -19.81 18.92
C ALA D 178 -27.70 -19.95 20.41
N MET D 179 -27.57 -21.17 20.90
CA MET D 179 -27.30 -21.38 22.32
C MET D 179 -25.84 -21.04 22.63
N ASN D 180 -24.95 -21.31 21.69
CA ASN D 180 -23.54 -21.00 21.89
C ASN D 180 -23.37 -19.47 21.88
N ALA D 181 -24.05 -18.85 20.93
CA ALA D 181 -24.02 -17.41 20.75
C ALA D 181 -24.59 -16.73 22.00
N LEU D 182 -25.77 -17.18 22.40
CA LEU D 182 -26.44 -16.63 23.57
C LEU D 182 -25.56 -16.73 24.81
N GLY D 183 -24.80 -17.81 24.93
CA GLY D 183 -23.93 -17.96 26.09
C GLY D 183 -22.82 -16.93 26.12
N THR D 184 -22.30 -16.63 24.93
CA THR D 184 -21.24 -15.66 24.78
C THR D 184 -21.77 -14.30 25.16
N ALA D 185 -23.05 -14.08 24.91
CA ALA D 185 -23.64 -12.79 25.24
C ALA D 185 -23.90 -12.64 26.75
N THR D 186 -24.38 -13.68 27.41
CA THR D 186 -24.66 -13.57 28.84
C THR D 186 -23.37 -13.39 29.63
N ASN D 187 -22.32 -14.11 29.24
CA ASN D 187 -21.04 -13.97 29.93
C ASN D 187 -20.60 -12.51 29.84
N TYR D 188 -20.60 -11.98 28.63
CA TYR D 188 -20.22 -10.58 28.39
C TYR D 188 -21.01 -9.66 29.31
N VAL D 189 -22.31 -9.59 29.07
CA VAL D 189 -23.22 -8.77 29.86
C VAL D 189 -23.03 -9.00 31.37
N ARG D 190 -22.51 -10.15 31.74
CA ARG D 190 -22.28 -10.42 33.15
C ARG D 190 -20.96 -9.84 33.63
N ALA D 191 -20.03 -9.62 32.70
CA ALA D 191 -18.74 -9.04 33.02
C ALA D 191 -18.84 -7.52 32.86
N HIS D 192 -19.87 -7.07 32.13
CA HIS D 192 -20.11 -5.65 31.88
C HIS D 192 -21.61 -5.38 31.91
N PRO D 193 -22.21 -5.42 33.11
CA PRO D 193 -23.64 -5.21 33.35
C PRO D 193 -24.24 -3.95 32.71
N ALA D 194 -23.47 -2.88 32.67
CA ALA D 194 -23.94 -1.64 32.08
C ALA D 194 -23.97 -1.71 30.56
N MET D 195 -23.45 -2.80 30.01
CA MET D 195 -23.43 -2.96 28.57
C MET D 195 -24.53 -3.90 28.10
N LYS D 196 -24.75 -3.90 26.79
CA LYS D 196 -25.76 -4.75 26.18
C LYS D 196 -25.05 -5.53 25.09
N ALA D 197 -25.64 -6.66 24.71
CA ALA D 197 -25.05 -7.48 23.67
C ALA D 197 -26.08 -7.83 22.62
N LEU D 198 -25.66 -7.83 21.36
CA LEU D 198 -26.53 -8.15 20.25
C LEU D 198 -26.12 -9.48 19.62
N VAL D 199 -27.06 -10.42 19.56
CA VAL D 199 -26.82 -11.75 18.98
C VAL D 199 -27.60 -11.84 17.68
N VAL D 200 -26.89 -12.14 16.59
CA VAL D 200 -27.53 -12.24 15.28
C VAL D 200 -27.26 -13.56 14.60
N CYS D 201 -28.32 -14.21 14.17
CA CYS D 201 -28.19 -15.48 13.47
C CYS D 201 -28.75 -15.32 12.07
N ILE D 202 -27.99 -15.77 11.08
CA ILE D 202 -28.40 -15.71 9.69
C ILE D 202 -28.04 -17.03 9.09
N GLU D 203 -29.03 -17.69 8.54
CA GLU D 203 -28.82 -18.97 7.92
C GLU D 203 -29.53 -18.85 6.56
N LEU D 204 -28.79 -19.08 5.49
CA LEU D 204 -29.32 -18.99 4.13
C LEU D 204 -28.94 -20.21 3.31
N PHE D 205 -29.56 -21.35 3.60
CA PHE D 205 -29.22 -22.57 2.88
C PHE D 205 -29.45 -22.46 1.38
N SER D 206 -30.53 -21.80 0.97
CA SER D 206 -30.84 -21.70 -0.46
C SER D 206 -29.63 -21.35 -1.32
N VAL D 207 -28.76 -20.49 -0.81
CA VAL D 207 -27.57 -20.09 -1.55
C VAL D 207 -26.59 -21.25 -1.81
N ASN D 208 -26.74 -22.35 -1.07
CA ASN D 208 -25.89 -23.51 -1.22
C ASN D 208 -26.60 -24.64 -1.96
N ALA D 209 -27.85 -24.42 -2.34
CA ALA D 209 -28.65 -25.45 -3.04
C ALA D 209 -27.97 -26.05 -4.27
N VAL D 210 -27.92 -27.38 -4.30
CA VAL D 210 -27.31 -28.12 -5.39
C VAL D 210 -28.23 -29.19 -5.99
N PHE D 211 -29.09 -29.79 -5.17
CA PHE D 211 -30.00 -30.84 -5.61
C PHE D 211 -29.28 -32.03 -6.28
N ALA D 212 -28.46 -32.73 -5.51
CA ALA D 212 -27.70 -33.86 -6.00
C ALA D 212 -28.49 -35.16 -5.79
N ASP D 213 -27.96 -36.25 -6.35
CA ASP D 213 -28.57 -37.58 -6.28
C ASP D 213 -28.71 -38.29 -4.95
N ASP D 214 -27.65 -38.34 -4.15
CA ASP D 214 -27.74 -39.07 -2.90
C ASP D 214 -28.94 -38.70 -2.04
N ILE D 215 -29.38 -39.66 -1.25
CA ILE D 215 -30.55 -39.49 -0.38
C ILE D 215 -30.37 -38.41 0.66
N ASN D 216 -29.17 -38.28 1.20
CA ASN D 216 -28.97 -37.27 2.23
C ASN D 216 -29.20 -35.88 1.65
N ASP D 217 -28.75 -35.67 0.42
CA ASP D 217 -28.91 -34.38 -0.21
C ASP D 217 -30.40 -34.12 -0.42
N VAL D 218 -31.14 -35.15 -0.78
CA VAL D 218 -32.57 -35.01 -0.99
C VAL D 218 -33.24 -34.58 0.31
N VAL D 219 -32.99 -35.33 1.39
CA VAL D 219 -33.57 -34.99 2.69
C VAL D 219 -33.21 -33.56 3.07
N ILE D 220 -31.91 -33.33 3.22
CA ILE D 220 -31.35 -32.02 3.57
C ILE D 220 -32.01 -30.89 2.79
N HIS D 221 -32.10 -31.06 1.47
CA HIS D 221 -32.71 -30.06 0.60
C HIS D 221 -34.24 -29.88 0.74
N SER D 222 -34.92 -30.85 1.34
CA SER D 222 -36.36 -30.75 1.52
C SER D 222 -36.68 -30.14 2.90
N LEU D 223 -35.65 -29.97 3.72
CA LEU D 223 -35.83 -29.44 5.06
C LEU D 223 -35.39 -28.01 5.36
N PHE D 224 -34.24 -27.60 4.84
CA PHE D 224 -33.73 -26.28 5.18
C PHE D 224 -34.34 -25.06 4.53
N GLY D 225 -34.54 -24.04 5.35
CA GLY D 225 -35.09 -22.78 4.89
C GLY D 225 -34.14 -21.65 5.22
N ASP D 226 -34.45 -20.45 4.73
CA ASP D 226 -33.61 -19.29 4.99
C ASP D 226 -34.27 -18.45 6.06
N GLY D 227 -33.47 -17.77 6.86
CA GLY D 227 -34.03 -16.95 7.91
C GLY D 227 -32.98 -16.27 8.76
N CYS D 228 -33.44 -15.32 9.56
CA CYS D 228 -32.56 -14.57 10.43
C CYS D 228 -33.33 -14.23 11.70
N ALA D 229 -32.59 -14.05 12.78
CA ALA D 229 -33.17 -13.70 14.07
C ALA D 229 -32.11 -12.96 14.88
N ALA D 230 -32.56 -12.03 15.74
CA ALA D 230 -31.64 -11.26 16.55
C ALA D 230 -32.16 -11.15 17.97
N LEU D 231 -31.24 -10.94 18.91
CA LEU D 231 -31.58 -10.80 20.33
C LEU D 231 -30.79 -9.65 20.97
N VAL D 232 -31.38 -9.00 21.97
CA VAL D 232 -30.70 -7.93 22.68
C VAL D 232 -30.60 -8.37 24.13
N ILE D 233 -29.39 -8.64 24.60
CA ILE D 233 -29.18 -9.10 25.97
C ILE D 233 -28.61 -8.04 26.91
N GLY D 234 -29.06 -8.06 28.17
CA GLY D 234 -28.57 -7.12 29.17
C GLY D 234 -28.51 -7.78 30.53
N ALA D 235 -27.75 -7.21 31.47
CA ALA D 235 -27.66 -7.78 32.81
C ALA D 235 -28.72 -7.10 33.64
N SER D 236 -29.09 -7.69 34.77
CA SER D 236 -30.10 -7.09 35.62
C SER D 236 -29.94 -7.55 37.06
N GLN D 237 -30.24 -6.64 38.01
CA GLN D 237 -30.11 -6.97 39.42
C GLN D 237 -31.13 -8.01 39.83
N VAL D 238 -30.63 -9.08 40.45
CA VAL D 238 -31.48 -10.19 40.91
C VAL D 238 -32.81 -9.69 41.46
N GLN D 239 -32.78 -8.52 42.12
CA GLN D 239 -33.99 -7.93 42.69
C GLN D 239 -34.98 -7.52 41.61
N GLU D 240 -34.72 -6.37 40.98
CA GLU D 240 -35.56 -5.77 39.95
C GLU D 240 -36.73 -6.58 39.35
N LYS D 241 -37.88 -5.92 39.20
CA LYS D 241 -39.06 -6.53 38.64
C LYS D 241 -39.14 -6.23 37.14
N LEU D 242 -38.91 -7.25 36.33
CA LEU D 242 -38.93 -7.09 34.88
C LEU D 242 -40.33 -6.97 34.29
N GLU D 243 -40.46 -6.22 33.20
CA GLU D 243 -41.77 -6.04 32.54
C GLU D 243 -42.11 -7.23 31.66
N PRO D 244 -43.40 -7.46 31.43
CA PRO D 244 -43.81 -8.59 30.60
C PRO D 244 -42.97 -8.73 29.33
N GLY D 245 -42.95 -9.93 28.76
CA GLY D 245 -42.20 -10.15 27.54
C GLY D 245 -40.75 -10.47 27.79
N LYS D 246 -40.16 -9.89 28.84
CA LYS D 246 -38.75 -10.13 29.16
C LYS D 246 -38.47 -11.61 29.47
N VAL D 247 -37.40 -12.15 28.87
CA VAL D 247 -37.05 -13.54 29.10
C VAL D 247 -35.77 -13.68 29.91
N VAL D 248 -35.90 -14.26 31.10
CA VAL D 248 -34.76 -14.46 31.97
C VAL D 248 -34.07 -15.79 31.65
N VAL D 249 -32.81 -15.70 31.23
CA VAL D 249 -32.02 -16.89 30.92
C VAL D 249 -31.50 -17.40 32.27
N ARG D 250 -32.20 -18.37 32.85
CA ARG D 250 -31.83 -18.93 34.15
C ARG D 250 -30.56 -19.77 34.14
N SER D 251 -30.43 -20.63 33.14
CA SER D 251 -29.28 -21.49 33.06
C SER D 251 -29.16 -22.06 31.65
N SER D 252 -27.93 -22.28 31.22
CA SER D 252 -27.66 -22.84 29.90
C SER D 252 -26.86 -24.12 30.11
N PHE D 253 -26.89 -25.03 29.14
CA PHE D 253 -26.17 -26.30 29.28
C PHE D 253 -25.71 -26.92 27.98
N SER D 254 -24.72 -27.80 28.08
CA SER D 254 -24.15 -28.48 26.91
C SER D 254 -23.90 -29.94 27.26
N GLN D 255 -23.88 -30.79 26.24
CA GLN D 255 -23.61 -32.20 26.45
C GLN D 255 -23.13 -32.85 25.17
N LEU D 256 -21.88 -33.30 25.21
CA LEU D 256 -21.32 -33.98 24.08
C LEU D 256 -21.76 -35.42 24.31
N LEU D 257 -22.53 -35.98 23.40
CA LEU D 257 -23.00 -37.35 23.55
C LEU D 257 -21.95 -38.35 23.06
N ASP D 258 -21.66 -39.35 23.90
CA ASP D 258 -20.68 -40.38 23.57
C ASP D 258 -21.01 -41.09 22.27
N ASN D 259 -19.97 -41.42 21.52
CA ASN D 259 -20.11 -42.12 20.26
C ASN D 259 -21.35 -41.70 19.48
N THR D 260 -21.28 -40.51 18.90
CA THR D 260 -22.39 -39.99 18.11
C THR D 260 -21.86 -39.11 17.00
N GLU D 261 -20.54 -38.85 17.02
CA GLU D 261 -19.88 -37.99 16.04
C GLU D 261 -20.46 -37.97 14.63
N ASP D 262 -20.85 -39.14 14.12
CA ASP D 262 -21.43 -39.24 12.78
C ASP D 262 -22.81 -38.59 12.67
N GLY D 263 -23.44 -38.34 13.81
CA GLY D 263 -24.76 -37.74 13.85
C GLY D 263 -25.07 -36.60 12.91
N ILE D 264 -24.42 -35.47 13.13
CA ILE D 264 -24.60 -34.29 12.31
C ILE D 264 -23.22 -33.88 11.79
N VAL D 265 -23.09 -33.78 10.48
CA VAL D 265 -21.82 -33.44 9.87
C VAL D 265 -21.89 -32.33 8.81
N LEU D 266 -21.12 -31.25 9.07
CA LEU D 266 -21.04 -30.08 8.19
C LEU D 266 -19.73 -30.09 7.42
N GLY D 267 -19.78 -29.68 6.16
CA GLY D 267 -18.56 -29.67 5.37
C GLY D 267 -18.63 -28.64 4.28
N VAL D 268 -17.51 -28.37 3.64
CA VAL D 268 -17.50 -27.39 2.56
C VAL D 268 -17.08 -28.01 1.23
N ASN D 269 -18.03 -28.15 0.32
CA ASN D 269 -17.72 -28.73 -0.99
C ASN D 269 -17.51 -27.62 -2.03
N HIS D 270 -16.89 -27.99 -3.14
CA HIS D 270 -16.60 -27.06 -4.21
C HIS D 270 -17.82 -26.29 -4.74
N ASN D 271 -19.00 -26.84 -4.54
CA ASN D 271 -20.22 -26.22 -5.03
C ASN D 271 -21.23 -25.90 -3.92
N GLY D 272 -20.72 -25.70 -2.72
CA GLY D 272 -21.62 -25.38 -1.64
C GLY D 272 -21.33 -26.07 -0.32
N ILE D 273 -22.02 -25.60 0.70
CA ILE D 273 -21.91 -26.13 2.04
C ILE D 273 -22.98 -27.21 2.20
N THR D 274 -22.67 -28.25 2.98
CA THR D 274 -23.64 -29.31 3.24
C THR D 274 -23.63 -29.76 4.65
N CYS D 275 -24.68 -30.51 4.94
CA CYS D 275 -24.91 -31.09 6.23
C CYS D 275 -25.11 -32.55 5.87
N GLU D 276 -24.56 -33.44 6.68
CA GLU D 276 -24.68 -34.87 6.43
C GLU D 276 -25.22 -35.55 7.65
N LEU D 277 -26.54 -35.64 7.73
CA LEU D 277 -27.21 -36.27 8.85
C LEU D 277 -27.11 -37.78 8.79
N SER D 278 -26.81 -38.40 9.93
CA SER D 278 -26.68 -39.85 10.03
C SER D 278 -28.01 -40.51 10.29
N GLU D 279 -28.14 -41.78 9.89
CA GLU D 279 -29.38 -42.50 10.12
C GLU D 279 -29.57 -42.79 11.61
N ASN D 280 -28.48 -42.73 12.38
CA ASN D 280 -28.53 -42.98 13.83
C ASN D 280 -28.91 -41.73 14.65
N LEU D 281 -29.11 -40.59 13.98
CA LEU D 281 -29.38 -39.35 14.70
C LEU D 281 -30.59 -39.36 15.58
N PRO D 282 -31.77 -39.64 15.02
CA PRO D 282 -32.96 -39.64 15.87
C PRO D 282 -32.80 -40.49 17.14
N GLY D 283 -32.14 -41.65 17.00
CA GLY D 283 -31.90 -42.51 18.15
C GLY D 283 -31.00 -41.84 19.16
N TYR D 284 -29.96 -41.16 18.67
CA TYR D 284 -29.06 -40.44 19.56
C TYR D 284 -29.93 -39.48 20.36
N ILE D 285 -30.76 -38.75 19.63
CA ILE D 285 -31.65 -37.78 20.25
C ILE D 285 -32.55 -38.45 21.30
N PHE D 286 -33.16 -39.58 20.93
CA PHE D 286 -34.05 -40.27 21.86
C PHE D 286 -33.40 -40.62 23.18
N SER D 287 -32.20 -41.18 23.14
CA SER D 287 -31.55 -41.55 24.39
C SER D 287 -30.61 -40.50 24.94
N GLY D 288 -30.53 -39.35 24.29
CA GLY D 288 -29.65 -38.29 24.77
C GLY D 288 -30.34 -37.12 25.46
N VAL D 289 -31.47 -36.69 24.92
CA VAL D 289 -32.19 -35.57 25.50
C VAL D 289 -32.54 -35.76 26.97
N ALA D 290 -33.44 -36.71 27.23
CA ALA D 290 -33.90 -37.00 28.59
C ALA D 290 -32.84 -36.97 29.71
N PRO D 291 -31.78 -37.77 29.58
CA PRO D 291 -30.77 -37.74 30.64
C PRO D 291 -30.16 -36.38 30.96
N VAL D 292 -29.91 -35.57 29.93
CA VAL D 292 -29.34 -34.23 30.11
C VAL D 292 -30.37 -33.34 30.81
N VAL D 293 -31.46 -33.06 30.09
CA VAL D 293 -32.54 -32.24 30.61
C VAL D 293 -32.86 -32.55 32.08
N THR D 294 -33.04 -33.82 32.38
CA THR D 294 -33.36 -34.27 33.73
C THR D 294 -32.35 -33.84 34.79
N GLU D 295 -31.06 -34.01 34.50
CA GLU D 295 -30.04 -33.59 35.45
C GLU D 295 -30.08 -32.08 35.60
N MET D 296 -30.04 -31.40 34.46
CA MET D 296 -30.09 -29.95 34.45
C MET D 296 -31.25 -29.48 35.31
N LEU D 297 -32.44 -30.04 35.10
CA LEU D 297 -33.59 -29.63 35.87
C LEU D 297 -33.40 -29.92 37.36
N TRP D 298 -32.93 -31.13 37.66
CA TRP D 298 -32.69 -31.55 39.03
C TRP D 298 -31.73 -30.59 39.73
N ASP D 299 -30.80 -30.03 38.96
CA ASP D 299 -29.83 -29.10 39.53
C ASP D 299 -30.48 -27.76 39.77
N ASN D 300 -31.71 -27.60 39.30
CA ASN D 300 -32.43 -26.35 39.49
C ASN D 300 -33.72 -26.56 40.26
N GLY D 301 -33.79 -27.69 40.97
CA GLY D 301 -34.97 -28.01 41.76
C GLY D 301 -36.24 -28.20 40.93
N LEU D 302 -36.08 -28.68 39.70
CA LEU D 302 -37.23 -28.89 38.82
C LEU D 302 -37.34 -30.30 38.23
N GLN D 303 -38.52 -30.58 37.66
CA GLN D 303 -38.82 -31.87 37.03
C GLN D 303 -39.44 -31.59 35.68
N ILE D 304 -39.35 -32.55 34.77
CA ILE D 304 -39.93 -32.40 33.46
C ILE D 304 -41.38 -31.96 33.57
N SER D 305 -42.04 -32.48 34.60
CA SER D 305 -43.45 -32.17 34.85
C SER D 305 -43.71 -30.74 35.32
N ASP D 306 -42.64 -29.97 35.53
CA ASP D 306 -42.76 -28.57 35.99
C ASP D 306 -42.69 -27.55 34.86
N ILE D 307 -42.03 -27.92 33.76
CA ILE D 307 -41.88 -27.01 32.64
C ILE D 307 -43.18 -26.66 31.94
N ASP D 308 -43.35 -25.40 31.55
CA ASP D 308 -44.57 -24.95 30.87
C ASP D 308 -44.38 -24.96 29.37
N LEU D 309 -43.18 -24.56 28.95
CA LEU D 309 -42.85 -24.44 27.53
C LEU D 309 -41.68 -25.32 27.14
N TRP D 310 -41.72 -25.88 25.94
CA TRP D 310 -40.64 -26.70 25.46
C TRP D 310 -40.26 -26.24 24.07
N ALA D 311 -39.24 -25.38 24.01
CA ALA D 311 -38.77 -24.88 22.73
C ALA D 311 -37.83 -25.93 22.16
N ILE D 312 -38.43 -26.96 21.57
CA ILE D 312 -37.68 -28.04 20.95
C ILE D 312 -37.29 -27.53 19.57
N HIS D 313 -35.99 -27.58 19.26
CA HIS D 313 -35.56 -27.12 17.96
C HIS D 313 -36.28 -27.91 16.87
N PRO D 314 -37.00 -27.21 15.99
CA PRO D 314 -37.72 -27.92 14.93
C PRO D 314 -36.76 -28.26 13.80
N GLY D 315 -35.83 -29.16 14.06
CA GLY D 315 -34.87 -29.55 13.04
C GLY D 315 -35.39 -30.52 11.99
N GLY D 316 -36.61 -30.99 12.19
CA GLY D 316 -37.21 -31.92 11.28
C GLY D 316 -38.20 -32.72 12.10
N PRO D 317 -39.14 -33.43 11.44
CA PRO D 317 -40.15 -34.24 12.13
C PRO D 317 -39.61 -35.25 13.13
N LYS D 318 -38.54 -35.94 12.78
CA LYS D 318 -38.01 -36.92 13.71
C LYS D 318 -37.33 -36.22 14.88
N ILE D 319 -36.63 -35.12 14.60
CA ILE D 319 -35.94 -34.40 15.67
C ILE D 319 -36.96 -34.01 16.74
N ILE D 320 -38.09 -33.48 16.30
CA ILE D 320 -39.12 -33.07 17.24
C ILE D 320 -39.78 -34.28 17.85
N GLU D 321 -39.98 -35.30 17.01
CA GLU D 321 -40.59 -36.56 17.43
C GLU D 321 -39.85 -37.20 18.61
N GLN D 322 -38.59 -37.55 18.37
CA GLN D 322 -37.77 -38.21 19.39
C GLN D 322 -37.48 -37.38 20.62
N SER D 323 -37.49 -36.06 20.48
CA SER D 323 -37.25 -35.21 21.63
C SER D 323 -38.46 -35.35 22.54
N VAL D 324 -39.63 -35.20 21.94
CA VAL D 324 -40.87 -35.31 22.69
C VAL D 324 -40.90 -36.66 23.38
N ARG D 325 -40.69 -37.71 22.59
CA ARG D 325 -40.72 -39.08 23.10
C ARG D 325 -39.67 -39.33 24.18
N SER D 326 -38.48 -38.76 24.05
CA SER D 326 -37.45 -38.95 25.04
C SER D 326 -37.89 -38.35 26.39
N LEU D 327 -38.57 -37.21 26.34
CA LEU D 327 -39.02 -36.52 27.54
C LEU D 327 -40.30 -37.09 28.14
N GLY D 328 -41.04 -37.84 27.31
CA GLY D 328 -42.28 -38.43 27.77
C GLY D 328 -43.32 -37.38 28.12
N ILE D 329 -43.44 -36.37 27.27
CA ILE D 329 -44.40 -35.31 27.48
C ILE D 329 -45.50 -35.37 26.44
N SER D 330 -46.59 -34.63 26.70
CA SER D 330 -47.70 -34.60 25.77
C SER D 330 -47.24 -34.08 24.42
N ALA D 331 -47.64 -34.77 23.37
CA ALA D 331 -47.27 -34.41 22.01
C ALA D 331 -47.54 -32.93 21.73
N GLU D 332 -48.56 -32.41 22.40
CA GLU D 332 -48.98 -31.02 22.24
C GLU D 332 -47.99 -29.99 22.75
N LEU D 333 -47.21 -30.35 23.76
CA LEU D 333 -46.23 -29.42 24.31
C LEU D 333 -45.22 -28.96 23.26
N ALA D 334 -45.20 -29.67 22.12
CA ALA D 334 -44.29 -29.38 21.01
C ALA D 334 -45.01 -28.69 19.86
N ALA D 335 -46.08 -27.97 20.18
CA ALA D 335 -46.87 -27.26 19.18
C ALA D 335 -46.06 -26.14 18.53
N GLN D 336 -45.56 -25.22 19.35
CA GLN D 336 -44.77 -24.11 18.85
C GLN D 336 -43.67 -24.59 17.89
N SER D 337 -43.00 -25.68 18.25
CA SER D 337 -41.95 -26.21 17.40
C SER D 337 -42.51 -26.66 16.07
N TRP D 338 -43.46 -27.59 16.13
CA TRP D 338 -44.08 -28.13 14.92
C TRP D 338 -44.53 -27.01 13.99
N ASP D 339 -45.13 -25.97 14.56
CA ASP D 339 -45.62 -24.85 13.77
C ASP D 339 -44.51 -24.14 13.01
N VAL D 340 -43.42 -23.84 13.70
CA VAL D 340 -42.30 -23.18 13.07
C VAL D 340 -41.75 -24.07 11.96
N LEU D 341 -41.67 -25.37 12.24
CA LEU D 341 -41.19 -26.31 11.25
C LEU D 341 -42.12 -26.32 10.03
N ALA D 342 -43.42 -26.20 10.31
CA ALA D 342 -44.43 -26.20 9.26
C ALA D 342 -44.35 -24.99 8.35
N ARG D 343 -44.15 -23.81 8.95
CA ARG D 343 -44.11 -22.57 8.19
C ARG D 343 -42.77 -22.13 7.62
N PHE D 344 -41.67 -22.45 8.29
CA PHE D 344 -40.36 -22.02 7.83
C PHE D 344 -39.35 -23.11 7.57
N GLY D 345 -39.69 -24.35 7.88
CA GLY D 345 -38.75 -25.44 7.67
C GLY D 345 -37.62 -25.24 8.66
N ASN D 346 -36.51 -25.93 8.45
CA ASN D 346 -35.36 -25.83 9.34
C ASN D 346 -34.47 -24.66 8.88
N MET D 347 -34.30 -23.66 9.76
CA MET D 347 -33.48 -22.50 9.48
C MET D 347 -32.30 -22.53 10.45
N LEU D 348 -31.79 -23.73 10.70
CA LEU D 348 -30.68 -23.97 11.63
C LEU D 348 -30.75 -23.22 12.97
N SER D 349 -29.70 -22.47 13.32
CA SER D 349 -29.68 -21.74 14.60
C SER D 349 -30.84 -20.76 14.76
N VAL D 350 -31.34 -20.27 13.63
CA VAL D 350 -32.42 -19.32 13.60
C VAL D 350 -33.73 -19.88 14.19
N SER D 351 -34.10 -21.07 13.74
CA SER D 351 -35.34 -21.73 14.18
C SER D 351 -35.64 -21.65 15.66
N LEU D 352 -34.64 -21.93 16.49
CA LEU D 352 -34.84 -21.87 17.93
C LEU D 352 -35.34 -20.52 18.42
N ILE D 353 -34.99 -19.44 17.73
CA ILE D 353 -35.47 -18.12 18.17
C ILE D 353 -36.89 -17.79 17.68
N PHE D 354 -37.27 -18.34 16.54
CA PHE D 354 -38.63 -18.12 16.05
C PHE D 354 -39.54 -18.72 17.10
N VAL D 355 -39.26 -19.98 17.47
CA VAL D 355 -40.06 -20.67 18.49
C VAL D 355 -40.21 -19.83 19.75
N LEU D 356 -39.08 -19.40 20.30
CA LEU D 356 -39.08 -18.59 21.51
C LEU D 356 -39.99 -17.37 21.32
N GLU D 357 -39.90 -16.74 20.16
CA GLU D 357 -40.73 -15.57 19.89
C GLU D 357 -42.22 -15.90 20.01
N THR D 358 -42.62 -17.06 19.47
CA THR D 358 -44.01 -17.48 19.53
C THR D 358 -44.41 -17.61 20.99
N MET D 359 -43.52 -18.21 21.78
CA MET D 359 -43.78 -18.40 23.19
C MET D 359 -43.85 -17.07 23.93
N VAL D 360 -43.14 -16.08 23.41
CA VAL D 360 -43.18 -14.76 24.03
C VAL D 360 -44.47 -14.05 23.63
N GLN D 361 -44.78 -14.07 22.33
CA GLN D 361 -45.98 -13.42 21.83
C GLN D 361 -47.27 -14.01 22.37
N GLN D 362 -47.37 -15.34 22.44
CA GLN D 362 -48.58 -15.96 22.95
C GLN D 362 -48.40 -16.88 24.16
N ALA D 363 -48.93 -16.45 25.31
CA ALA D 363 -48.83 -17.21 26.57
C ALA D 363 -49.57 -18.55 26.51
N GLU D 364 -49.07 -19.53 27.26
CA GLU D 364 -49.66 -20.86 27.27
C GLU D 364 -50.47 -21.14 28.52
N SER D 365 -50.74 -20.10 29.31
CA SER D 365 -51.51 -20.27 30.54
C SER D 365 -51.63 -18.95 31.27
N ALA D 366 -52.46 -18.93 32.30
CA ALA D 366 -52.69 -17.71 33.07
C ALA D 366 -51.71 -17.44 34.20
N LYS D 367 -50.52 -18.03 34.17
CA LYS D 367 -49.59 -17.78 35.25
C LYS D 367 -48.62 -16.63 35.01
N ALA D 368 -48.28 -15.91 36.08
CA ALA D 368 -47.32 -14.83 35.99
C ALA D 368 -46.03 -15.63 35.94
N ILE D 369 -45.24 -15.43 34.88
CA ILE D 369 -43.98 -16.16 34.70
C ILE D 369 -44.15 -17.60 34.21
N SER D 370 -43.69 -17.85 32.99
CA SER D 370 -43.77 -19.17 32.38
C SER D 370 -42.38 -19.81 32.31
N THR D 371 -42.20 -20.96 32.95
CA THR D 371 -40.91 -21.62 32.92
C THR D 371 -40.79 -22.58 31.74
N GLY D 372 -39.76 -22.38 30.92
CA GLY D 372 -39.56 -23.23 29.77
C GLY D 372 -38.11 -23.69 29.61
N VAL D 373 -37.95 -24.74 28.83
CA VAL D 373 -36.63 -25.30 28.53
C VAL D 373 -36.49 -25.30 27.01
N ALA D 374 -35.29 -24.95 26.53
CA ALA D 374 -35.01 -24.92 25.09
C ALA D 374 -33.76 -25.69 24.84
N PHE D 375 -33.68 -26.29 23.65
CA PHE D 375 -32.49 -27.04 23.25
C PHE D 375 -32.50 -27.45 21.77
N ALA D 376 -31.30 -27.54 21.20
CA ALA D 376 -31.12 -27.93 19.81
C ALA D 376 -29.93 -28.87 19.81
N PHE D 377 -29.61 -29.42 18.64
CA PHE D 377 -28.51 -30.33 18.59
C PHE D 377 -27.49 -29.85 17.59
N GLY D 378 -26.22 -29.93 17.98
CA GLY D 378 -25.15 -29.51 17.10
C GLY D 378 -24.16 -30.63 16.84
N PRO D 379 -23.15 -30.38 15.98
CA PRO D 379 -22.12 -31.34 15.62
C PRO D 379 -21.48 -32.09 16.78
N GLY D 380 -20.90 -33.25 16.46
CA GLY D 380 -20.26 -34.11 17.44
C GLY D 380 -21.39 -34.79 18.17
N VAL D 381 -22.53 -34.12 18.03
CA VAL D 381 -23.82 -34.40 18.61
C VAL D 381 -23.72 -33.93 20.03
N THR D 382 -23.95 -32.62 20.13
CA THR D 382 -23.90 -31.89 21.37
C THR D 382 -25.27 -31.34 21.58
N VAL D 383 -25.82 -31.59 22.77
CA VAL D 383 -27.11 -31.07 23.12
C VAL D 383 -26.81 -29.76 23.81
N GLU D 384 -27.36 -28.67 23.27
CA GLU D 384 -27.18 -27.33 23.83
C GLU D 384 -28.57 -26.76 24.08
N GLY D 385 -28.77 -26.14 25.23
CA GLY D 385 -30.07 -25.59 25.54
C GLY D 385 -30.01 -24.60 26.69
N MET D 386 -31.17 -24.31 27.28
CA MET D 386 -31.22 -23.37 28.39
C MET D 386 -32.50 -23.44 29.22
N LEU D 387 -32.40 -23.00 30.47
CA LEU D 387 -33.55 -22.91 31.35
C LEU D 387 -33.91 -21.42 31.28
N PHE D 388 -35.19 -21.12 31.11
CA PHE D 388 -35.59 -19.74 31.01
C PHE D 388 -36.99 -19.48 31.53
N ASP D 389 -37.21 -18.21 31.90
CA ASP D 389 -38.50 -17.75 32.37
C ASP D 389 -38.98 -16.67 31.42
N ILE D 390 -40.28 -16.64 31.17
CA ILE D 390 -40.86 -15.61 30.34
C ILE D 390 -41.75 -14.83 31.30
N ILE D 391 -41.44 -13.56 31.52
CA ILE D 391 -42.24 -12.76 32.44
C ILE D 391 -43.57 -12.43 31.74
N ARG D 392 -44.68 -12.73 32.42
CA ARG D 392 -46.00 -12.47 31.87
C ARG D 392 -46.73 -11.35 32.62
N ARG D 393 -46.50 -11.25 33.93
CA ARG D 393 -47.14 -10.22 34.75
C ARG D 393 -46.35 -9.88 36.01
#